data_6XGT
#
_entry.id   6XGT
#
_cell.length_a   75.368
_cell.length_b   157.639
_cell.length_c   163.871
_cell.angle_alpha   90.00
_cell.angle_beta   90.00
_cell.angle_gamma   90.00
#
_symmetry.space_group_name_H-M   'P 21 21 21'
#
loop_
_entity.id
_entity.type
_entity.pdbx_description
1 polymer 'Cyanate hydratase'
2 non-polymer 'FORMIC ACID'
3 non-polymer 'MALONATE ION'
4 water water
#
_entity_poly.entity_id   1
_entity_poly.type   'polypeptide(L)'
_entity_poly.pdbx_seq_one_letter_code
;MGSSHHHHHHSSGLVPRGSHMADIATLDVTQHPYLPAYSKTLFEAKAAKKLTFEEIAKKIGRNEVATAALFYGQAKASPE
DIKNLSSVLGIPVAVLESQMSGFPDRGRSVEMPPKEPLIYRLYEIVQNYGYAYKAVLNEKFGDGIMSAISFSTSVDKETD
KDGNNWAVITLRGKWLPYSRF
;
_entity_poly.pdbx_strand_id   E,F,G,H,B,A,D,I,J,C
#
# COMPACT_ATOMS: atom_id res chain seq x y z
N ASP A 23 14.87 -35.49 -7.45
CA ASP A 23 14.54 -34.05 -7.68
C ASP A 23 14.40 -33.19 -6.40
N ILE A 24 15.45 -32.41 -6.12
CA ILE A 24 15.69 -31.83 -4.81
C ILE A 24 15.49 -30.32 -4.85
N ALA A 25 15.10 -29.75 -3.72
CA ALA A 25 14.94 -28.33 -3.60
C ALA A 25 16.30 -27.65 -3.66
N THR A 26 16.37 -26.61 -4.46
CA THR A 26 17.55 -25.75 -4.62
C THR A 26 17.17 -24.27 -4.46
N LEU A 27 18.20 -23.42 -4.43
CA LEU A 27 18.03 -21.98 -4.24
C LEU A 27 18.79 -21.24 -5.34
N ASP A 28 18.12 -20.27 -5.93
CA ASP A 28 18.73 -19.33 -6.83
C ASP A 28 18.51 -17.91 -6.29
N VAL A 29 19.52 -17.37 -5.61
CA VAL A 29 19.41 -16.03 -5.00
C VAL A 29 19.23 -14.87 -5.99
N THR A 30 19.45 -15.08 -7.28
CA THR A 30 19.08 -14.06 -8.30
C THR A 30 17.59 -13.69 -8.18
N GLN A 31 16.76 -14.70 -7.82
CA GLN A 31 15.34 -14.48 -7.76
C GLN A 31 14.81 -14.39 -6.33
N HIS A 32 15.66 -14.56 -5.34
CA HIS A 32 15.26 -14.69 -3.97
C HIS A 32 16.19 -13.85 -3.11
N PRO A 33 15.92 -12.57 -3.01
CA PRO A 33 16.77 -11.66 -2.25
C PRO A 33 16.49 -11.67 -0.77
N TYR A 34 17.39 -11.02 -0.05
CA TYR A 34 17.31 -10.80 1.38
C TYR A 34 17.39 -12.01 2.31
N LEU A 35 17.87 -13.09 1.77
CA LEU A 35 18.17 -14.22 2.57
C LEU A 35 19.61 -14.04 3.10
N PRO A 36 19.93 -14.68 4.22
CA PRO A 36 21.31 -14.62 4.72
C PRO A 36 22.34 -15.28 3.75
N ALA A 37 23.55 -14.79 3.80
CA ALA A 37 24.63 -15.32 3.00
C ALA A 37 24.76 -16.84 3.11
N TYR A 38 24.59 -17.37 4.29
CA TYR A 38 24.67 -18.82 4.49
C TYR A 38 23.60 -19.65 3.80
N SER A 39 22.45 -19.05 3.43
CA SER A 39 21.45 -19.73 2.67
C SER A 39 22.04 -20.23 1.33
N LYS A 40 22.75 -19.35 0.66
CA LYS A 40 23.44 -19.69 -0.56
C LYS A 40 24.48 -20.78 -0.32
N THR A 41 25.32 -20.60 0.70
CA THR A 41 26.39 -21.55 1.02
C THR A 41 25.83 -22.96 1.28
N LEU A 42 24.85 -23.04 2.15
CA LEU A 42 24.18 -24.31 2.42
C LEU A 42 23.46 -24.94 1.21
N PHE A 43 22.67 -24.16 0.49
CA PHE A 43 21.94 -24.67 -0.64
C PHE A 43 22.86 -25.12 -1.78
N GLU A 44 23.96 -24.40 -2.00
CA GLU A 44 24.91 -24.79 -3.00
C GLU A 44 25.55 -26.13 -2.66
N ALA A 45 25.86 -26.38 -1.40
CA ALA A 45 26.44 -27.65 -1.01
C ALA A 45 25.37 -28.73 -1.12
N LYS A 46 24.13 -28.38 -0.75
CA LYS A 46 23.01 -29.33 -0.88
C LYS A 46 22.80 -29.78 -2.34
N ALA A 47 22.92 -28.87 -3.26
CA ALA A 47 22.76 -29.13 -4.65
C ALA A 47 23.91 -29.96 -5.21
N ALA A 48 25.12 -29.70 -4.76
CA ALA A 48 26.27 -30.42 -5.21
C ALA A 48 26.19 -31.88 -4.80
N LYS A 49 25.79 -32.14 -3.57
CA LYS A 49 25.68 -33.46 -3.07
C LYS A 49 24.36 -34.12 -3.34
N LYS A 50 23.47 -33.43 -4.01
CA LYS A 50 22.13 -33.94 -4.29
C LYS A 50 21.40 -34.55 -3.10
N LEU A 51 21.42 -33.86 -1.98
CA LEU A 51 20.77 -34.31 -0.80
C LEU A 51 19.36 -33.73 -0.70
N THR A 52 18.47 -34.53 -0.18
CA THR A 52 17.12 -34.08 0.14
C THR A 52 17.17 -33.50 1.59
N PHE A 53 16.15 -32.73 1.96
CA PHE A 53 16.05 -32.24 3.31
C PHE A 53 15.78 -33.38 4.31
N GLU A 54 15.10 -34.43 3.87
CA GLU A 54 14.91 -35.60 4.72
C GLU A 54 16.27 -36.16 5.19
N GLU A 55 17.18 -36.34 4.25
CA GLU A 55 18.52 -36.87 4.61
C GLU A 55 19.26 -35.93 5.52
N ILE A 56 19.31 -34.63 5.20
CA ILE A 56 19.99 -33.65 6.04
C ILE A 56 19.33 -33.62 7.42
N ALA A 57 18.01 -33.69 7.45
CA ALA A 57 17.29 -33.56 8.70
C ALA A 57 17.69 -34.67 9.65
N LYS A 58 17.75 -35.87 9.09
CA LYS A 58 18.11 -37.07 9.78
C LYS A 58 19.48 -36.91 10.35
N LYS A 59 20.36 -36.36 9.55
CA LYS A 59 21.69 -36.16 9.95
C LYS A 59 21.85 -35.15 11.07
N ILE A 60 21.04 -34.12 11.14
CA ILE A 60 21.17 -33.15 12.19
C ILE A 60 20.23 -33.37 13.35
N GLY A 61 19.37 -34.34 13.24
CA GLY A 61 18.46 -34.56 14.32
C GLY A 61 17.43 -33.50 14.53
N ARG A 62 16.93 -32.95 13.45
CA ARG A 62 15.84 -32.00 13.47
C ARG A 62 14.84 -32.42 12.44
N ASN A 63 13.60 -32.00 12.59
CA ASN A 63 12.62 -32.35 11.56
C ASN A 63 12.87 -31.69 10.21
N GLU A 64 12.33 -32.27 9.18
CA GLU A 64 12.48 -31.78 7.82
C GLU A 64 12.12 -30.33 7.60
N VAL A 65 10.96 -29.91 8.05
CA VAL A 65 10.52 -28.54 7.93
C VAL A 65 11.44 -27.58 8.66
N ALA A 66 11.86 -27.94 9.83
CA ALA A 66 12.75 -27.09 10.61
C ALA A 66 14.11 -26.98 9.94
N THR A 67 14.52 -28.05 9.29
CA THR A 67 15.82 -28.08 8.66
C THR A 67 15.74 -27.19 7.40
N ALA A 68 14.70 -27.35 6.60
CA ALA A 68 14.50 -26.41 5.51
C ALA A 68 14.33 -24.96 6.00
N ALA A 69 13.60 -24.74 7.12
CA ALA A 69 13.44 -23.38 7.61
C ALA A 69 14.79 -22.76 7.93
N LEU A 70 15.66 -23.55 8.55
CA LEU A 70 17.07 -23.15 8.81
C LEU A 70 17.83 -22.74 7.54
N PHE A 71 17.67 -23.49 6.45
CA PHE A 71 18.35 -23.16 5.22
C PHE A 71 17.86 -21.79 4.66
N TYR A 72 16.61 -21.42 4.93
CA TYR A 72 16.02 -20.16 4.42
C TYR A 72 16.23 -19.02 5.45
N GLY A 73 17.01 -19.24 6.50
CA GLY A 73 17.34 -18.16 7.45
C GLY A 73 16.34 -17.95 8.59
N GLN A 74 15.39 -18.87 8.69
CA GLN A 74 14.23 -18.81 9.55
C GLN A 74 14.32 -19.67 10.81
N ALA A 75 15.55 -20.07 11.18
CA ALA A 75 15.84 -20.84 12.37
C ALA A 75 17.29 -20.73 12.67
N LYS A 76 17.63 -21.17 13.88
CA LYS A 76 18.97 -20.98 14.40
C LYS A 76 19.66 -22.31 14.52
N ALA A 77 20.90 -22.36 14.07
CA ALA A 77 21.70 -23.60 14.14
C ALA A 77 22.38 -23.67 15.48
N SER A 78 22.17 -24.77 16.22
CA SER A 78 22.94 -25.00 17.45
C SER A 78 24.37 -25.34 17.09
N PRO A 79 25.28 -25.32 18.06
CA PRO A 79 26.66 -25.72 17.70
C PRO A 79 26.75 -27.14 17.12
N GLU A 80 25.94 -28.05 17.66
CA GLU A 80 25.89 -29.40 17.12
C GLU A 80 25.40 -29.39 15.65
N ASP A 81 24.33 -28.60 15.35
CA ASP A 81 23.85 -28.45 13.98
C ASP A 81 24.96 -28.00 13.03
N ILE A 82 25.77 -27.07 13.51
CA ILE A 82 26.83 -26.52 12.71
C ILE A 82 27.89 -27.59 12.32
N LYS A 83 28.25 -28.42 13.29
CA LYS A 83 29.18 -29.55 13.09
C LYS A 83 28.56 -30.63 12.24
N ASN A 84 27.32 -30.97 12.53
CA ASN A 84 26.61 -31.90 11.68
C ASN A 84 26.38 -31.45 10.22
N LEU A 85 26.12 -30.16 9.99
CA LEU A 85 25.95 -29.64 8.62
C LEU A 85 27.29 -29.61 7.88
N SER A 86 28.35 -29.25 8.59
CA SER A 86 29.68 -29.18 8.03
C SER A 86 30.04 -30.55 7.49
N SER A 87 29.87 -31.54 8.35
CA SER A 87 30.05 -32.93 7.95
C SER A 87 29.19 -33.40 6.72
N VAL A 88 27.86 -33.32 6.77
CA VAL A 88 27.07 -33.87 5.67
C VAL A 88 27.13 -33.06 4.39
N LEU A 89 27.39 -31.76 4.50
CA LEU A 89 27.42 -30.88 3.32
C LEU A 89 28.85 -30.67 2.79
N GLY A 90 29.84 -31.03 3.61
CA GLY A 90 31.24 -30.85 3.19
C GLY A 90 31.65 -29.38 3.19
N ILE A 91 31.17 -28.60 4.16
CA ILE A 91 31.55 -27.18 4.29
C ILE A 91 32.46 -27.14 5.51
N PRO A 92 33.57 -26.43 5.40
CA PRO A 92 34.40 -26.39 6.62
C PRO A 92 33.67 -25.65 7.79
N VAL A 93 33.73 -26.27 8.95
CA VAL A 93 33.11 -25.76 10.14
C VAL A 93 33.32 -24.26 10.36
N ALA A 94 34.51 -23.71 10.12
CA ALA A 94 34.77 -22.27 10.38
C ALA A 94 33.96 -21.40 9.44
N VAL A 95 33.68 -21.90 8.25
CA VAL A 95 32.85 -21.14 7.30
C VAL A 95 31.41 -21.02 7.84
N LEU A 96 30.84 -22.13 8.32
CA LEU A 96 29.51 -22.08 8.95
C LEU A 96 29.46 -21.31 10.28
N GLU A 97 30.49 -21.46 11.11
CA GLU A 97 30.55 -20.77 12.40
C GLU A 97 30.54 -19.27 12.14
N SER A 98 31.19 -18.79 11.09
CA SER A 98 31.21 -17.34 10.87
C SER A 98 29.97 -16.85 10.09
N GLN A 99 29.45 -17.59 9.12
CA GLN A 99 28.22 -17.15 8.47
C GLN A 99 26.91 -17.38 9.23
N MET A 100 26.87 -18.42 10.09
CA MET A 100 25.70 -18.79 10.85
C MET A 100 25.69 -18.32 12.30
N SER A 101 26.56 -17.37 12.63
CA SER A 101 26.65 -16.79 13.97
C SER A 101 25.44 -15.85 14.22
N GLY A 102 25.30 -15.45 15.47
CA GLY A 102 24.22 -14.60 15.94
C GLY A 102 22.85 -15.22 15.81
N PHE A 103 21.89 -14.38 15.66
CA PHE A 103 20.54 -14.82 15.72
C PHE A 103 19.77 -14.55 14.45
N PRO A 104 18.85 -15.44 14.15
CA PRO A 104 18.02 -15.29 12.97
C PRO A 104 17.18 -14.00 12.99
N ASP A 105 17.04 -13.41 11.84
CA ASP A 105 16.27 -12.22 11.59
C ASP A 105 15.16 -12.66 10.66
N ARG A 106 14.24 -13.40 11.23
CA ARG A 106 13.11 -14.01 10.56
C ARG A 106 12.09 -13.11 9.87
N GLY A 107 11.47 -13.65 8.85
CA GLY A 107 10.40 -13.01 8.14
C GLY A 107 10.64 -12.33 6.83
N ARG A 108 11.87 -12.33 6.37
CA ARG A 108 12.14 -11.68 5.11
C ARG A 108 12.00 -12.61 3.90
N SER A 109 11.84 -13.93 4.07
CA SER A 109 11.89 -14.90 2.93
C SER A 109 10.65 -14.87 2.06
N VAL A 110 9.51 -14.52 2.67
CA VAL A 110 8.22 -14.45 1.99
C VAL A 110 7.73 -13.02 1.87
N GLU A 111 7.66 -12.48 0.67
CA GLU A 111 7.03 -11.17 0.52
C GLU A 111 5.48 -11.27 0.48
N MET A 112 4.82 -10.54 1.36
CA MET A 112 3.39 -10.68 1.53
C MET A 112 2.70 -9.60 0.72
N PRO A 113 1.54 -9.93 0.16
CA PRO A 113 0.97 -11.27 0.15
C PRO A 113 1.81 -12.22 -0.73
N PRO A 114 1.83 -13.49 -0.46
CA PRO A 114 2.67 -14.40 -1.25
C PRO A 114 2.27 -14.57 -2.73
N LYS A 115 3.22 -14.51 -3.65
CA LYS A 115 2.88 -14.73 -5.06
C LYS A 115 3.05 -16.20 -5.45
N GLU A 116 3.96 -16.91 -4.81
CA GLU A 116 4.19 -18.33 -5.06
C GLU A 116 2.89 -19.12 -4.75
N PRO A 117 2.33 -19.84 -5.71
CA PRO A 117 1.01 -20.43 -5.56
C PRO A 117 0.84 -21.36 -4.39
N LEU A 118 1.84 -22.20 -4.13
CA LEU A 118 1.70 -23.15 -3.02
C LEU A 118 1.62 -22.39 -1.69
N ILE A 119 2.51 -21.42 -1.49
CA ILE A 119 2.51 -20.64 -0.25
C ILE A 119 1.24 -19.76 -0.23
N TYR A 120 0.79 -19.27 -1.39
CA TYR A 120 -0.46 -18.52 -1.41
C TYR A 120 -1.60 -19.32 -0.81
N ARG A 121 -1.68 -20.63 -1.08
CA ARG A 121 -2.81 -21.38 -0.57
C ARG A 121 -2.86 -21.42 0.94
N LEU A 122 -1.69 -21.37 1.56
CA LEU A 122 -1.53 -21.34 3.00
C LEU A 122 -2.06 -20.01 3.54
N TYR A 123 -1.75 -18.95 2.83
CA TYR A 123 -2.21 -17.64 3.15
C TYR A 123 -3.73 -17.57 3.02
N GLU A 124 -4.27 -18.18 1.97
CA GLU A 124 -5.68 -18.23 1.74
C GLU A 124 -6.42 -18.95 2.86
N ILE A 125 -5.83 -20.02 3.37
CA ILE A 125 -6.38 -20.75 4.45
C ILE A 125 -6.47 -19.84 5.67
N VAL A 126 -5.44 -19.03 5.92
CA VAL A 126 -5.48 -18.17 7.08
C VAL A 126 -6.66 -17.16 6.86
N GLN A 127 -6.76 -16.70 5.62
CA GLN A 127 -7.75 -15.70 5.27
C GLN A 127 -9.18 -16.26 5.48
N ASN A 128 -9.45 -17.45 5.01
CA ASN A 128 -10.80 -18.02 5.03
C ASN A 128 -11.18 -18.75 6.30
N TYR A 129 -10.19 -19.17 7.09
CA TYR A 129 -10.46 -19.86 8.34
C TYR A 129 -9.99 -19.12 9.60
N GLY A 130 -9.36 -17.96 9.45
CA GLY A 130 -8.83 -17.25 10.59
C GLY A 130 -9.80 -17.11 11.77
N TYR A 131 -10.94 -16.48 11.50
CA TYR A 131 -11.95 -16.26 12.54
C TYR A 131 -12.62 -17.55 12.98
N ALA A 132 -12.71 -18.54 12.08
CA ALA A 132 -13.22 -19.83 12.41
C ALA A 132 -12.31 -20.52 13.43
N TYR A 133 -11.01 -20.57 13.14
CA TYR A 133 -10.03 -21.10 14.04
C TYR A 133 -10.09 -20.28 15.35
N LYS A 134 -10.14 -18.98 15.27
CA LYS A 134 -10.19 -18.19 16.54
C LYS A 134 -11.43 -18.54 17.39
N ALA A 135 -12.59 -18.62 16.74
CA ALA A 135 -13.81 -18.98 17.45
C ALA A 135 -13.67 -20.34 18.12
N VAL A 136 -13.17 -21.33 17.42
CA VAL A 136 -13.07 -22.69 17.97
C VAL A 136 -12.05 -22.73 19.09
N LEU A 137 -10.93 -22.03 18.90
CA LEU A 137 -9.87 -22.02 19.88
C LEU A 137 -10.30 -21.33 21.13
N ASN A 138 -11.05 -20.28 20.96
CA ASN A 138 -11.51 -19.49 22.06
C ASN A 138 -12.50 -20.37 22.88
N GLU A 139 -13.40 -21.10 22.23
CA GLU A 139 -14.39 -21.88 23.02
C GLU A 139 -13.72 -23.13 23.68
N LYS A 140 -12.65 -23.66 23.07
CA LYS A 140 -11.84 -24.72 23.69
C LYS A 140 -10.86 -24.30 24.80
N PHE A 141 -10.28 -23.11 24.68
CA PHE A 141 -9.16 -22.70 25.49
C PHE A 141 -9.38 -21.36 26.21
N GLY A 142 -10.26 -20.51 25.69
CA GLY A 142 -10.44 -19.21 26.20
C GLY A 142 -9.71 -18.12 25.38
N ASP A 143 -9.53 -16.98 26.04
CA ASP A 143 -8.93 -15.80 25.50
C ASP A 143 -7.43 -16.00 25.52
N GLY A 144 -6.83 -16.06 24.32
CA GLY A 144 -5.39 -16.29 24.21
C GLY A 144 -4.97 -16.53 22.79
N ILE A 145 -3.78 -17.08 22.60
CA ILE A 145 -3.29 -17.40 21.26
C ILE A 145 -2.67 -18.78 21.31
N MET A 146 -2.50 -19.37 20.14
CA MET A 146 -1.63 -20.51 19.93
C MET A 146 -0.27 -19.93 19.59
N SER A 147 0.76 -20.35 20.32
CA SER A 147 2.10 -19.77 20.09
C SER A 147 2.65 -20.20 18.74
N ALA A 148 3.33 -19.27 18.05
CA ALA A 148 4.16 -19.54 16.89
C ALA A 148 5.66 -19.65 17.27
N ILE A 149 5.96 -19.54 18.55
CA ILE A 149 7.31 -19.53 19.07
C ILE A 149 7.59 -20.83 19.80
N SER A 150 6.77 -21.14 20.77
CA SER A 150 6.80 -22.38 21.50
C SER A 150 5.86 -23.22 20.61
N PHE A 151 6.45 -23.83 19.59
CA PHE A 151 5.78 -24.41 18.48
C PHE A 151 6.61 -25.36 17.62
N SER A 152 5.96 -26.32 17.01
CA SER A 152 6.55 -27.27 16.09
C SER A 152 5.54 -27.47 14.97
N THR A 153 6.02 -27.98 13.86
CA THR A 153 5.15 -28.22 12.73
C THR A 153 5.78 -29.30 11.90
N SER A 154 4.98 -30.03 11.11
CA SER A 154 5.51 -31.11 10.29
C SER A 154 4.69 -31.20 9.04
N VAL A 155 5.30 -31.82 8.02
CA VAL A 155 4.61 -32.14 6.77
C VAL A 155 4.61 -33.62 6.56
N ASP A 156 3.46 -34.20 6.27
CA ASP A 156 3.38 -35.60 5.88
C ASP A 156 2.68 -35.73 4.53
N LYS A 157 2.96 -36.84 3.87
CA LYS A 157 2.38 -37.25 2.62
C LYS A 157 1.55 -38.54 2.79
N GLU A 158 0.37 -38.52 2.24
CA GLU A 158 -0.58 -39.57 2.35
C GLU A 158 -1.32 -39.92 1.09
N THR A 159 -1.45 -41.21 0.84
CA THR A 159 -2.20 -41.70 -0.27
C THR A 159 -3.42 -42.44 0.27
N ASP A 160 -4.58 -42.12 -0.25
CA ASP A 160 -5.79 -42.77 0.15
C ASP A 160 -6.09 -44.01 -0.69
N LYS A 161 -7.18 -44.66 -0.40
CA LYS A 161 -7.57 -45.89 -1.09
C LYS A 161 -7.95 -45.76 -2.56
N ASP A 162 -8.28 -44.55 -2.99
CA ASP A 162 -8.61 -44.27 -4.33
C ASP A 162 -7.41 -43.81 -5.13
N GLY A 163 -6.23 -43.73 -4.53
CA GLY A 163 -5.06 -43.27 -5.21
C GLY A 163 -4.78 -41.77 -5.19
N ASN A 164 -5.57 -41.03 -4.47
CA ASN A 164 -5.35 -39.62 -4.28
C ASN A 164 -4.27 -39.31 -3.26
N ASN A 165 -3.46 -38.33 -3.57
CA ASN A 165 -2.41 -37.87 -2.69
C ASN A 165 -2.80 -36.64 -1.88
N TRP A 166 -2.40 -36.61 -0.64
CA TRP A 166 -2.74 -35.54 0.24
C TRP A 166 -1.57 -35.09 1.06
N ALA A 167 -1.50 -33.79 1.26
CA ALA A 167 -0.46 -33.22 2.12
C ALA A 167 -1.11 -32.96 3.45
N VAL A 168 -0.44 -33.31 4.53
CA VAL A 168 -0.98 -33.06 5.87
C VAL A 168 0.05 -32.20 6.55
N ILE A 169 -0.33 -30.95 6.86
CA ILE A 169 0.55 -30.04 7.59
C ILE A 169 -0.05 -29.94 8.98
N THR A 170 0.75 -30.16 9.99
CA THR A 170 0.33 -30.08 11.37
C THR A 170 1.01 -28.90 12.02
N LEU A 171 0.22 -28.06 12.71
CA LEU A 171 0.71 -26.98 13.52
C LEU A 171 0.42 -27.28 14.98
N ARG A 172 1.43 -27.21 15.86
CA ARG A 172 1.28 -27.53 17.27
C ARG A 172 1.96 -26.48 18.07
N GLY A 173 1.17 -25.62 18.69
CA GLY A 173 1.69 -24.52 19.43
C GLY A 173 1.07 -24.47 20.82
N LYS A 174 1.84 -23.95 21.76
CA LYS A 174 1.44 -23.86 23.11
C LYS A 174 0.31 -22.85 23.25
N TRP A 175 -0.73 -23.20 24.03
CA TRP A 175 -1.79 -22.23 24.32
C TRP A 175 -1.29 -21.22 25.35
N LEU A 176 -1.37 -19.92 25.05
CA LEU A 176 -0.96 -18.89 25.97
C LEU A 176 -2.19 -18.05 26.23
N PRO A 177 -2.71 -18.10 27.45
CA PRO A 177 -3.80 -17.20 27.89
C PRO A 177 -3.33 -15.78 28.00
N TYR A 178 -4.18 -14.79 27.72
CA TYR A 178 -3.86 -13.40 28.07
C TYR A 178 -3.74 -13.29 29.62
N SER A 179 -2.69 -12.60 30.09
CA SER A 179 -2.52 -12.28 31.48
C SER A 179 -3.77 -11.49 31.97
N ARG A 180 -3.90 -11.42 33.26
CA ARG A 180 -4.85 -10.51 33.87
C ARG A 180 -4.01 -9.53 34.72
N PHE A 181 -4.12 -8.26 34.45
CA PHE A 181 -3.43 -7.19 35.16
C PHE A 181 -4.39 -5.94 35.03
N ASP B 23 -18.10 -19.81 28.25
CA ASP B 23 -17.85 -18.60 27.43
C ASP B 23 -17.83 -18.84 25.91
N ILE B 24 -18.83 -18.33 25.24
CA ILE B 24 -19.09 -18.74 23.88
C ILE B 24 -18.63 -17.63 22.93
N ALA B 25 -18.32 -18.04 21.72
CA ALA B 25 -17.98 -17.10 20.65
C ALA B 25 -19.22 -16.33 20.17
N THR B 26 -19.03 -15.04 19.96
CA THR B 26 -20.08 -14.15 19.50
C THR B 26 -19.55 -13.18 18.45
N LEU B 27 -20.47 -12.41 17.89
CA LEU B 27 -20.14 -11.47 16.84
C LEU B 27 -20.76 -10.14 17.14
N ASP B 28 -19.97 -9.08 16.98
CA ASP B 28 -20.45 -7.73 16.98
C ASP B 28 -20.06 -7.10 15.65
N VAL B 29 -21.03 -6.95 14.74
CA VAL B 29 -20.73 -6.36 13.42
C VAL B 29 -20.34 -4.89 13.41
N THR B 30 -20.50 -4.16 14.52
CA THR B 30 -20.02 -2.79 14.64
C THR B 30 -18.52 -2.76 14.41
N GLN B 31 -17.83 -3.80 14.90
CA GLN B 31 -16.38 -3.91 14.78
C GLN B 31 -15.93 -4.82 13.64
N HIS B 32 -16.86 -5.52 12.98
CA HIS B 32 -16.51 -6.54 12.02
C HIS B 32 -17.37 -6.39 10.78
N PRO B 33 -16.95 -5.51 9.86
CA PRO B 33 -17.78 -5.19 8.72
C PRO B 33 -17.57 -6.18 7.55
N TYR B 34 -18.50 -6.13 6.60
CA TYR B 34 -18.37 -6.81 5.30
C TYR B 34 -18.58 -8.35 5.41
N LEU B 35 -19.18 -8.80 6.49
CA LEU B 35 -19.67 -10.18 6.51
C LEU B 35 -21.09 -10.20 5.91
N PRO B 36 -21.59 -11.39 5.55
CA PRO B 36 -22.97 -11.39 5.06
C PRO B 36 -23.99 -11.03 6.14
N ALA B 37 -25.19 -10.64 5.72
CA ALA B 37 -26.18 -10.27 6.69
C ALA B 37 -26.45 -11.55 7.55
N TYR B 38 -26.38 -12.72 6.94
CA TYR B 38 -26.65 -13.97 7.69
C TYR B 38 -25.73 -14.22 8.84
N SER B 39 -24.50 -13.67 8.81
CA SER B 39 -23.58 -13.80 9.90
C SER B 39 -24.13 -13.23 11.17
N LYS B 40 -24.67 -12.05 11.07
CA LYS B 40 -25.31 -11.45 12.24
C LYS B 40 -26.51 -12.30 12.66
N THR B 41 -27.33 -12.73 11.73
CA THR B 41 -28.59 -13.47 12.07
C THR B 41 -28.21 -14.79 12.77
N LEU B 42 -27.23 -15.50 12.25
CA LEU B 42 -26.76 -16.75 12.88
C LEU B 42 -26.12 -16.50 14.23
N PHE B 43 -25.25 -15.52 14.30
CA PHE B 43 -24.56 -15.29 15.60
C PHE B 43 -25.41 -14.74 16.73
N GLU B 44 -26.26 -13.78 16.42
CA GLU B 44 -27.27 -13.25 17.35
C GLU B 44 -28.05 -14.41 17.98
N ALA B 45 -28.42 -15.39 17.18
CA ALA B 45 -29.21 -16.52 17.65
C ALA B 45 -28.34 -17.47 18.42
N LYS B 46 -27.08 -17.64 18.00
CA LYS B 46 -26.13 -18.46 18.81
C LYS B 46 -25.93 -17.84 20.21
N ALA B 47 -25.75 -16.52 20.27
CA ALA B 47 -25.54 -15.83 21.52
C ALA B 47 -26.80 -15.93 22.42
N ALA B 48 -28.00 -15.80 21.83
CA ALA B 48 -29.21 -15.82 22.63
C ALA B 48 -29.54 -17.22 23.17
N LYS B 49 -29.26 -18.25 22.38
CA LYS B 49 -29.32 -19.66 22.86
C LYS B 49 -28.11 -20.16 23.66
N LYS B 50 -27.08 -19.34 23.85
CA LYS B 50 -25.84 -19.77 24.52
C LYS B 50 -25.32 -21.10 23.99
N LEU B 51 -25.25 -21.22 22.68
CA LEU B 51 -24.77 -22.41 22.05
C LEU B 51 -23.27 -22.26 21.71
N THR B 52 -22.54 -23.36 21.88
CA THR B 52 -21.19 -23.50 21.44
C THR B 52 -21.19 -23.95 19.96
N PHE B 53 -20.04 -23.73 19.32
CA PHE B 53 -19.88 -24.24 17.99
C PHE B 53 -19.86 -25.76 17.97
N GLU B 54 -19.31 -26.39 19.00
CA GLU B 54 -19.38 -27.89 19.13
C GLU B 54 -20.81 -28.40 18.98
N GLU B 55 -21.76 -27.83 19.73
CA GLU B 55 -23.13 -28.31 19.62
C GLU B 55 -23.71 -28.02 18.24
N ILE B 56 -23.44 -26.84 17.70
CA ILE B 56 -24.03 -26.51 16.40
C ILE B 56 -23.44 -27.45 15.35
N ALA B 57 -22.14 -27.74 15.46
CA ALA B 57 -21.49 -28.59 14.49
C ALA B 57 -22.08 -29.99 14.57
N LYS B 58 -22.25 -30.51 15.77
CA LYS B 58 -22.86 -31.84 15.97
C LYS B 58 -24.32 -31.88 15.44
N LYS B 59 -25.09 -30.82 15.69
CA LYS B 59 -26.41 -30.72 15.06
C LYS B 59 -26.36 -30.77 13.55
N ILE B 60 -25.44 -30.08 12.90
CA ILE B 60 -25.39 -30.08 11.44
C ILE B 60 -24.54 -31.13 10.73
N GLY B 61 -23.80 -31.92 11.47
CA GLY B 61 -22.99 -32.95 10.86
C GLY B 61 -21.81 -32.42 10.10
N ARG B 62 -21.26 -31.32 10.56
CA ARG B 62 -20.07 -30.74 9.97
C ARG B 62 -19.08 -30.51 11.07
N ASN B 63 -17.82 -30.43 10.73
CA ASN B 63 -16.81 -30.20 11.72
C ASN B 63 -16.86 -28.77 12.30
N GLU B 64 -16.44 -28.62 13.52
CA GLU B 64 -16.47 -27.36 14.24
C GLU B 64 -15.90 -26.11 13.53
N VAL B 65 -14.74 -26.24 12.97
CA VAL B 65 -14.07 -25.20 12.22
C VAL B 65 -14.90 -24.80 11.01
N ALA B 66 -15.43 -25.79 10.33
CA ALA B 66 -16.20 -25.60 9.13
C ALA B 66 -17.49 -24.87 9.45
N THR B 67 -18.10 -25.25 10.58
CA THR B 67 -19.32 -24.63 11.05
C THR B 67 -19.10 -23.17 11.43
N ALA B 68 -18.02 -22.91 12.18
CA ALA B 68 -17.57 -21.58 12.47
C ALA B 68 -17.30 -20.81 11.15
N ALA B 69 -16.68 -21.47 10.20
CA ALA B 69 -16.35 -20.79 8.98
C ALA B 69 -17.63 -20.34 8.28
N LEU B 70 -18.60 -21.25 8.25
CA LEU B 70 -19.90 -20.96 7.70
C LEU B 70 -20.48 -19.70 8.36
N PHE B 71 -20.42 -19.63 9.69
CA PHE B 71 -21.00 -18.49 10.35
C PHE B 71 -20.34 -17.13 9.96
N TYR B 72 -19.06 -17.20 9.59
CA TYR B 72 -18.35 -15.96 9.16
C TYR B 72 -18.46 -15.65 7.66
N GLY B 73 -19.33 -16.39 6.98
CA GLY B 73 -19.60 -16.22 5.55
C GLY B 73 -18.67 -16.96 4.60
N GLN B 74 -17.88 -17.89 5.15
CA GLN B 74 -16.74 -18.52 4.49
C GLN B 74 -17.02 -19.94 4.06
N ALA B 75 -18.29 -20.34 4.04
CA ALA B 75 -18.72 -21.68 3.58
C ALA B 75 -20.17 -21.63 3.14
N LYS B 76 -20.61 -22.69 2.46
CA LYS B 76 -21.96 -22.76 1.93
C LYS B 76 -22.77 -23.79 2.72
N ALA B 77 -23.94 -23.37 3.15
CA ALA B 77 -24.86 -24.28 3.83
C ALA B 77 -25.58 -25.10 2.77
N SER B 78 -25.56 -26.41 2.91
CA SER B 78 -26.42 -27.28 2.12
C SER B 78 -27.89 -27.13 2.54
N PRO B 79 -28.79 -27.73 1.76
CA PRO B 79 -30.22 -27.54 2.15
C PRO B 79 -30.54 -28.14 3.54
N GLU B 80 -29.94 -29.31 3.83
CA GLU B 80 -30.00 -29.92 5.15
C GLU B 80 -29.39 -29.04 6.28
N ASP B 81 -28.26 -28.39 5.97
CA ASP B 81 -27.64 -27.45 6.94
C ASP B 81 -28.62 -26.39 7.25
N ILE B 82 -29.30 -25.85 6.23
CA ILE B 82 -30.29 -24.77 6.50
C ILE B 82 -31.41 -25.20 7.44
N LYS B 83 -31.96 -26.38 7.21
CA LYS B 83 -33.00 -26.90 8.08
C LYS B 83 -32.46 -27.16 9.45
N ASN B 84 -31.28 -27.72 9.52
CA ASN B 84 -30.75 -28.03 10.83
C ASN B 84 -30.36 -26.74 11.63
N LEU B 85 -29.73 -25.77 10.98
CA LEU B 85 -29.47 -24.48 11.63
C LEU B 85 -30.78 -23.84 12.08
N SER B 86 -31.81 -23.86 11.22
CA SER B 86 -33.08 -23.27 11.60
C SER B 86 -33.63 -23.90 12.88
N SER B 87 -33.59 -25.20 12.95
CA SER B 87 -34.10 -25.88 14.12
C SER B 87 -33.28 -25.60 15.39
N VAL B 88 -31.95 -25.72 15.35
CA VAL B 88 -31.20 -25.51 16.61
C VAL B 88 -31.06 -24.07 17.00
N LEU B 89 -31.18 -23.14 16.04
CA LEU B 89 -31.05 -21.74 16.36
C LEU B 89 -32.38 -21.04 16.50
N GLY B 90 -33.48 -21.70 16.14
CA GLY B 90 -34.81 -21.09 16.29
C GLY B 90 -34.99 -19.94 15.31
N ILE B 91 -34.40 -20.03 14.12
CA ILE B 91 -34.56 -19.00 13.09
C ILE B 91 -35.44 -19.63 12.00
N PRO B 92 -36.49 -18.92 11.52
CA PRO B 92 -37.39 -19.56 10.59
C PRO B 92 -36.63 -19.91 9.31
N VAL B 93 -36.94 -21.09 8.75
CA VAL B 93 -36.29 -21.62 7.56
C VAL B 93 -36.31 -20.64 6.35
N ALA B 94 -37.43 -19.96 6.15
CA ALA B 94 -37.55 -19.01 5.06
C ALA B 94 -36.52 -17.87 5.23
N VAL B 95 -36.23 -17.42 6.46
CA VAL B 95 -35.19 -16.41 6.67
C VAL B 95 -33.81 -16.91 6.22
N LEU B 96 -33.44 -18.10 6.66
CA LEU B 96 -32.13 -18.64 6.30
C LEU B 96 -31.99 -18.91 4.80
N GLU B 97 -33.03 -19.51 4.20
CA GLU B 97 -33.09 -19.69 2.76
C GLU B 97 -32.85 -18.45 1.97
N SER B 98 -33.41 -17.32 2.42
CA SER B 98 -33.20 -16.14 1.62
C SER B 98 -31.83 -15.54 1.93
N GLN B 99 -31.43 -15.47 3.19
CA GLN B 99 -30.17 -14.84 3.54
C GLN B 99 -28.91 -15.71 3.18
N MET B 100 -29.03 -17.03 3.18
CA MET B 100 -27.94 -17.94 2.85
C MET B 100 -27.99 -18.58 1.43
N SER B 101 -28.80 -18.01 0.55
CA SER B 101 -28.89 -18.40 -0.84
C SER B 101 -27.59 -17.96 -1.55
N GLY B 102 -27.39 -18.57 -2.70
CA GLY B 102 -26.29 -18.24 -3.58
C GLY B 102 -25.03 -18.90 -3.09
N PHE B 103 -23.95 -18.32 -3.50
CA PHE B 103 -22.66 -18.87 -3.23
C PHE B 103 -21.82 -17.96 -2.36
N PRO B 104 -20.98 -18.51 -1.51
CA PRO B 104 -20.16 -17.67 -0.66
C PRO B 104 -19.19 -16.81 -1.48
N ASP B 105 -18.94 -15.62 -0.98
CA ASP B 105 -18.00 -14.68 -1.54
C ASP B 105 -16.89 -14.56 -0.48
N ARG B 106 -16.10 -15.60 -0.37
CA ARG B 106 -15.04 -15.76 0.60
C ARG B 106 -13.87 -14.75 0.58
N GLY B 107 -13.31 -14.52 1.74
CA GLY B 107 -12.10 -13.79 1.92
C GLY B 107 -12.15 -12.35 2.40
N ARG B 108 -13.33 -11.87 2.79
CA ARG B 108 -13.46 -10.52 3.29
C ARG B 108 -13.40 -10.49 4.82
N SER B 109 -13.44 -11.61 5.54
CA SER B 109 -13.58 -11.56 6.98
C SER B 109 -12.33 -11.16 7.70
N VAL B 110 -11.16 -11.40 7.09
CA VAL B 110 -9.85 -11.05 7.66
C VAL B 110 -9.18 -9.97 6.83
N GLU B 111 -9.00 -8.78 7.39
CA GLU B 111 -8.29 -7.72 6.66
C GLU B 111 -6.79 -8.01 6.85
N MET B 112 -6.04 -8.06 5.76
CA MET B 112 -4.61 -8.44 5.73
C MET B 112 -3.67 -7.23 5.72
N PRO B 113 -2.53 -7.31 6.42
CA PRO B 113 -2.17 -8.40 7.33
C PRO B 113 -3.11 -8.48 8.57
N PRO B 114 -3.36 -9.67 9.10
CA PRO B 114 -4.26 -9.70 10.28
C PRO B 114 -3.76 -8.86 11.47
N LYS B 115 -4.69 -8.24 12.11
CA LYS B 115 -4.46 -7.47 13.30
C LYS B 115 -4.70 -8.32 14.56
N GLU B 116 -5.66 -9.24 14.48
CA GLU B 116 -6.03 -9.97 15.67
C GLU B 116 -4.85 -10.90 16.05
N PRO B 117 -4.35 -10.84 17.29
CA PRO B 117 -3.11 -11.61 17.58
C PRO B 117 -3.13 -13.09 17.23
N LEU B 118 -4.22 -13.79 17.58
CA LEU B 118 -4.30 -15.21 17.34
C LEU B 118 -4.14 -15.48 15.86
N ILE B 119 -4.92 -14.78 15.07
CA ILE B 119 -4.87 -14.97 13.64
C ILE B 119 -3.49 -14.54 13.12
N TYR B 120 -2.94 -13.44 13.65
CA TYR B 120 -1.61 -13.03 13.25
C TYR B 120 -0.54 -14.12 13.39
N ARG B 121 -0.60 -14.90 14.45
CA ARG B 121 0.36 -16.04 14.62
C ARG B 121 0.35 -17.07 13.47
N LEU B 122 -0.84 -17.36 12.92
CA LEU B 122 -0.98 -18.25 11.79
C LEU B 122 -0.37 -17.63 10.54
N TYR B 123 -0.64 -16.35 10.35
CA TYR B 123 0.05 -15.59 9.29
C TYR B 123 1.57 -15.62 9.43
N GLU B 124 2.05 -15.46 10.65
CA GLU B 124 3.48 -15.48 10.92
C GLU B 124 4.11 -16.87 10.59
N ILE B 125 3.35 -17.93 10.88
CA ILE B 125 3.71 -19.25 10.48
C ILE B 125 3.90 -19.34 8.98
N VAL B 126 2.94 -18.84 8.21
CA VAL B 126 3.10 -18.89 6.76
C VAL B 126 4.35 -18.08 6.34
N GLN B 127 4.54 -16.93 6.94
CA GLN B 127 5.68 -16.08 6.62
C GLN B 127 7.00 -16.78 6.92
N ASN B 128 7.12 -17.38 8.10
CA ASN B 128 8.39 -17.92 8.49
C ASN B 128 8.63 -19.30 7.91
N TYR B 129 7.58 -20.08 7.64
CA TYR B 129 7.75 -21.45 7.18
C TYR B 129 7.40 -21.67 5.75
N GLY B 130 6.93 -20.66 5.03
CA GLY B 130 6.33 -20.85 3.72
C GLY B 130 7.26 -21.57 2.78
N TYR B 131 8.49 -21.09 2.63
CA TYR B 131 9.45 -21.66 1.71
C TYR B 131 9.97 -23.02 2.29
N ALA B 132 9.98 -23.20 3.60
CA ALA B 132 10.34 -24.53 4.20
C ALA B 132 9.30 -25.55 3.81
N TYR B 133 8.04 -25.17 3.98
CA TYR B 133 6.93 -26.01 3.60
C TYR B 133 7.00 -26.35 2.12
N LYS B 134 7.30 -25.34 1.31
CA LYS B 134 7.31 -25.56 -0.10
C LYS B 134 8.40 -26.57 -0.48
N ALA B 135 9.58 -26.42 0.12
CA ALA B 135 10.74 -27.23 -0.18
C ALA B 135 10.51 -28.72 0.19
N VAL B 136 9.92 -28.95 1.35
CA VAL B 136 9.61 -30.28 1.82
C VAL B 136 8.52 -30.92 0.94
N LEU B 137 7.45 -30.14 0.68
CA LEU B 137 6.36 -30.61 -0.14
C LEU B 137 6.85 -30.89 -1.56
N ASN B 138 7.73 -30.04 -2.10
CA ASN B 138 8.24 -30.24 -3.43
C ASN B 138 9.07 -31.53 -3.45
N GLU B 139 9.85 -31.81 -2.43
CA GLU B 139 10.74 -33.01 -2.43
C GLU B 139 9.91 -34.26 -2.27
N LYS B 140 8.73 -34.17 -1.63
CA LYS B 140 7.86 -35.36 -1.43
C LYS B 140 6.86 -35.57 -2.52
N PHE B 141 6.37 -34.48 -3.12
CA PHE B 141 5.34 -34.59 -4.13
C PHE B 141 5.72 -34.11 -5.54
N GLY B 142 6.81 -33.36 -5.69
CA GLY B 142 7.11 -32.68 -6.97
C GLY B 142 6.49 -31.28 -7.09
N ASP B 143 6.40 -30.81 -8.31
CA ASP B 143 5.99 -29.44 -8.63
C ASP B 143 4.47 -29.40 -8.60
N GLY B 144 3.92 -28.63 -7.66
CA GLY B 144 2.48 -28.47 -7.48
C GLY B 144 2.06 -27.70 -6.22
N ILE B 145 0.84 -27.90 -5.75
CA ILE B 145 0.36 -27.27 -4.54
C ILE B 145 -0.42 -28.22 -3.67
N MET B 146 -0.55 -27.86 -2.40
CA MET B 146 -1.62 -28.38 -1.58
C MET B 146 -2.88 -27.53 -1.74
N SER B 147 -3.98 -28.17 -2.10
CA SER B 147 -5.24 -27.50 -2.30
C SER B 147 -5.76 -26.88 -1.01
N ALA B 148 -6.32 -25.67 -1.13
CA ALA B 148 -7.11 -25.05 -0.05
C ALA B 148 -8.57 -25.20 -0.37
N ILE B 149 -8.89 -25.92 -1.43
CA ILE B 149 -10.26 -26.12 -1.89
C ILE B 149 -10.74 -27.55 -1.63
N SER B 150 -10.01 -28.50 -2.15
CA SER B 150 -10.22 -29.88 -1.86
C SER B 150 -9.38 -30.00 -0.58
N PHE B 151 -10.02 -29.77 0.57
CA PHE B 151 -9.34 -29.54 1.78
C PHE B 151 -10.19 -29.61 3.04
N SER B 152 -9.61 -30.07 4.12
CA SER B 152 -10.21 -30.12 5.43
C SER B 152 -9.18 -29.67 6.49
N THR B 153 -9.67 -29.34 7.66
CA THR B 153 -8.84 -28.86 8.74
C THR B 153 -9.58 -29.12 10.04
N SER B 154 -8.81 -29.26 11.11
CA SER B 154 -9.42 -29.46 12.41
C SER B 154 -8.54 -28.84 13.45
N VAL B 155 -9.14 -28.59 14.62
CA VAL B 155 -8.48 -28.08 15.82
C VAL B 155 -8.64 -29.13 16.90
N ASP B 156 -7.56 -29.54 17.53
CA ASP B 156 -7.59 -30.40 18.69
C ASP B 156 -6.78 -29.81 19.86
N LYS B 157 -6.99 -30.39 21.03
CA LYS B 157 -6.35 -29.96 22.23
C LYS B 157 -5.57 -31.15 22.75
N GLU B 158 -4.33 -30.88 23.13
CA GLU B 158 -3.44 -31.84 23.73
C GLU B 158 -3.00 -31.24 25.07
N THR B 159 -2.99 -32.09 26.09
CA THR B 159 -2.35 -31.78 27.36
C THR B 159 -1.17 -32.73 27.45
N ASP B 160 0.03 -32.22 27.66
CA ASP B 160 1.20 -33.10 27.80
C ASP B 160 1.36 -33.58 29.27
N LYS B 161 2.28 -34.55 29.48
CA LYS B 161 2.70 -35.07 30.83
C LYS B 161 3.06 -33.99 31.87
N ASP B 162 3.49 -32.84 31.40
CA ASP B 162 3.82 -31.67 32.23
C ASP B 162 2.54 -30.80 32.54
N GLY B 163 1.35 -31.22 32.09
CA GLY B 163 0.09 -30.47 32.35
C GLY B 163 -0.18 -29.20 31.52
N ASN B 164 0.75 -28.81 30.63
CA ASN B 164 0.51 -27.66 29.72
C ASN B 164 -0.36 -28.04 28.51
N ASN B 165 -1.16 -27.07 28.10
CA ASN B 165 -2.05 -27.24 26.96
C ASN B 165 -1.47 -26.75 25.62
N TRP B 166 -1.77 -27.49 24.55
CA TRP B 166 -1.29 -27.26 23.19
C TRP B 166 -2.44 -27.30 22.25
N ALA B 167 -2.48 -26.36 21.30
CA ALA B 167 -3.46 -26.46 20.22
C ALA B 167 -2.81 -27.08 19.04
N VAL B 168 -3.53 -27.99 18.37
CA VAL B 168 -2.98 -28.73 17.25
C VAL B 168 -3.92 -28.45 16.08
N ILE B 169 -3.43 -27.81 15.05
CA ILE B 169 -4.25 -27.45 13.92
C ILE B 169 -3.75 -28.30 12.82
N THR B 170 -4.63 -29.06 12.17
CA THR B 170 -4.23 -29.92 11.07
C THR B 170 -4.80 -29.42 9.78
N LEU B 171 -3.94 -29.25 8.78
CA LEU B 171 -4.35 -28.93 7.43
C LEU B 171 -4.20 -30.15 6.54
N ARG B 172 -5.23 -30.53 5.79
CA ARG B 172 -5.16 -31.68 4.90
C ARG B 172 -5.75 -31.36 3.54
N GLY B 173 -4.87 -31.19 2.54
CA GLY B 173 -5.31 -30.78 1.22
C GLY B 173 -4.76 -31.66 0.13
N LYS B 174 -5.57 -31.81 -0.93
CA LYS B 174 -5.20 -32.65 -2.08
C LYS B 174 -3.97 -32.07 -2.77
N TRP B 175 -3.04 -32.91 -3.18
CA TRP B 175 -1.89 -32.46 -3.92
C TRP B 175 -2.33 -32.36 -5.36
N LEU B 176 -2.10 -31.19 -5.98
CA LEU B 176 -2.30 -31.02 -7.38
C LEU B 176 -0.95 -30.71 -8.08
N PRO B 177 -0.50 -31.60 -9.00
CA PRO B 177 0.64 -31.31 -9.81
C PRO B 177 0.32 -30.26 -10.84
N TYR B 178 1.30 -29.47 -11.24
CA TYR B 178 1.08 -28.62 -12.43
C TYR B 178 0.92 -29.57 -13.65
N SER B 179 0.07 -29.20 -14.55
CA SER B 179 -0.11 -29.91 -15.77
C SER B 179 1.09 -29.72 -16.69
N ARG B 180 1.23 -30.61 -17.64
CA ARG B 180 2.19 -30.43 -18.69
C ARG B 180 1.30 -30.18 -19.90
N PHE B 181 1.52 -29.09 -20.60
CA PHE B 181 0.70 -28.83 -21.79
C PHE B 181 1.48 -28.18 -22.93
N ASP C 23 10.53 -10.09 -36.02
CA ASP C 23 10.82 -9.58 -34.64
C ASP C 23 10.37 -10.54 -33.53
N ILE C 24 11.35 -10.98 -32.78
CA ILE C 24 11.20 -12.00 -31.76
C ILE C 24 11.26 -11.38 -30.36
N ALA C 25 10.71 -12.07 -29.38
CA ALA C 25 10.78 -11.62 -27.99
C ALA C 25 12.12 -11.87 -27.37
N THR C 26 12.63 -10.86 -26.67
CA THR C 26 13.91 -10.89 -26.00
C THR C 26 13.72 -10.42 -24.53
N LEU C 27 14.77 -10.53 -23.78
CA LEU C 27 14.75 -10.12 -22.43
C LEU C 27 15.91 -9.22 -22.12
N ASP C 28 15.65 -8.10 -21.50
CA ASP C 28 16.72 -7.27 -20.93
C ASP C 28 16.53 -7.22 -19.38
N VAL C 29 17.35 -7.97 -18.65
CA VAL C 29 17.27 -8.00 -17.18
C VAL C 29 17.53 -6.66 -16.48
N THR C 30 18.09 -5.69 -17.17
CA THR C 30 18.28 -4.36 -16.61
C THR C 30 16.92 -3.82 -16.27
N GLN C 31 15.91 -4.10 -17.07
CA GLN C 31 14.59 -3.52 -16.79
C GLN C 31 13.63 -4.54 -16.11
N HIS C 32 14.05 -5.81 -16.00
CA HIS C 32 13.19 -6.90 -15.55
C HIS C 32 13.91 -7.72 -14.46
N PRO C 33 13.80 -7.30 -13.20
CA PRO C 33 14.48 -7.97 -12.11
C PRO C 33 13.77 -9.16 -11.52
N TYR C 34 14.49 -9.94 -10.72
CA TYR C 34 13.91 -11.04 -9.94
C TYR C 34 13.43 -12.25 -10.73
N LEU C 35 13.89 -12.37 -11.98
CA LEU C 35 13.77 -13.62 -12.74
C LEU C 35 14.94 -14.53 -12.33
N PRO C 36 14.77 -15.84 -12.47
CA PRO C 36 15.97 -16.70 -12.22
C PRO C 36 17.12 -16.39 -13.21
N ALA C 37 18.34 -16.78 -12.86
CA ALA C 37 19.51 -16.60 -13.70
C ALA C 37 19.32 -17.28 -15.07
N TYR C 38 18.64 -18.40 -15.08
CA TYR C 38 18.44 -19.10 -16.32
C TYR C 38 17.54 -18.35 -17.30
N SER C 39 16.66 -17.44 -16.82
CA SER C 39 15.88 -16.64 -17.78
C SER C 39 16.84 -15.87 -18.67
N LYS C 40 17.89 -15.33 -18.06
CA LYS C 40 18.86 -14.59 -18.88
C LYS C 40 19.57 -15.52 -19.85
N THR C 41 20.01 -16.67 -19.34
CA THR C 41 20.77 -17.62 -20.14
C THR C 41 19.94 -18.09 -21.35
N LEU C 42 18.71 -18.51 -21.11
CA LEU C 42 17.84 -18.96 -22.18
C LEU C 42 17.53 -17.86 -23.18
N PHE C 43 17.16 -16.67 -22.71
CA PHE C 43 16.67 -15.65 -23.65
C PHE C 43 17.83 -15.10 -24.51
N GLU C 44 19.01 -15.03 -23.97
CA GLU C 44 20.18 -14.58 -24.76
C GLU C 44 20.52 -15.56 -25.86
N ALA C 45 20.30 -16.84 -25.61
CA ALA C 45 20.54 -17.83 -26.62
C ALA C 45 19.44 -17.78 -27.67
N LYS C 46 18.20 -17.63 -27.25
CA LYS C 46 17.07 -17.38 -28.15
C LYS C 46 17.32 -16.17 -29.07
N ALA C 47 17.79 -15.04 -28.54
CA ALA C 47 18.03 -13.81 -29.36
C ALA C 47 19.17 -14.09 -30.34
N ALA C 48 20.21 -14.78 -29.84
CA ALA C 48 21.39 -15.05 -30.67
C ALA C 48 21.03 -15.94 -31.85
N LYS C 49 20.22 -16.98 -31.65
CA LYS C 49 19.73 -17.79 -32.76
C LYS C 49 18.52 -17.21 -33.53
N LYS C 50 17.95 -16.10 -33.09
CA LYS C 50 16.72 -15.54 -33.66
C LYS C 50 15.53 -16.49 -33.68
N LEU C 51 15.38 -17.30 -32.64
CA LEU C 51 14.26 -18.22 -32.53
C LEU C 51 12.97 -17.55 -32.04
N THR C 52 11.84 -18.04 -32.54
CA THR C 52 10.58 -17.71 -31.95
C THR C 52 10.22 -18.81 -30.93
N PHE C 53 9.25 -18.48 -30.08
CA PHE C 53 8.69 -19.41 -29.13
C PHE C 53 7.90 -20.51 -29.83
N GLU C 54 7.32 -20.20 -30.96
CA GLU C 54 6.63 -21.22 -31.74
C GLU C 54 7.60 -22.34 -32.09
N GLU C 55 8.80 -21.98 -32.53
CA GLU C 55 9.83 -22.98 -32.91
C GLU C 55 10.40 -23.75 -31.74
N ILE C 56 10.79 -23.00 -30.69
CA ILE C 56 11.28 -23.62 -29.47
C ILE C 56 10.22 -24.63 -28.93
N ALA C 57 8.96 -24.20 -28.97
CA ALA C 57 7.88 -25.02 -28.47
C ALA C 57 7.80 -26.38 -29.20
N LYS C 58 7.80 -26.33 -30.53
CA LYS C 58 7.80 -27.57 -31.35
C LYS C 58 8.94 -28.55 -31.00
N LYS C 59 10.04 -28.03 -30.46
CA LYS C 59 11.24 -28.78 -30.19
C LYS C 59 11.30 -29.30 -28.76
N ILE C 60 10.49 -28.74 -27.87
CA ILE C 60 10.47 -29.35 -26.57
C ILE C 60 9.23 -30.14 -26.27
N GLY C 61 8.20 -29.95 -27.03
CA GLY C 61 7.01 -30.68 -26.78
C GLY C 61 6.10 -30.03 -25.79
N ARG C 62 6.19 -28.74 -25.67
CA ARG C 62 5.27 -27.98 -24.85
C ARG C 62 4.68 -26.88 -25.71
N ASN C 63 3.52 -26.38 -25.33
CA ASN C 63 2.89 -25.30 -26.06
C ASN C 63 3.63 -23.94 -25.98
N GLU C 64 3.42 -23.09 -26.94
CA GLU C 64 4.04 -21.78 -26.99
C GLU C 64 4.02 -20.94 -25.71
N VAL C 65 2.85 -20.82 -25.12
CA VAL C 65 2.66 -20.10 -23.88
C VAL C 65 3.44 -20.72 -22.75
N ALA C 66 3.34 -22.02 -22.59
CA ALA C 66 4.07 -22.72 -21.55
C ALA C 66 5.55 -22.59 -21.71
N THR C 67 6.01 -22.73 -22.94
CA THR C 67 7.39 -22.55 -23.24
C THR C 67 7.86 -21.15 -22.87
N ALA C 68 7.12 -20.13 -23.26
CA ALA C 68 7.51 -18.77 -22.82
C ALA C 68 7.40 -18.61 -21.26
N ALA C 69 6.41 -19.21 -20.64
CA ALA C 69 6.33 -19.13 -19.18
C ALA C 69 7.58 -19.73 -18.53
N LEU C 70 8.02 -20.85 -19.05
CA LEU C 70 9.27 -21.48 -18.59
C LEU C 70 10.43 -20.54 -18.78
N PHE C 71 10.49 -19.79 -19.89
CA PHE C 71 11.62 -18.84 -20.06
C PHE C 71 11.59 -17.72 -19.00
N TYR C 72 10.40 -17.32 -18.57
CA TYR C 72 10.26 -16.32 -17.52
C TYR C 72 10.32 -16.88 -16.09
N GLY C 73 10.75 -18.13 -15.90
CA GLY C 73 10.86 -18.72 -14.59
C GLY C 73 9.54 -19.22 -13.99
N GLN C 74 8.50 -19.34 -14.78
CA GLN C 74 7.16 -19.68 -14.30
C GLN C 74 6.74 -21.13 -14.60
N ALA C 75 7.69 -22.00 -14.95
CA ALA C 75 7.46 -23.41 -15.14
C ALA C 75 8.75 -24.18 -14.87
N LYS C 76 8.62 -25.47 -14.76
CA LYS C 76 9.72 -26.36 -14.46
C LYS C 76 10.09 -27.19 -15.69
N ALA C 77 11.35 -27.18 -16.01
CA ALA C 77 11.85 -27.99 -17.10
C ALA C 77 11.95 -29.44 -16.62
N SER C 78 11.36 -30.37 -17.38
CA SER C 78 11.65 -31.82 -17.20
C SER C 78 13.11 -32.12 -17.61
N PRO C 79 13.60 -33.35 -17.34
CA PRO C 79 14.92 -33.73 -17.86
C PRO C 79 14.98 -33.70 -19.37
N GLU C 80 13.93 -34.19 -20.02
CA GLU C 80 13.93 -34.11 -21.48
C GLU C 80 13.87 -32.65 -21.99
N ASP C 81 13.18 -31.75 -21.27
CA ASP C 81 13.15 -30.34 -21.66
C ASP C 81 14.51 -29.72 -21.63
N ILE C 82 15.25 -30.06 -20.59
CA ILE C 82 16.59 -29.50 -20.42
C ILE C 82 17.50 -29.97 -21.55
N LYS C 83 17.36 -31.24 -21.96
CA LYS C 83 18.17 -31.74 -23.09
C LYS C 83 17.82 -31.07 -24.38
N ASN C 84 16.53 -30.97 -24.66
CA ASN C 84 16.07 -30.43 -25.91
C ASN C 84 16.34 -28.94 -25.97
N LEU C 85 16.25 -28.27 -24.82
CA LEU C 85 16.60 -26.83 -24.79
C LEU C 85 18.09 -26.60 -25.09
N SER C 86 18.92 -27.39 -24.40
CA SER C 86 20.34 -27.45 -24.59
C SER C 86 20.71 -27.52 -26.06
N SER C 87 20.11 -28.45 -26.77
CA SER C 87 20.44 -28.57 -28.18
C SER C 87 19.84 -27.53 -29.14
N VAL C 88 18.60 -27.09 -28.94
CA VAL C 88 18.05 -26.01 -29.82
C VAL C 88 18.71 -24.65 -29.56
N LEU C 89 19.16 -24.40 -28.33
CA LEU C 89 19.72 -23.12 -27.96
C LEU C 89 21.23 -23.06 -28.00
N GLY C 90 21.89 -24.21 -28.03
CA GLY C 90 23.35 -24.21 -28.09
C GLY C 90 23.99 -23.88 -26.79
N ILE C 91 23.40 -24.35 -25.69
CA ILE C 91 23.87 -24.12 -24.33
C ILE C 91 24.26 -25.49 -23.78
N PRO C 92 25.45 -25.62 -23.16
CA PRO C 92 25.83 -26.91 -22.60
C PRO C 92 24.80 -27.48 -21.62
N VAL C 93 24.46 -28.75 -21.78
CA VAL C 93 23.52 -29.41 -20.91
C VAL C 93 23.80 -29.19 -19.41
N ALA C 94 25.07 -29.20 -18.98
CA ALA C 94 25.45 -29.04 -17.58
C ALA C 94 25.14 -27.65 -17.06
N VAL C 95 25.21 -26.61 -17.91
CA VAL C 95 24.84 -25.26 -17.50
C VAL C 95 23.32 -25.22 -17.14
N LEU C 96 22.47 -25.73 -18.01
CA LEU C 96 21.05 -25.75 -17.74
C LEU C 96 20.67 -26.65 -16.63
N GLU C 97 21.43 -27.73 -16.41
CA GLU C 97 21.11 -28.59 -15.28
C GLU C 97 21.41 -27.88 -13.98
N SER C 98 22.51 -27.11 -13.85
CA SER C 98 22.64 -26.43 -12.54
C SER C 98 21.70 -25.22 -12.45
N GLN C 99 21.50 -24.46 -13.53
CA GLN C 99 20.66 -23.26 -13.46
C GLN C 99 19.17 -23.57 -13.32
N MET C 100 18.68 -24.65 -13.93
CA MET C 100 17.27 -24.95 -13.91
C MET C 100 16.88 -26.12 -12.98
N SER C 101 17.70 -26.38 -11.98
CA SER C 101 17.45 -27.40 -10.97
C SER C 101 16.38 -26.89 -10.00
N GLY C 102 15.83 -27.82 -9.26
CA GLY C 102 14.89 -27.48 -8.18
C GLY C 102 13.55 -27.08 -8.75
N PHE C 103 12.81 -26.31 -7.96
CA PHE C 103 11.41 -26.03 -8.30
C PHE C 103 11.16 -24.54 -8.53
N PRO C 104 10.30 -24.20 -9.49
CA PRO C 104 10.01 -22.82 -9.75
C PRO C 104 9.51 -22.10 -8.51
N ASP C 105 9.78 -20.83 -8.46
CA ASP C 105 9.27 -19.97 -7.40
C ASP C 105 8.45 -18.91 -8.11
N ARG C 106 7.27 -19.31 -8.52
CA ARG C 106 6.45 -18.58 -9.42
C ARG C 106 5.93 -17.30 -8.78
N GLY C 107 5.62 -16.34 -9.63
CA GLY C 107 4.89 -15.16 -9.27
C GLY C 107 5.63 -13.85 -9.23
N ARG C 108 6.93 -13.84 -9.42
CA ARG C 108 7.70 -12.61 -9.25
C ARG C 108 7.87 -11.80 -10.56
N SER C 109 7.50 -12.38 -11.71
CA SER C 109 7.79 -11.76 -13.02
C SER C 109 6.84 -10.60 -13.36
N VAL C 110 5.65 -10.55 -12.77
CA VAL C 110 4.71 -9.42 -12.94
C VAL C 110 4.53 -8.66 -11.63
N GLU C 111 4.90 -7.39 -11.55
CA GLU C 111 4.63 -6.58 -10.35
C GLU C 111 3.19 -6.06 -10.49
N MET C 112 2.37 -6.33 -9.48
CA MET C 112 0.97 -6.11 -9.53
C MET C 112 0.75 -4.78 -8.85
N PRO C 113 -0.21 -3.96 -9.31
CA PRO C 113 -0.96 -4.19 -10.55
C PRO C 113 -0.03 -4.06 -11.76
N PRO C 114 -0.28 -4.80 -12.85
CA PRO C 114 0.64 -4.72 -13.98
C PRO C 114 0.74 -3.33 -14.63
N LYS C 115 1.93 -2.95 -15.04
CA LYS C 115 2.13 -1.68 -15.66
C LYS C 115 2.23 -1.82 -17.17
N GLU C 116 2.68 -2.98 -17.68
CA GLU C 116 2.76 -3.17 -19.13
C GLU C 116 1.32 -3.18 -19.69
N PRO C 117 1.02 -2.32 -20.68
CA PRO C 117 -0.36 -2.23 -21.09
C PRO C 117 -1.03 -3.53 -21.49
N LEU C 118 -0.33 -4.37 -22.23
CA LEU C 118 -0.99 -5.58 -22.69
C LEU C 118 -1.43 -6.46 -21.52
N ILE C 119 -0.53 -6.65 -20.57
CA ILE C 119 -0.80 -7.46 -19.38
C ILE C 119 -1.87 -6.78 -18.53
N TYR C 120 -1.80 -5.47 -18.43
CA TYR C 120 -2.84 -4.71 -17.71
C TYR C 120 -4.22 -5.02 -18.24
N ARG C 121 -4.38 -5.21 -19.55
CA ARG C 121 -5.72 -5.48 -20.10
C ARG C 121 -6.26 -6.79 -19.58
N LEU C 122 -5.38 -7.77 -19.36
CA LEU C 122 -5.80 -9.05 -18.84
C LEU C 122 -6.26 -8.91 -17.39
N TYR C 123 -5.49 -8.15 -16.63
CA TYR C 123 -5.89 -7.70 -15.30
C TYR C 123 -7.21 -6.97 -15.26
N GLU C 124 -7.43 -6.04 -16.19
CA GLU C 124 -8.70 -5.32 -16.24
C GLU C 124 -9.86 -6.26 -16.49
N ILE C 125 -9.64 -7.28 -17.32
CA ILE C 125 -10.66 -8.26 -17.59
C ILE C 125 -11.03 -9.00 -16.28
N VAL C 126 -10.03 -9.40 -15.52
CA VAL C 126 -10.31 -10.06 -14.29
C VAL C 126 -11.20 -9.14 -13.44
N GLN C 127 -10.78 -7.90 -13.42
CA GLN C 127 -11.41 -6.91 -12.58
C GLN C 127 -12.90 -6.70 -12.99
N ASN C 128 -13.17 -6.60 -14.26
CA ASN C 128 -14.50 -6.24 -14.73
C ASN C 128 -15.39 -7.47 -14.94
N TYR C 129 -14.82 -8.67 -15.12
CA TYR C 129 -15.59 -9.86 -15.30
C TYR C 129 -15.52 -10.87 -14.16
N GLY C 130 -14.73 -10.60 -13.13
CA GLY C 130 -14.41 -11.66 -12.19
C GLY C 130 -15.65 -12.15 -11.47
N TYR C 131 -16.53 -11.24 -10.98
CA TYR C 131 -17.77 -11.71 -10.36
C TYR C 131 -18.76 -12.32 -11.37
N ALA C 132 -18.73 -11.82 -12.60
CA ALA C 132 -19.52 -12.36 -13.67
C ALA C 132 -19.10 -13.83 -13.93
N TYR C 133 -17.79 -14.06 -14.09
CA TYR C 133 -17.29 -15.40 -14.24
C TYR C 133 -17.67 -16.31 -13.10
N LYS C 134 -17.54 -15.80 -11.89
CA LYS C 134 -17.88 -16.52 -10.70
C LYS C 134 -19.35 -16.95 -10.70
N ALA C 135 -20.24 -16.02 -10.99
CA ALA C 135 -21.66 -16.31 -11.06
C ALA C 135 -21.93 -17.39 -12.09
N VAL C 136 -21.36 -17.24 -13.27
CA VAL C 136 -21.63 -18.22 -14.33
C VAL C 136 -21.04 -19.55 -14.01
N LEU C 137 -19.79 -19.58 -13.50
CA LEU C 137 -19.22 -20.83 -13.12
C LEU C 137 -20.01 -21.49 -11.97
N ASN C 138 -20.37 -20.73 -10.94
CA ASN C 138 -21.08 -21.25 -9.80
C ASN C 138 -22.38 -21.93 -10.29
N GLU C 139 -23.13 -21.24 -11.14
CA GLU C 139 -24.38 -21.82 -11.73
C GLU C 139 -24.15 -23.04 -12.60
N LYS C 140 -23.01 -23.15 -13.26
CA LYS C 140 -22.74 -24.30 -14.08
C LYS C 140 -22.13 -25.45 -13.33
N PHE C 141 -21.32 -25.18 -12.31
CA PHE C 141 -20.54 -26.23 -11.64
C PHE C 141 -20.80 -26.34 -10.13
N GLY C 142 -21.44 -25.38 -9.49
CA GLY C 142 -21.41 -25.34 -8.02
C GLY C 142 -20.36 -24.43 -7.37
N ASP C 143 -20.15 -24.64 -6.09
CA ASP C 143 -19.32 -23.87 -5.22
C ASP C 143 -17.97 -24.53 -5.34
N GLY C 144 -17.01 -23.78 -5.88
CA GLY C 144 -15.66 -24.26 -6.11
C GLY C 144 -14.83 -23.23 -6.90
N ILE C 145 -13.76 -23.73 -7.53
CA ILE C 145 -12.87 -22.95 -8.36
C ILE C 145 -12.53 -23.66 -9.65
N MET C 146 -12.06 -22.86 -10.62
CA MET C 146 -11.38 -23.37 -11.78
C MET C 146 -9.90 -23.34 -11.40
N SER C 147 -9.24 -24.50 -11.44
CA SER C 147 -7.86 -24.58 -11.02
C SER C 147 -6.97 -23.75 -11.96
N ALA C 148 -5.91 -23.19 -11.42
CA ALA C 148 -4.87 -22.53 -12.19
C ALA C 148 -3.61 -23.42 -12.18
N ILE C 149 -3.73 -24.61 -11.61
CA ILE C 149 -2.63 -25.54 -11.45
C ILE C 149 -2.84 -26.75 -12.35
N SER C 150 -4.00 -27.34 -12.30
CA SER C 150 -4.42 -28.41 -13.16
C SER C 150 -5.12 -27.56 -14.23
N PHE C 151 -4.33 -27.12 -15.19
CA PHE C 151 -4.70 -26.08 -16.10
C PHE C 151 -3.80 -25.95 -17.30
N SER C 152 -4.36 -25.46 -18.39
CA SER C 152 -3.61 -25.17 -19.60
C SER C 152 -4.22 -23.95 -20.27
N THR C 153 -3.43 -23.35 -21.14
CA THR C 153 -3.89 -22.16 -21.85
C THR C 153 -3.25 -22.07 -23.22
N SER C 154 -3.94 -21.46 -24.17
CA SER C 154 -3.34 -21.18 -25.46
C SER C 154 -3.70 -19.80 -25.97
N VAL C 155 -2.91 -19.38 -26.96
CA VAL C 155 -3.17 -18.17 -27.74
C VAL C 155 -3.34 -18.57 -29.19
N ASP C 156 -4.41 -18.10 -29.83
CA ASP C 156 -4.64 -18.28 -31.24
C ASP C 156 -4.93 -16.91 -31.89
N LYS C 157 -4.73 -16.84 -33.19
CA LYS C 157 -4.97 -15.63 -33.98
C LYS C 157 -6.18 -15.93 -34.84
N GLU C 158 -7.21 -15.10 -34.85
CA GLU C 158 -8.29 -15.17 -35.85
C GLU C 158 -8.33 -13.88 -36.66
N THR C 159 -8.40 -14.02 -37.99
CA THR C 159 -8.70 -12.91 -38.89
C THR C 159 -10.16 -13.08 -39.35
N ASP C 160 -11.01 -12.10 -39.13
CA ASP C 160 -12.44 -12.28 -39.45
C ASP C 160 -12.75 -11.94 -40.93
N LYS C 161 -14.01 -12.13 -41.35
CA LYS C 161 -14.57 -11.71 -42.68
C LYS C 161 -14.08 -10.37 -43.24
N ASP C 162 -13.93 -9.37 -42.35
CA ASP C 162 -13.55 -8.00 -42.71
C ASP C 162 -12.03 -7.74 -42.68
N GLY C 163 -11.20 -8.79 -42.58
CA GLY C 163 -9.71 -8.62 -42.38
C GLY C 163 -9.15 -8.05 -41.05
N ASN C 164 -9.96 -8.06 -39.98
CA ASN C 164 -9.49 -7.63 -38.66
C ASN C 164 -8.97 -8.79 -37.85
N ASN C 165 -7.80 -8.57 -37.26
CA ASN C 165 -7.20 -9.54 -36.34
C ASN C 165 -7.64 -9.50 -34.85
N TRP C 166 -7.90 -10.69 -34.31
CA TRP C 166 -8.33 -10.89 -32.95
C TRP C 166 -7.39 -11.90 -32.32
N ALA C 167 -7.10 -11.70 -31.04
CA ALA C 167 -6.38 -12.66 -30.28
C ALA C 167 -7.37 -13.41 -29.43
N VAL C 168 -7.12 -14.71 -29.28
CA VAL C 168 -8.02 -15.57 -28.60
C VAL C 168 -7.22 -16.30 -27.55
N ILE C 169 -7.48 -16.02 -26.27
CA ILE C 169 -6.76 -16.69 -25.20
C ILE C 169 -7.78 -17.67 -24.62
N THR C 170 -7.39 -18.93 -24.48
CA THR C 170 -8.26 -19.92 -23.89
C THR C 170 -7.63 -20.30 -22.58
N LEU C 171 -8.47 -20.38 -21.52
CA LEU C 171 -8.09 -20.84 -20.23
C LEU C 171 -8.86 -22.12 -19.93
N ARG C 172 -8.18 -23.21 -19.60
CA ARG C 172 -8.82 -24.49 -19.41
C ARG C 172 -8.33 -25.06 -18.11
N GLY C 173 -9.18 -24.98 -17.09
CA GLY C 173 -8.88 -25.42 -15.76
C GLY C 173 -9.85 -26.40 -15.15
N LYS C 174 -9.32 -27.32 -14.43
CA LYS C 174 -10.09 -28.32 -13.74
C LYS C 174 -11.04 -27.74 -12.70
N TRP C 175 -12.28 -28.14 -12.74
CA TRP C 175 -13.22 -27.68 -11.74
C TRP C 175 -13.01 -28.39 -10.42
N LEU C 176 -12.83 -27.61 -9.40
CA LEU C 176 -12.66 -28.12 -8.08
C LEU C 176 -13.73 -27.66 -7.10
N PRO C 177 -14.53 -28.59 -6.64
CA PRO C 177 -15.53 -28.28 -5.65
C PRO C 177 -14.89 -28.19 -4.26
N TYR C 178 -15.49 -27.40 -3.42
CA TYR C 178 -15.09 -27.34 -2.05
C TYR C 178 -15.51 -28.63 -1.40
N SER C 179 -14.69 -29.12 -0.50
CA SER C 179 -14.98 -30.30 0.24
C SER C 179 -16.08 -30.07 1.26
N ARG C 180 -16.68 -31.13 1.69
CA ARG C 180 -17.61 -31.09 2.76
C ARG C 180 -16.90 -31.89 3.85
N PHE C 181 -16.67 -31.26 4.97
CA PHE C 181 -15.97 -31.86 6.08
C PHE C 181 -16.53 -31.39 7.43
N ASP D 23 -30.18 -23.94 -7.62
CA ASP D 23 -29.04 -23.21 -6.98
C ASP D 23 -28.30 -22.15 -7.87
N ILE D 24 -28.73 -20.93 -7.64
CA ILE D 24 -28.51 -19.84 -8.49
C ILE D 24 -27.67 -18.80 -7.79
N ALA D 25 -27.06 -17.96 -8.57
CA ALA D 25 -26.28 -16.87 -8.04
C ALA D 25 -27.18 -15.75 -7.52
N THR D 26 -26.80 -15.24 -6.34
CA THR D 26 -27.48 -14.19 -5.65
C THR D 26 -26.44 -13.17 -5.14
N LEU D 27 -26.94 -12.05 -4.67
CA LEU D 27 -26.11 -10.95 -4.18
C LEU D 27 -26.60 -10.54 -2.83
N ASP D 28 -25.69 -10.31 -1.89
CA ASP D 28 -25.99 -9.69 -0.61
C ASP D 28 -25.12 -8.44 -0.48
N VAL D 29 -25.71 -7.28 -0.74
CA VAL D 29 -24.92 -6.01 -0.69
C VAL D 29 -24.28 -5.66 0.67
N THR D 30 -24.69 -6.30 1.74
CA THR D 30 -24.01 -6.17 3.04
C THR D 30 -22.55 -6.48 2.94
N GLN D 31 -22.19 -7.46 2.10
CA GLN D 31 -20.81 -7.85 2.04
C GLN D 31 -20.17 -7.35 0.73
N HIS D 32 -20.92 -6.74 -0.16
CA HIS D 32 -20.44 -6.38 -1.43
C HIS D 32 -20.84 -4.92 -1.73
N PRO D 33 -20.02 -3.99 -1.21
CA PRO D 33 -20.29 -2.57 -1.37
C PRO D 33 -19.92 -1.99 -2.74
N TYR D 34 -20.47 -0.83 -3.00
CA TYR D 34 -20.11 0.04 -4.14
C TYR D 34 -20.55 -0.51 -5.51
N LEU D 35 -21.55 -1.39 -5.52
CA LEU D 35 -22.22 -1.73 -6.78
C LEU D 35 -23.34 -0.70 -6.98
N PRO D 36 -23.74 -0.46 -8.23
CA PRO D 36 -24.87 0.45 -8.36
C PRO D 36 -26.14 -0.04 -7.62
N ALA D 37 -27.08 0.87 -7.41
CA ALA D 37 -28.34 0.51 -6.79
C ALA D 37 -29.09 -0.53 -7.60
N TYR D 38 -29.03 -0.44 -8.91
CA TYR D 38 -29.70 -1.45 -9.71
C TYR D 38 -29.23 -2.90 -9.58
N SER D 39 -28.01 -3.13 -9.07
CA SER D 39 -27.52 -4.47 -8.86
C SER D 39 -28.38 -5.21 -7.87
N LYS D 40 -28.72 -4.51 -6.79
CA LYS D 40 -29.59 -5.01 -5.76
C LYS D 40 -30.98 -5.28 -6.29
N THR D 41 -31.52 -4.33 -7.01
CA THR D 41 -32.86 -4.45 -7.64
C THR D 41 -32.91 -5.65 -8.60
N LEU D 42 -31.90 -5.76 -9.47
CA LEU D 42 -31.85 -6.87 -10.42
C LEU D 42 -31.72 -8.23 -9.67
N PHE D 43 -30.76 -8.36 -8.74
CA PHE D 43 -30.53 -9.65 -8.09
C PHE D 43 -31.65 -10.11 -7.14
N GLU D 44 -32.27 -9.17 -6.47
CA GLU D 44 -33.44 -9.44 -5.62
C GLU D 44 -34.55 -9.99 -6.43
N ALA D 45 -34.76 -9.47 -7.63
CA ALA D 45 -35.79 -10.04 -8.55
C ALA D 45 -35.37 -11.43 -9.07
N LYS D 46 -34.12 -11.55 -9.50
CA LYS D 46 -33.53 -12.83 -9.86
C LYS D 46 -33.70 -13.90 -8.79
N ALA D 47 -33.46 -13.55 -7.53
CA ALA D 47 -33.54 -14.52 -6.43
C ALA D 47 -34.97 -14.92 -6.18
N ALA D 48 -35.88 -13.96 -6.21
CA ALA D 48 -37.32 -14.21 -6.03
C ALA D 48 -37.91 -15.09 -7.12
N LYS D 49 -37.47 -14.91 -8.35
CA LYS D 49 -37.97 -15.75 -9.44
C LYS D 49 -37.15 -17.04 -9.67
N LYS D 50 -36.07 -17.24 -8.91
CA LYS D 50 -35.19 -18.39 -9.04
C LYS D 50 -34.65 -18.58 -10.43
N LEU D 51 -34.24 -17.48 -11.04
CA LEU D 51 -33.74 -17.53 -12.41
C LEU D 51 -32.24 -17.71 -12.43
N THR D 52 -31.80 -18.44 -13.44
CA THR D 52 -30.41 -18.54 -13.74
C THR D 52 -30.00 -17.41 -14.66
N PHE D 53 -28.70 -17.13 -14.70
CA PHE D 53 -28.16 -16.22 -15.72
C PHE D 53 -28.35 -16.74 -17.16
N GLU D 54 -28.38 -18.07 -17.29
CA GLU D 54 -28.60 -18.68 -18.60
C GLU D 54 -29.97 -18.27 -19.10
N GLU D 55 -30.97 -18.32 -18.24
CA GLU D 55 -32.33 -18.00 -18.63
C GLU D 55 -32.43 -16.54 -18.95
N ILE D 56 -31.85 -15.71 -18.09
CA ILE D 56 -31.97 -14.25 -18.24
C ILE D 56 -31.25 -13.81 -19.48
N ALA D 57 -30.08 -14.40 -19.74
CA ALA D 57 -29.32 -14.07 -20.91
C ALA D 57 -30.10 -14.36 -22.20
N LYS D 58 -30.73 -15.52 -22.26
CA LYS D 58 -31.52 -15.96 -23.40
C LYS D 58 -32.63 -14.97 -23.70
N LYS D 59 -33.30 -14.50 -22.67
CA LYS D 59 -34.33 -13.52 -22.81
C LYS D 59 -33.85 -12.15 -23.32
N ILE D 60 -32.68 -11.69 -22.91
CA ILE D 60 -32.24 -10.39 -23.42
C ILE D 60 -31.37 -10.43 -24.68
N GLY D 61 -31.02 -11.62 -25.13
CA GLY D 61 -30.22 -11.73 -26.31
C GLY D 61 -28.80 -11.30 -26.11
N ARG D 62 -28.27 -11.68 -24.98
CA ARG D 62 -26.92 -11.42 -24.64
C ARG D 62 -26.31 -12.68 -24.06
N ASN D 63 -25.01 -12.72 -24.11
CA ASN D 63 -24.24 -13.79 -23.58
C ASN D 63 -24.37 -13.84 -22.03
N GLU D 64 -24.27 -15.02 -21.48
CA GLU D 64 -24.37 -15.25 -20.06
C GLU D 64 -23.42 -14.44 -19.17
N VAL D 65 -22.15 -14.41 -19.53
CA VAL D 65 -21.16 -13.65 -18.83
C VAL D 65 -21.45 -12.15 -18.89
N ALA D 66 -21.75 -11.66 -20.06
CA ALA D 66 -22.07 -10.24 -20.25
C ALA D 66 -23.33 -9.85 -19.42
N THR D 67 -24.26 -10.79 -19.32
CA THR D 67 -25.45 -10.56 -18.56
C THR D 67 -25.14 -10.49 -17.09
N ALA D 68 -24.33 -11.42 -16.62
CA ALA D 68 -23.89 -11.37 -15.26
C ALA D 68 -23.02 -10.12 -15.03
N ALA D 69 -22.13 -9.78 -15.93
CA ALA D 69 -21.39 -8.53 -15.80
C ALA D 69 -22.31 -7.33 -15.61
N LEU D 70 -23.36 -7.28 -16.41
CA LEU D 70 -24.31 -6.23 -16.29
C LEU D 70 -24.94 -6.17 -14.90
N PHE D 71 -25.27 -7.33 -14.31
CA PHE D 71 -25.86 -7.34 -12.98
C PHE D 71 -24.88 -6.77 -11.93
N TYR D 72 -23.57 -6.92 -12.11
CA TYR D 72 -22.58 -6.37 -11.19
C TYR D 72 -22.16 -4.92 -11.52
N GLY D 73 -22.88 -4.24 -12.41
CA GLY D 73 -22.60 -2.88 -12.78
C GLY D 73 -21.44 -2.69 -13.75
N GLN D 74 -21.09 -3.75 -14.46
CA GLN D 74 -19.91 -3.80 -15.31
C GLN D 74 -20.23 -3.80 -16.82
N ALA D 75 -21.48 -3.50 -17.15
CA ALA D 75 -21.90 -3.35 -18.55
C ALA D 75 -23.07 -2.41 -18.63
N LYS D 76 -23.38 -1.94 -19.83
CA LYS D 76 -24.52 -1.05 -20.02
C LYS D 76 -25.68 -1.77 -20.73
N ALA D 77 -26.87 -1.51 -20.23
CA ALA D 77 -28.10 -2.10 -20.74
C ALA D 77 -28.58 -1.15 -21.82
N SER D 78 -28.79 -1.65 -23.02
CA SER D 78 -29.53 -0.90 -24.06
C SER D 78 -30.99 -0.72 -23.65
N PRO D 79 -31.76 0.14 -24.38
CA PRO D 79 -33.19 0.30 -24.06
C PRO D 79 -33.99 -1.02 -24.11
N GLU D 80 -33.63 -1.88 -25.06
CA GLU D 80 -34.25 -3.18 -25.23
C GLU D 80 -33.88 -4.10 -24.07
N ASP D 81 -32.60 -4.03 -23.62
CA ASP D 81 -32.17 -4.84 -22.47
C ASP D 81 -33.02 -4.45 -21.28
N ILE D 82 -33.25 -3.15 -21.09
CA ILE D 82 -34.06 -2.70 -19.96
C ILE D 82 -35.52 -3.23 -20.00
N LYS D 83 -36.19 -3.11 -21.16
CA LYS D 83 -37.59 -3.67 -21.31
C LYS D 83 -37.59 -5.17 -21.06
N ASN D 84 -36.64 -5.85 -21.65
CA ASN D 84 -36.53 -7.28 -21.48
C ASN D 84 -36.17 -7.75 -20.06
N LEU D 85 -35.27 -7.06 -19.40
CA LEU D 85 -34.96 -7.37 -18.03
C LEU D 85 -36.20 -7.12 -17.18
N SER D 86 -36.88 -6.05 -17.48
CA SER D 86 -38.05 -5.69 -16.76
C SER D 86 -39.12 -6.77 -16.87
N SER D 87 -39.34 -7.31 -18.03
CA SER D 87 -40.35 -8.33 -18.17
C SER D 87 -39.95 -9.68 -17.61
N VAL D 88 -38.74 -10.12 -17.82
CA VAL D 88 -38.33 -11.39 -17.27
C VAL D 88 -38.22 -11.36 -15.75
N LEU D 89 -37.78 -10.26 -15.19
CA LEU D 89 -37.58 -10.14 -13.73
C LEU D 89 -38.81 -9.62 -12.98
N GLY D 90 -39.83 -9.19 -13.70
CA GLY D 90 -41.01 -8.61 -13.08
C GLY D 90 -40.69 -7.35 -12.31
N ILE D 91 -39.83 -6.47 -12.82
CA ILE D 91 -39.49 -5.21 -12.14
C ILE D 91 -40.16 -4.14 -13.01
N PRO D 92 -40.95 -3.21 -12.44
CA PRO D 92 -41.57 -2.19 -13.29
C PRO D 92 -40.49 -1.46 -14.14
N VAL D 93 -40.71 -1.40 -15.44
CA VAL D 93 -39.75 -0.86 -16.39
C VAL D 93 -39.25 0.54 -15.99
N ALA D 94 -40.12 1.41 -15.46
CA ALA D 94 -39.68 2.74 -15.07
C ALA D 94 -38.73 2.74 -13.89
N VAL D 95 -38.78 1.73 -13.03
CA VAL D 95 -37.81 1.65 -11.96
C VAL D 95 -36.44 1.40 -12.59
N LEU D 96 -36.34 0.43 -13.48
CA LEU D 96 -35.07 0.12 -14.13
C LEU D 96 -34.52 1.25 -14.96
N GLU D 97 -35.41 1.99 -15.64
CA GLU D 97 -35.02 3.17 -16.45
C GLU D 97 -34.37 4.22 -15.60
N SER D 98 -34.89 4.45 -14.38
CA SER D 98 -34.27 5.45 -13.50
C SER D 98 -32.94 4.94 -12.98
N GLN D 99 -32.83 3.67 -12.69
CA GLN D 99 -31.56 3.20 -12.06
C GLN D 99 -30.40 2.79 -13.01
N MET D 100 -30.76 2.43 -14.22
CA MET D 100 -29.85 1.94 -15.22
C MET D 100 -29.49 2.99 -16.28
N SER D 101 -29.84 4.24 -16.03
CA SER D 101 -29.49 5.32 -16.95
C SER D 101 -27.98 5.64 -16.83
N GLY D 102 -27.50 6.45 -17.74
CA GLY D 102 -26.13 6.83 -17.76
C GLY D 102 -25.18 5.78 -18.28
N PHE D 103 -23.96 5.88 -17.85
CA PHE D 103 -22.93 5.03 -18.32
C PHE D 103 -22.31 4.29 -17.17
N PRO D 104 -21.97 3.04 -17.39
CA PRO D 104 -21.34 2.26 -16.34
C PRO D 104 -20.00 2.89 -15.87
N ASP D 105 -19.72 2.72 -14.61
CA ASP D 105 -18.52 3.16 -13.99
C ASP D 105 -17.83 1.89 -13.48
N ARG D 106 -17.26 1.18 -14.41
CA ARG D 106 -16.61 -0.09 -14.23
C ARG D 106 -15.40 -0.16 -13.32
N GLY D 107 -15.20 -1.31 -12.74
CA GLY D 107 -14.04 -1.61 -11.96
C GLY D 107 -14.09 -1.64 -10.47
N ARG D 108 -15.22 -1.37 -9.89
CA ARG D 108 -15.34 -1.29 -8.44
C ARG D 108 -15.75 -2.63 -7.79
N SER D 109 -16.23 -3.59 -8.55
CA SER D 109 -16.75 -4.83 -8.01
C SER D 109 -15.73 -5.80 -7.41
N VAL D 110 -14.52 -5.77 -7.90
CA VAL D 110 -13.47 -6.61 -7.39
C VAL D 110 -12.39 -5.80 -6.68
N GLU D 111 -12.28 -5.94 -5.38
CA GLU D 111 -11.25 -5.24 -4.63
C GLU D 111 -9.89 -5.94 -4.96
N MET D 112 -8.88 -5.22 -5.44
CA MET D 112 -7.61 -5.85 -5.79
C MET D 112 -6.60 -5.91 -4.67
N PRO D 113 -5.75 -6.93 -4.59
CA PRO D 113 -5.88 -8.24 -5.23
C PRO D 113 -7.09 -9.00 -4.73
N PRO D 114 -7.75 -9.71 -5.61
CA PRO D 114 -8.93 -10.47 -5.25
C PRO D 114 -8.78 -11.46 -4.09
N LYS D 115 -9.76 -11.42 -3.24
CA LYS D 115 -9.82 -12.27 -2.10
C LYS D 115 -10.63 -13.57 -2.33
N GLU D 116 -11.68 -13.50 -3.09
CA GLU D 116 -12.51 -14.64 -3.42
C GLU D 116 -11.66 -15.67 -4.18
N PRO D 117 -11.63 -16.93 -3.77
CA PRO D 117 -10.64 -17.81 -4.34
C PRO D 117 -10.71 -18.07 -5.83
N LEU D 118 -11.92 -18.19 -6.37
CA LEU D 118 -12.12 -18.48 -7.79
C LEU D 118 -11.53 -17.32 -8.63
N ILE D 119 -11.87 -16.11 -8.26
CA ILE D 119 -11.43 -14.91 -8.95
C ILE D 119 -9.93 -14.80 -8.73
N TYR D 120 -9.42 -15.15 -7.55
CA TYR D 120 -7.94 -15.08 -7.34
C TYR D 120 -7.16 -15.92 -8.35
N ARG D 121 -7.68 -17.10 -8.67
CA ARG D 121 -7.02 -17.97 -9.63
C ARG D 121 -6.91 -17.32 -10.95
N LEU D 122 -7.89 -16.51 -11.35
CA LEU D 122 -7.78 -15.80 -12.62
C LEU D 122 -6.63 -14.78 -12.56
N TYR D 123 -6.53 -14.11 -11.42
CA TYR D 123 -5.46 -13.19 -11.10
C TYR D 123 -4.10 -13.83 -11.09
N GLU D 124 -3.99 -14.99 -10.44
CA GLU D 124 -2.77 -15.71 -10.42
C GLU D 124 -2.31 -16.14 -11.87
N ILE D 125 -3.27 -16.47 -12.72
CA ILE D 125 -3.01 -16.72 -14.10
C ILE D 125 -2.33 -15.52 -14.79
N VAL D 126 -2.87 -14.34 -14.54
CA VAL D 126 -2.32 -13.17 -15.16
C VAL D 126 -0.88 -13.01 -14.64
N GLN D 127 -0.73 -13.21 -13.39
CA GLN D 127 0.52 -13.04 -12.75
C GLN D 127 1.49 -14.06 -13.29
N ASN D 128 1.12 -15.33 -13.39
CA ASN D 128 2.17 -16.31 -13.76
C ASN D 128 2.37 -16.41 -15.29
N TYR D 129 1.39 -15.99 -16.06
CA TYR D 129 1.41 -16.10 -17.49
C TYR D 129 1.49 -14.78 -18.29
N GLY D 130 1.35 -13.65 -17.62
CA GLY D 130 1.42 -12.36 -18.24
C GLY D 130 2.48 -12.10 -19.28
N TYR D 131 3.73 -12.31 -18.90
CA TYR D 131 4.83 -12.11 -19.80
C TYR D 131 4.87 -13.12 -20.93
N ALA D 132 4.43 -14.33 -20.61
CA ALA D 132 4.36 -15.41 -21.56
C ALA D 132 3.35 -15.05 -22.64
N TYR D 133 2.16 -14.62 -22.23
CA TYR D 133 1.15 -14.20 -23.15
C TYR D 133 1.67 -13.01 -23.96
N LYS D 134 2.35 -12.09 -23.30
CA LYS D 134 2.80 -10.94 -24.03
C LYS D 134 3.82 -11.37 -25.13
N ALA D 135 4.77 -12.26 -24.76
CA ALA D 135 5.84 -12.71 -25.67
C ALA D 135 5.26 -13.43 -26.88
N VAL D 136 4.28 -14.33 -26.64
CA VAL D 136 3.64 -15.06 -27.73
C VAL D 136 2.83 -14.14 -28.62
N LEU D 137 2.07 -13.27 -27.98
CA LEU D 137 1.25 -12.35 -28.74
C LEU D 137 2.11 -11.38 -29.53
N ASN D 138 3.23 -10.95 -28.96
CA ASN D 138 4.13 -10.01 -29.67
C ASN D 138 4.70 -10.76 -30.90
N GLU D 139 5.04 -12.05 -30.75
CA GLU D 139 5.67 -12.77 -31.85
C GLU D 139 4.64 -13.04 -32.93
N LYS D 140 3.35 -13.15 -32.57
CA LYS D 140 2.29 -13.36 -33.55
C LYS D 140 1.67 -12.12 -34.12
N PHE D 141 1.61 -11.02 -33.38
CA PHE D 141 0.95 -9.82 -33.89
C PHE D 141 1.83 -8.54 -33.98
N GLY D 142 2.97 -8.52 -33.30
CA GLY D 142 3.79 -7.32 -33.17
C GLY D 142 3.51 -6.57 -31.85
N ASP D 143 3.89 -5.29 -31.86
CA ASP D 143 3.81 -4.39 -30.72
C ASP D 143 2.40 -3.86 -30.64
N GLY D 144 1.71 -4.18 -29.54
CA GLY D 144 0.31 -3.78 -29.38
C GLY D 144 -0.36 -4.46 -28.18
N ILE D 145 -1.69 -4.44 -28.14
CA ILE D 145 -2.43 -5.07 -27.09
C ILE D 145 -3.56 -5.92 -27.66
N MET D 146 -4.04 -6.88 -26.85
CA MET D 146 -5.37 -7.42 -27.06
C MET D 146 -6.33 -6.47 -26.35
N SER D 147 -7.33 -5.99 -27.03
CA SER D 147 -8.27 -5.03 -26.42
C SER D 147 -9.15 -5.76 -25.41
N ALA D 148 -9.48 -5.05 -24.35
CA ALA D 148 -10.42 -5.47 -23.34
C ALA D 148 -11.77 -4.73 -23.51
N ILE D 149 -11.89 -3.90 -24.53
CA ILE D 149 -13.05 -3.09 -24.81
C ILE D 149 -13.78 -3.65 -26.05
N SER D 150 -13.04 -3.81 -27.11
CA SER D 150 -13.48 -4.45 -28.33
C SER D 150 -13.15 -5.90 -28.00
N PHE D 151 -14.08 -6.55 -27.32
CA PHE D 151 -13.85 -7.78 -26.69
C PHE D 151 -15.10 -8.53 -26.31
N SER D 152 -15.02 -9.83 -26.33
CA SER D 152 -16.09 -10.70 -25.88
C SER D 152 -15.46 -11.88 -25.10
N THR D 153 -16.25 -12.57 -24.29
CA THR D 153 -15.72 -13.72 -23.55
C THR D 153 -16.87 -14.66 -23.28
N SER D 154 -16.54 -15.91 -22.97
CA SER D 154 -17.52 -16.94 -22.68
C SER D 154 -16.96 -18.01 -21.74
N VAL D 155 -17.87 -18.74 -21.10
CA VAL D 155 -17.55 -19.82 -20.22
C VAL D 155 -18.27 -21.03 -20.75
N ASP D 156 -17.51 -22.10 -20.94
CA ASP D 156 -18.05 -23.39 -21.39
C ASP D 156 -17.62 -24.46 -20.36
N LYS D 157 -18.37 -25.55 -20.33
CA LYS D 157 -18.10 -26.73 -19.49
C LYS D 157 -17.66 -27.82 -20.41
N GLU D 158 -16.55 -28.48 -20.14
CA GLU D 158 -16.17 -29.70 -20.84
C GLU D 158 -16.11 -30.83 -19.83
N THR D 159 -16.52 -32.00 -20.27
CA THR D 159 -16.36 -33.23 -19.50
C THR D 159 -15.50 -34.14 -20.35
N ASP D 160 -14.30 -34.44 -19.86
CA ASP D 160 -13.37 -35.26 -20.62
C ASP D 160 -13.78 -36.74 -20.45
N LYS D 161 -13.13 -37.59 -21.20
CA LYS D 161 -13.50 -38.99 -21.21
C LYS D 161 -13.46 -39.70 -19.88
N ASP D 162 -12.79 -39.12 -18.90
CA ASP D 162 -12.67 -39.75 -17.58
C ASP D 162 -13.65 -39.20 -16.61
N GLY D 163 -14.70 -38.59 -17.12
CA GLY D 163 -15.73 -37.97 -16.24
C GLY D 163 -15.35 -36.72 -15.43
N ASN D 164 -14.16 -36.18 -15.63
CA ASN D 164 -13.69 -34.93 -14.98
C ASN D 164 -14.17 -33.67 -15.71
N ASN D 165 -14.67 -32.70 -14.95
CA ASN D 165 -15.16 -31.45 -15.52
C ASN D 165 -14.07 -30.40 -15.55
N TRP D 166 -14.08 -29.61 -16.60
CA TRP D 166 -13.18 -28.50 -16.81
C TRP D 166 -14.01 -27.33 -17.19
N ALA D 167 -13.58 -26.16 -16.72
CA ALA D 167 -14.11 -24.92 -17.12
C ALA D 167 -13.20 -24.37 -18.19
N VAL D 168 -13.80 -23.78 -19.20
CA VAL D 168 -13.07 -23.22 -20.31
C VAL D 168 -13.50 -21.81 -20.47
N ILE D 169 -12.54 -20.91 -20.40
CA ILE D 169 -12.88 -19.47 -20.48
C ILE D 169 -12.15 -18.96 -21.65
N THR D 170 -12.87 -18.28 -22.51
CA THR D 170 -12.34 -17.80 -23.76
C THR D 170 -12.35 -16.26 -23.70
N LEU D 171 -11.19 -15.64 -23.99
CA LEU D 171 -11.05 -14.21 -24.13
C LEU D 171 -10.81 -13.92 -25.61
N ARG D 172 -11.58 -13.05 -26.21
CA ARG D 172 -11.42 -12.75 -27.61
C ARG D 172 -11.43 -11.26 -27.74
N GLY D 173 -10.27 -10.69 -28.04
CA GLY D 173 -10.15 -9.24 -28.11
C GLY D 173 -9.45 -8.86 -29.39
N LYS D 174 -9.82 -7.70 -29.91
CA LYS D 174 -9.26 -7.14 -31.13
C LYS D 174 -7.82 -6.77 -30.90
N TRP D 175 -6.94 -7.11 -31.85
CA TRP D 175 -5.55 -6.69 -31.77
C TRP D 175 -5.44 -5.25 -32.17
N LEU D 176 -4.77 -4.46 -31.35
CA LEU D 176 -4.52 -3.07 -31.63
C LEU D 176 -3.04 -2.82 -31.59
N PRO D 177 -2.47 -2.45 -32.72
CA PRO D 177 -1.07 -2.10 -32.77
C PRO D 177 -0.86 -0.69 -32.28
N TYR D 178 0.30 -0.43 -31.72
CA TYR D 178 0.62 0.91 -31.35
C TYR D 178 0.77 1.71 -32.64
N SER D 179 0.30 2.93 -32.65
CA SER D 179 0.49 3.82 -33.76
C SER D 179 1.92 4.26 -33.95
N ARG D 180 2.21 4.82 -35.10
CA ARG D 180 3.49 5.44 -35.31
C ARG D 180 3.19 6.91 -35.45
N PHE D 181 3.83 7.74 -34.66
CA PHE D 181 3.66 9.18 -34.71
C PHE D 181 4.98 9.91 -34.38
N ASP E 23 30.63 19.70 13.28
CA ASP E 23 29.82 18.61 12.76
C ASP E 23 29.04 19.05 11.55
N ILE E 24 29.46 18.60 10.39
CA ILE E 24 28.84 18.99 9.16
C ILE E 24 28.00 17.87 8.58
N ALA E 25 27.05 18.20 7.73
CA ALA E 25 26.23 17.16 7.09
C ALA E 25 27.09 16.49 6.09
N THR E 26 26.94 15.17 6.02
CA THR E 26 27.65 14.30 5.08
C THR E 26 26.64 13.32 4.54
N LEU E 27 27.05 12.61 3.52
CA LEU E 27 26.19 11.64 2.90
C LEU E 27 26.87 10.29 2.82
N ASP E 28 26.09 9.26 3.14
CA ASP E 28 26.52 7.89 2.96
C ASP E 28 25.48 7.21 2.04
N VAL E 29 25.83 7.00 0.76
CA VAL E 29 24.91 6.41 -0.24
C VAL E 29 24.54 4.93 -0.02
N THR E 30 25.32 4.16 0.74
CA THR E 30 24.88 2.83 1.22
C THR E 30 23.50 2.93 1.85
N GLN E 31 23.25 3.98 2.62
CA GLN E 31 21.94 4.05 3.31
C GLN E 31 20.90 4.95 2.54
N HIS E 32 21.32 5.64 1.50
CA HIS E 32 20.48 6.68 0.91
C HIS E 32 20.58 6.51 -0.58
N PRO E 33 19.77 5.62 -1.15
CA PRO E 33 19.86 5.35 -2.57
C PRO E 33 18.98 6.31 -3.42
N TYR E 34 19.14 6.25 -4.73
CA TYR E 34 18.40 6.94 -5.76
C TYR E 34 18.63 8.43 -5.81
N LEU E 35 19.75 8.88 -5.25
CA LEU E 35 20.19 10.26 -5.46
C LEU E 35 21.04 10.22 -6.73
N PRO E 36 21.20 11.37 -7.38
CA PRO E 36 22.04 11.39 -8.57
C PRO E 36 23.45 11.07 -8.19
N ALA E 37 24.26 10.63 -9.14
CA ALA E 37 25.66 10.35 -8.90
C ALA E 37 26.43 11.56 -8.37
N TYR E 38 26.02 12.77 -8.80
CA TYR E 38 26.68 13.98 -8.40
C TYR E 38 26.52 14.31 -6.90
N SER E 39 25.48 13.80 -6.26
CA SER E 39 25.33 13.99 -4.82
C SER E 39 26.56 13.43 -4.09
N LYS E 40 26.96 12.24 -4.43
CA LYS E 40 28.12 11.63 -3.81
C LYS E 40 29.34 12.50 -4.06
N THR E 41 29.53 12.83 -5.31
CA THR E 41 30.62 13.70 -5.72
C THR E 41 30.69 15.01 -4.92
N LEU E 42 29.61 15.72 -4.82
CA LEU E 42 29.56 16.95 -4.06
C LEU E 42 29.81 16.70 -2.56
N PHE E 43 29.14 15.70 -1.99
CA PHE E 43 29.22 15.46 -0.55
C PHE E 43 30.54 14.98 -0.09
N GLU E 44 31.18 14.12 -0.89
CA GLU E 44 32.57 13.69 -0.60
C GLU E 44 33.51 14.85 -0.56
N ALA E 45 33.43 15.78 -1.49
CA ALA E 45 34.25 17.00 -1.45
C ALA E 45 33.91 17.86 -0.25
N LYS E 46 32.60 17.97 0.04
CA LYS E 46 32.15 18.73 1.23
C LYS E 46 32.82 18.18 2.50
N ALA E 47 32.82 16.85 2.65
CA ALA E 47 33.44 16.18 3.79
C ALA E 47 34.91 16.37 3.79
N ALA E 48 35.56 16.27 2.67
CA ALA E 48 36.99 16.44 2.59
C ALA E 48 37.49 17.81 3.06
N LYS E 49 36.78 18.85 2.69
CA LYS E 49 37.15 20.18 3.03
C LYS E 49 36.49 20.71 4.27
N LYS E 50 35.74 19.87 4.97
CA LYS E 50 35.03 20.25 6.16
C LYS E 50 34.19 21.51 6.01
N LEU E 51 33.44 21.60 4.95
CA LEU E 51 32.60 22.76 4.66
C LEU E 51 31.19 22.58 5.16
N THR E 52 30.63 23.67 5.65
CA THR E 52 29.27 23.72 6.08
C THR E 52 28.45 24.13 4.84
N PHE E 53 27.16 23.91 4.88
CA PHE E 53 26.30 24.44 3.81
C PHE E 53 26.23 25.99 3.75
N GLU E 54 26.36 26.64 4.90
CA GLU E 54 26.51 28.10 4.98
C GLU E 54 27.64 28.68 4.11
N GLU E 55 28.83 28.15 4.25
CA GLU E 55 29.98 28.58 3.47
C GLU E 55 29.76 28.30 1.99
N ILE E 56 29.35 27.06 1.66
CA ILE E 56 29.06 26.74 0.25
C ILE E 56 27.95 27.66 -0.30
N ALA E 57 26.90 27.86 0.45
CA ALA E 57 25.79 28.71 0.05
C ALA E 57 26.24 30.12 -0.25
N LYS E 58 27.06 30.65 0.63
CA LYS E 58 27.62 31.97 0.46
C LYS E 58 28.43 32.08 -0.83
N LYS E 59 29.25 31.09 -1.09
CA LYS E 59 30.05 31.01 -2.28
C LYS E 59 29.26 30.97 -3.57
N ILE E 60 28.15 30.27 -3.60
CA ILE E 60 27.35 30.21 -4.81
C ILE E 60 26.27 31.31 -4.98
N GLY E 61 25.99 32.06 -3.93
CA GLY E 61 24.96 33.08 -3.99
C GLY E 61 23.53 32.57 -3.96
N ARG E 62 23.33 31.53 -3.20
CA ARG E 62 22.01 30.94 -2.99
C ARG E 62 21.84 30.67 -1.53
N ASN E 63 20.59 30.58 -1.11
CA ASN E 63 20.37 30.26 0.27
C ASN E 63 20.79 28.86 0.71
N GLU E 64 21.02 28.71 1.99
CA GLU E 64 21.42 27.43 2.55
C GLU E 64 20.54 26.25 2.22
N VAL E 65 19.24 26.40 2.37
CA VAL E 65 18.29 25.36 2.07
C VAL E 65 18.37 24.94 0.58
N ALA E 66 18.34 25.89 -0.31
CA ALA E 66 18.53 25.71 -1.74
C ALA E 66 19.77 24.98 -2.04
N THR E 67 20.85 25.30 -1.33
CA THR E 67 22.12 24.73 -1.63
C THR E 67 22.15 23.29 -1.19
N ALA E 68 21.61 23.02 -0.02
CA ALA E 68 21.50 21.64 0.41
C ALA E 68 20.57 20.87 -0.53
N ALA E 69 19.47 21.51 -0.99
CA ALA E 69 18.53 20.84 -1.86
C ALA E 69 19.26 20.34 -3.10
N LEU E 70 20.03 21.24 -3.67
CA LEU E 70 20.90 20.94 -4.79
C LEU E 70 21.80 19.78 -4.53
N PHE E 71 22.44 19.74 -3.36
CA PHE E 71 23.26 18.55 -3.00
C PHE E 71 22.46 17.21 -3.03
N TYR E 72 21.15 17.26 -2.77
CA TYR E 72 20.33 16.04 -2.64
C TYR E 72 19.60 15.78 -3.93
N GLY E 73 20.00 16.49 -4.98
CA GLY E 73 19.44 16.27 -6.27
C GLY E 73 18.11 16.98 -6.53
N GLN E 74 17.79 17.96 -5.71
CA GLN E 74 16.45 18.52 -5.74
C GLN E 74 16.42 19.97 -6.25
N ALA E 75 17.43 20.36 -6.99
CA ALA E 75 17.55 21.73 -7.57
C ALA E 75 18.52 21.59 -8.67
N LYS E 76 18.62 22.60 -9.49
CA LYS E 76 19.41 22.62 -10.68
C LYS E 76 20.49 23.68 -10.47
N ALA E 77 21.72 23.34 -10.75
CA ALA E 77 22.82 24.28 -10.64
C ALA E 77 22.84 25.08 -11.91
N SER E 78 22.95 26.40 -11.83
CA SER E 78 23.26 27.22 -13.03
C SER E 78 24.72 27.07 -13.45
N PRO E 79 25.08 27.65 -14.65
CA PRO E 79 26.46 27.57 -15.05
C PRO E 79 27.39 28.27 -14.05
N GLU E 80 26.96 29.39 -13.49
CA GLU E 80 27.75 30.02 -12.43
C GLU E 80 27.82 29.17 -11.14
N ASP E 81 26.70 28.53 -10.75
CA ASP E 81 26.73 27.58 -9.62
C ASP E 81 27.78 26.53 -9.86
N ILE E 82 27.79 25.97 -11.07
CA ILE E 82 28.79 24.95 -11.36
C ILE E 82 30.23 25.50 -11.15
N LYS E 83 30.53 26.68 -11.67
CA LYS E 83 31.91 27.24 -11.55
C LYS E 83 32.26 27.50 -10.11
N ASN E 84 31.28 28.06 -9.39
CA ASN E 84 31.52 28.40 -8.00
C ASN E 84 31.66 27.16 -7.12
N LEU E 85 30.91 26.10 -7.41
CA LEU E 85 30.98 24.86 -6.68
C LEU E 85 32.32 24.21 -6.91
N SER E 86 32.74 24.26 -8.15
CA SER E 86 33.97 23.71 -8.59
C SER E 86 35.13 24.33 -7.83
N SER E 87 35.10 25.63 -7.73
CA SER E 87 36.11 26.37 -7.05
C SER E 87 36.13 26.07 -5.54
N VAL E 88 35.00 26.15 -4.88
CA VAL E 88 34.94 25.88 -3.46
C VAL E 88 35.13 24.43 -3.04
N LEU E 89 34.74 23.48 -3.86
CA LEU E 89 34.83 22.08 -3.51
C LEU E 89 36.09 21.42 -4.06
N GLY E 90 36.80 22.12 -4.95
CA GLY E 90 37.98 21.58 -5.61
C GLY E 90 37.70 20.44 -6.58
N ILE E 91 36.63 20.57 -7.34
CA ILE E 91 36.25 19.60 -8.32
C ILE E 91 36.29 20.29 -9.67
N PRO E 92 36.94 19.69 -10.64
CA PRO E 92 37.04 20.31 -11.94
C PRO E 92 35.70 20.62 -12.56
N VAL E 93 35.61 21.78 -13.15
CA VAL E 93 34.42 22.28 -13.80
C VAL E 93 33.84 21.29 -14.79
N ALA E 94 34.66 20.70 -15.63
CA ALA E 94 34.22 19.72 -16.60
C ALA E 94 33.60 18.49 -15.95
N VAL E 95 34.20 17.96 -14.92
CA VAL E 95 33.59 16.85 -14.20
C VAL E 95 32.19 17.20 -13.65
N LEU E 96 32.08 18.33 -12.93
CA LEU E 96 30.76 18.75 -12.46
C LEU E 96 29.72 18.97 -13.55
N GLU E 97 30.13 19.63 -14.65
CA GLU E 97 29.24 19.82 -15.79
C GLU E 97 28.74 18.51 -16.36
N SER E 98 29.63 17.52 -16.47
CA SER E 98 29.23 16.21 -17.00
C SER E 98 28.24 15.49 -16.05
N GLN E 99 28.23 15.79 -14.76
CA GLN E 99 27.36 15.09 -13.80
C GLN E 99 26.12 15.90 -13.45
N MET E 100 26.14 17.22 -13.70
CA MET E 100 25.10 18.08 -13.16
C MET E 100 24.28 18.71 -14.25
N SER E 101 24.38 18.22 -15.46
CA SER E 101 23.63 18.79 -16.57
C SER E 101 22.24 18.17 -16.62
N GLY E 102 21.44 18.69 -17.52
CA GLY E 102 20.09 18.28 -17.68
C GLY E 102 19.25 18.87 -16.57
N PHE E 103 18.13 18.26 -16.34
CA PHE E 103 17.19 18.76 -15.41
C PHE E 103 17.00 17.85 -14.23
N PRO E 104 16.82 18.44 -13.07
CA PRO E 104 16.57 17.64 -11.87
C PRO E 104 15.33 16.74 -12.02
N ASP E 105 15.44 15.56 -11.44
CA ASP E 105 14.37 14.61 -11.38
C ASP E 105 13.99 14.49 -9.91
N ARG E 106 13.31 15.49 -9.43
CA ARG E 106 12.89 15.69 -8.05
C ARG E 106 11.93 14.70 -7.41
N GLY E 107 12.13 14.47 -6.15
CA GLY E 107 11.19 13.73 -5.34
C GLY E 107 11.59 12.35 -4.87
N ARG E 108 12.73 11.83 -5.28
CA ARG E 108 13.17 10.49 -4.86
C ARG E 108 13.96 10.43 -3.52
N SER E 109 14.35 11.56 -2.95
CA SER E 109 15.22 11.56 -1.78
C SER E 109 14.51 11.23 -0.49
N VAL E 110 13.23 11.45 -0.44
CA VAL E 110 12.46 11.13 0.72
C VAL E 110 11.41 10.06 0.46
N GLU E 111 11.58 8.89 1.01
CA GLU E 111 10.62 7.83 0.89
C GLU E 111 9.38 8.16 1.78
N MET E 112 8.20 8.24 1.19
CA MET E 112 7.01 8.53 1.95
C MET E 112 6.34 7.33 2.55
N PRO E 113 5.71 7.45 3.71
CA PRO E 113 5.89 8.54 4.69
C PRO E 113 7.29 8.55 5.29
N PRO E 114 7.77 9.72 5.61
CA PRO E 114 9.15 9.78 6.06
C PRO E 114 9.37 9.00 7.35
N LYS E 115 10.51 8.35 7.46
CA LYS E 115 10.86 7.61 8.68
C LYS E 115 11.87 8.38 9.53
N GLU E 116 12.60 9.32 8.94
CA GLU E 116 13.52 10.13 9.71
C GLU E 116 12.72 11.09 10.59
N PRO E 117 12.96 11.06 11.92
CA PRO E 117 12.12 11.80 12.81
C PRO E 117 11.98 13.26 12.56
N LEU E 118 13.07 13.96 12.30
CA LEU E 118 13.01 15.40 11.96
C LEU E 118 12.05 15.67 10.77
N ILE E 119 12.21 14.89 9.73
CA ILE E 119 11.39 15.06 8.53
C ILE E 119 9.97 14.62 8.81
N TYR E 120 9.79 13.54 9.54
CA TYR E 120 8.45 13.15 9.93
C TYR E 120 7.67 14.28 10.63
N ARG E 121 8.33 15.08 11.48
CA ARG E 121 7.62 16.15 12.15
C ARG E 121 7.05 17.14 11.15
N LEU E 122 7.74 17.39 10.04
CA LEU E 122 7.21 18.32 9.04
C LEU E 122 6.00 17.70 8.33
N TYR E 123 6.09 16.39 8.11
CA TYR E 123 4.97 15.66 7.56
C TYR E 123 3.80 15.68 8.51
N GLU E 124 4.06 15.51 9.80
CA GLU E 124 2.95 15.61 10.79
C GLU E 124 2.28 16.98 10.83
N ILE E 125 3.08 18.03 10.64
CA ILE E 125 2.57 19.40 10.50
C ILE E 125 1.56 19.51 9.36
N VAL E 126 1.90 18.97 8.21
CA VAL E 126 1.02 18.93 7.07
C VAL E 126 -0.24 18.15 7.37
N GLN E 127 -0.07 17.00 8.00
CA GLN E 127 -1.19 16.21 8.44
C GLN E 127 -2.15 16.95 9.39
N ASN E 128 -1.64 17.50 10.49
CA ASN E 128 -2.47 18.14 11.49
C ASN E 128 -2.90 19.59 11.17
N TYR E 129 -2.18 20.29 10.28
CA TYR E 129 -2.58 21.62 9.92
C TYR E 129 -3.07 21.82 8.48
N GLY E 130 -3.03 20.77 7.67
CA GLY E 130 -3.39 20.83 6.26
C GLY E 130 -4.67 21.57 5.97
N TYR E 131 -5.77 21.05 6.51
CA TYR E 131 -7.05 21.67 6.28
C TYR E 131 -7.13 23.03 6.95
N ALA E 132 -6.43 23.24 8.08
CA ALA E 132 -6.39 24.55 8.70
C ALA E 132 -5.79 25.57 7.79
N TYR E 133 -4.65 25.22 7.22
CA TYR E 133 -3.95 26.12 6.33
C TYR E 133 -4.83 26.40 5.12
N LYS E 134 -5.47 25.37 4.57
CA LYS E 134 -6.29 25.57 3.39
C LYS E 134 -7.43 26.53 3.69
N ALA E 135 -8.08 26.35 4.83
CA ALA E 135 -9.19 27.25 5.19
C ALA E 135 -8.72 28.70 5.36
N VAL E 136 -7.58 28.92 6.01
CA VAL E 136 -7.11 30.28 6.19
C VAL E 136 -6.63 30.86 4.89
N LEU E 137 -5.96 30.06 4.07
CA LEU E 137 -5.51 30.57 2.78
C LEU E 137 -6.73 30.88 1.92
N ASN E 138 -7.72 29.99 1.95
CA ASN E 138 -8.92 30.19 1.15
C ASN E 138 -9.62 31.51 1.55
N GLU E 139 -9.77 31.77 2.86
CA GLU E 139 -10.39 33.02 3.30
C GLU E 139 -9.59 34.26 2.95
N LYS E 140 -8.25 34.15 2.88
CA LYS E 140 -7.40 35.28 2.54
C LYS E 140 -7.25 35.50 1.06
N PHE E 141 -7.16 34.43 0.32
CA PHE E 141 -6.81 34.58 -1.12
C PHE E 141 -7.92 34.05 -2.03
N GLY E 142 -8.85 33.23 -1.57
CA GLY E 142 -9.80 32.55 -2.50
C GLY E 142 -9.40 31.12 -2.89
N ASP E 143 -10.03 30.60 -3.92
CA ASP E 143 -9.81 29.24 -4.44
C ASP E 143 -8.49 29.20 -5.20
N GLY E 144 -7.57 28.37 -4.73
CA GLY E 144 -6.24 28.28 -5.35
C GLY E 144 -5.25 27.45 -4.54
N ILE E 145 -3.96 27.60 -4.86
CA ILE E 145 -2.89 27.01 -4.11
C ILE E 145 -1.78 28.03 -3.86
N MET E 146 -0.97 27.71 -2.87
CA MET E 146 0.33 28.33 -2.72
C MET E 146 1.28 27.47 -3.51
N SER E 147 2.00 28.07 -4.43
CA SER E 147 2.93 27.34 -5.28
C SER E 147 4.09 26.80 -4.48
N ALA E 148 4.55 25.65 -4.87
CA ALA E 148 5.75 25.01 -4.39
C ALA E 148 6.86 25.16 -5.45
N ILE E 149 6.56 25.83 -6.56
CA ILE E 149 7.48 26.02 -7.67
C ILE E 149 8.00 27.46 -7.71
N SER E 150 7.10 28.39 -7.78
CA SER E 150 7.39 29.78 -7.69
C SER E 150 7.35 29.97 -6.15
N PHE E 151 8.50 29.77 -5.51
CA PHE E 151 8.57 29.60 -4.10
C PHE E 151 9.98 29.64 -3.57
N SER E 152 10.12 30.02 -2.33
CA SER E 152 11.43 29.99 -1.67
C SER E 152 11.17 29.64 -0.23
N THR E 153 12.24 29.28 0.46
CA THR E 153 12.12 28.87 1.85
C THR E 153 13.41 29.12 2.53
N SER E 154 13.34 29.38 3.84
CA SER E 154 14.55 29.57 4.64
C SER E 154 14.39 28.98 6.02
N VAL E 155 15.53 28.73 6.67
CA VAL E 155 15.61 28.31 8.03
C VAL E 155 16.33 29.37 8.88
N ASP E 156 15.70 29.75 9.97
CA ASP E 156 16.31 30.67 10.95
C ASP E 156 16.31 30.05 12.36
N LYS E 157 17.15 30.62 13.21
CA LYS E 157 17.31 30.20 14.61
C LYS E 157 16.88 31.38 15.49
N GLU E 158 16.00 31.13 16.47
CA GLU E 158 15.65 32.08 17.55
C GLU E 158 16.04 31.43 18.88
N THR E 159 16.34 32.25 19.85
CA THR E 159 16.64 31.78 21.18
C THR E 159 15.81 32.66 22.05
N ASP E 160 14.94 32.08 22.86
CA ASP E 160 14.09 32.87 23.72
C ASP E 160 14.66 33.25 25.08
N LYS E 161 13.82 33.90 25.88
CA LYS E 161 14.17 34.37 27.24
C LYS E 161 14.82 33.36 28.09
N ASP E 162 14.28 32.16 28.12
CA ASP E 162 14.88 31.13 28.94
C ASP E 162 16.01 30.50 28.21
N GLY E 163 16.48 31.07 27.12
CA GLY E 163 17.56 30.36 26.37
C GLY E 163 17.24 29.01 25.68
N ASN E 164 15.98 28.78 25.32
CA ASN E 164 15.64 27.66 24.44
C ASN E 164 15.81 28.08 23.01
N ASN E 165 16.40 27.20 22.23
CA ASN E 165 16.39 27.39 20.79
C ASN E 165 15.11 26.93 20.08
N TRP E 166 14.71 27.72 19.08
CA TRP E 166 13.59 27.42 18.20
C TRP E 166 14.10 27.49 16.80
N ALA E 167 13.59 26.60 15.95
CA ALA E 167 13.82 26.62 14.54
C ALA E 167 12.62 27.27 13.85
N VAL E 168 12.89 28.23 12.97
CA VAL E 168 11.84 28.92 12.21
C VAL E 168 12.00 28.53 10.75
N ILE E 169 11.00 27.83 10.19
CA ILE E 169 11.01 27.57 8.77
C ILE E 169 9.92 28.46 8.09
N THR E 170 10.32 29.18 7.06
CA THR E 170 9.46 30.06 6.35
C THR E 170 9.23 29.47 4.96
N LEU E 171 7.97 29.38 4.55
CA LEU E 171 7.54 28.98 3.24
C LEU E 171 6.92 30.19 2.56
N ARG E 172 7.42 30.58 1.38
CA ARG E 172 6.88 31.74 0.65
C ARG E 172 6.64 31.33 -0.78
N GLY E 173 5.39 31.17 -1.14
CA GLY E 173 5.03 30.68 -2.47
C GLY E 173 3.98 31.60 -3.07
N LYS E 174 4.02 31.72 -4.38
CA LYS E 174 3.12 32.57 -5.14
C LYS E 174 1.70 32.03 -5.07
N TRP E 175 0.74 32.91 -4.93
CA TRP E 175 -0.64 32.49 -4.94
C TRP E 175 -1.13 32.38 -6.37
N LEU E 176 -1.70 31.24 -6.69
CA LEU E 176 -2.27 30.92 -7.96
C LEU E 176 -3.71 30.50 -7.85
N PRO E 177 -4.60 31.32 -8.40
CA PRO E 177 -6.01 30.96 -8.40
C PRO E 177 -6.33 30.02 -9.54
N TYR E 178 -7.36 29.23 -9.37
CA TYR E 178 -7.86 28.37 -10.40
C TYR E 178 -8.43 29.26 -11.49
N SER E 179 -8.17 28.92 -12.72
CA SER E 179 -8.70 29.65 -13.83
C SER E 179 -10.20 29.46 -14.04
N ARG E 180 -10.81 30.41 -14.68
CA ARG E 180 -12.18 30.28 -15.13
C ARG E 180 -12.08 30.05 -16.62
N PHE E 181 -12.55 28.91 -17.09
CA PHE E 181 -12.50 28.54 -18.51
C PHE E 181 -13.77 27.94 -19.11
N ASP F 23 20.66 23.88 -22.87
CA ASP F 23 20.19 22.96 -21.80
C ASP F 23 19.24 21.85 -22.24
N ILE F 24 19.76 20.64 -22.32
CA ILE F 24 19.12 19.55 -23.02
C ILE F 24 18.82 18.46 -22.00
N ALA F 25 17.86 17.60 -22.30
CA ALA F 25 17.51 16.54 -21.34
C ALA F 25 18.60 15.48 -21.25
N THR F 26 18.93 15.07 -20.04
CA THR F 26 19.90 14.00 -19.84
C THR F 26 19.32 12.91 -18.97
N LEU F 27 20.06 11.83 -18.77
CA LEU F 27 19.67 10.71 -17.92
C LEU F 27 20.78 10.29 -17.07
N ASP F 28 20.50 10.10 -15.79
CA ASP F 28 21.44 9.52 -14.85
C ASP F 28 20.77 8.27 -14.25
N VAL F 29 21.24 7.09 -14.64
CA VAL F 29 20.61 5.83 -14.21
C VAL F 29 20.80 5.53 -12.76
N THR F 30 21.72 6.22 -12.12
CA THR F 30 21.96 6.12 -10.69
C THR F 30 20.67 6.43 -9.96
N GLN F 31 19.94 7.38 -10.47
CA GLN F 31 18.70 7.80 -9.90
C GLN F 31 17.44 7.30 -10.61
N HIS F 32 17.58 6.67 -11.75
CA HIS F 32 16.45 6.19 -12.53
C HIS F 32 16.58 4.73 -12.92
N PRO F 33 16.22 3.84 -12.03
CA PRO F 33 16.34 2.41 -12.30
C PRO F 33 15.24 1.79 -13.20
N TYR F 34 15.51 0.60 -13.67
CA TYR F 34 14.52 -0.21 -14.39
C TYR F 34 14.19 0.30 -15.80
N LEU F 35 15.08 1.13 -16.36
CA LEU F 35 15.02 1.47 -17.76
C LEU F 35 15.81 0.40 -18.54
N PRO F 36 15.50 0.19 -19.84
CA PRO F 36 16.37 -0.75 -20.57
C PRO F 36 17.82 -0.26 -20.67
N ALA F 37 18.82 -1.16 -20.76
CA ALA F 37 20.25 -0.79 -20.95
C ALA F 37 20.38 0.26 -22.09
N TYR F 38 19.63 0.10 -23.14
CA TYR F 38 19.60 1.02 -24.25
C TYR F 38 19.31 2.50 -23.92
N SER F 39 18.58 2.77 -22.84
CA SER F 39 18.29 4.15 -22.44
C SER F 39 19.60 4.88 -22.07
N LYS F 40 20.47 4.19 -21.36
CA LYS F 40 21.76 4.74 -21.04
C LYS F 40 22.60 5.03 -22.29
N THR F 41 22.70 4.05 -23.18
CA THR F 41 23.46 4.17 -24.44
C THR F 41 22.94 5.36 -25.31
N LEU F 42 21.62 5.47 -25.50
CA LEU F 42 21.08 6.55 -26.30
C LEU F 42 21.37 7.88 -25.65
N PHE F 43 21.11 7.96 -24.33
CA PHE F 43 21.20 9.23 -23.62
C PHE F 43 22.61 9.74 -23.49
N GLU F 44 23.54 8.83 -23.29
CA GLU F 44 24.96 9.18 -23.30
C GLU F 44 25.46 9.78 -24.65
N ALA F 45 25.04 9.21 -25.76
CA ALA F 45 25.33 9.73 -27.06
C ALA F 45 24.61 11.07 -27.32
N LYS F 46 23.38 11.20 -26.82
CA LYS F 46 22.65 12.45 -26.92
C LYS F 46 23.44 13.55 -26.19
N ALA F 47 23.98 13.24 -25.05
CA ALA F 47 24.76 14.18 -24.28
C ALA F 47 26.11 14.48 -24.94
N ALA F 48 26.78 13.47 -25.42
CA ALA F 48 28.03 13.65 -26.10
C ALA F 48 27.92 14.62 -27.30
N LYS F 49 26.86 14.51 -28.08
CA LYS F 49 26.67 15.40 -29.22
C LYS F 49 25.83 16.60 -28.95
N LYS F 50 25.49 16.83 -27.69
CA LYS F 50 24.65 17.93 -27.29
C LYS F 50 23.39 18.12 -28.15
N LEU F 51 22.67 17.05 -28.40
CA LEU F 51 21.49 17.12 -29.22
C LEU F 51 20.20 17.29 -28.45
N THR F 52 19.26 18.00 -29.02
CA THR F 52 17.96 18.14 -28.44
C THR F 52 17.04 17.01 -28.99
N PHE F 53 15.95 16.71 -28.32
CA PHE F 53 15.00 15.80 -28.88
C PHE F 53 14.40 16.31 -30.18
N GLU F 54 14.22 17.62 -30.34
CA GLU F 54 13.76 18.18 -31.62
C GLU F 54 14.68 17.69 -32.77
N GLU F 55 16.00 17.79 -32.59
CA GLU F 55 16.90 17.43 -33.65
C GLU F 55 16.82 15.94 -33.92
N ILE F 56 16.86 15.14 -32.85
CA ILE F 56 16.81 13.69 -33.03
C ILE F 56 15.49 13.28 -33.71
N ALA F 57 14.39 13.84 -33.24
CA ALA F 57 13.07 13.55 -33.75
C ALA F 57 12.95 13.85 -35.25
N LYS F 58 13.49 14.98 -35.65
CA LYS F 58 13.47 15.37 -37.03
C LYS F 58 14.24 14.40 -37.91
N LYS F 59 15.37 13.95 -37.44
CA LYS F 59 16.21 13.02 -38.12
C LYS F 59 15.57 11.65 -38.26
N ILE F 60 14.93 11.16 -37.22
CA ILE F 60 14.24 9.89 -37.34
C ILE F 60 12.82 9.96 -37.91
N GLY F 61 12.31 11.14 -38.15
CA GLY F 61 10.98 11.25 -38.66
C GLY F 61 9.88 10.86 -37.70
N ARG F 62 10.12 11.03 -36.43
CA ARG F 62 9.10 10.82 -35.43
C ARG F 62 8.91 12.11 -34.66
N ASN F 63 7.81 12.18 -33.97
CA ASN F 63 7.53 13.33 -33.18
C ASN F 63 8.39 13.39 -31.91
N GLU F 64 8.66 14.59 -31.44
CA GLU F 64 9.47 14.85 -30.26
C GLU F 64 9.15 13.99 -29.03
N VAL F 65 7.89 13.96 -28.64
CA VAL F 65 7.40 13.19 -27.54
C VAL F 65 7.62 11.70 -27.73
N ALA F 66 7.30 11.21 -28.91
CA ALA F 66 7.53 9.80 -29.27
C ALA F 66 8.98 9.41 -29.16
N THR F 67 9.85 10.32 -29.57
CA THR F 67 11.27 10.10 -29.60
C THR F 67 11.81 10.07 -28.19
N ALA F 68 11.32 10.99 -27.39
CA ALA F 68 11.72 11.00 -25.99
C ALA F 68 11.23 9.71 -25.28
N ALA F 69 9.99 9.31 -25.52
CA ALA F 69 9.45 8.07 -24.99
C ALA F 69 10.29 6.87 -25.32
N LEU F 70 10.65 6.82 -26.59
CA LEU F 70 11.61 5.80 -27.06
C LEU F 70 12.88 5.75 -26.24
N PHE F 71 13.48 6.90 -26.01
CA PHE F 71 14.68 6.91 -25.17
C PHE F 71 14.47 6.35 -23.73
N TYR F 72 13.27 6.52 -23.18
CA TYR F 72 12.92 6.03 -21.85
C TYR F 72 12.33 4.60 -21.84
N GLY F 73 12.40 3.90 -22.96
CA GLY F 73 12.02 2.50 -23.02
C GLY F 73 10.58 2.32 -23.30
N GLN F 74 9.88 3.39 -23.67
CA GLN F 74 8.46 3.37 -23.77
C GLN F 74 7.93 3.31 -25.17
N ALA F 75 8.81 3.00 -26.12
CA ALA F 75 8.41 2.87 -27.55
C ALA F 75 9.28 1.89 -28.30
N LYS F 76 8.85 1.46 -29.48
CA LYS F 76 9.67 0.53 -30.26
C LYS F 76 10.31 1.25 -31.43
N ALA F 77 11.59 1.02 -31.56
CA ALA F 77 12.33 1.53 -32.73
C ALA F 77 12.11 0.63 -33.92
N SER F 78 11.57 1.14 -35.01
CA SER F 78 11.57 0.43 -36.31
C SER F 78 13.00 0.27 -36.85
N PRO F 79 13.20 -0.64 -37.83
CA PRO F 79 14.55 -0.81 -38.44
C PRO F 79 15.11 0.49 -39.01
N GLU F 80 14.26 1.30 -39.63
CA GLU F 80 14.68 2.64 -40.06
C GLU F 80 15.11 3.58 -38.90
N ASP F 81 14.35 3.61 -37.80
CA ASP F 81 14.70 4.34 -36.60
C ASP F 81 16.08 3.94 -36.08
N ILE F 82 16.31 2.66 -35.94
CA ILE F 82 17.64 2.13 -35.56
C ILE F 82 18.79 2.63 -36.43
N LYS F 83 18.61 2.60 -37.75
CA LYS F 83 19.59 3.21 -38.70
C LYS F 83 19.74 4.67 -38.48
N ASN F 84 18.62 5.40 -38.39
CA ASN F 84 18.72 6.84 -38.25
C ASN F 84 19.27 7.25 -36.88
N LEU F 85 18.93 6.48 -35.86
CA LEU F 85 19.45 6.72 -34.53
C LEU F 85 20.96 6.52 -34.51
N SER F 86 21.42 5.49 -35.17
CA SER F 86 22.82 5.15 -35.24
C SER F 86 23.60 6.28 -35.90
N SER F 87 23.06 6.79 -36.97
CA SER F 87 23.68 7.84 -37.69
C SER F 87 23.76 9.15 -36.94
N VAL F 88 22.64 9.60 -36.40
CA VAL F 88 22.60 10.84 -35.71
C VAL F 88 23.30 10.81 -34.36
N LEU F 89 23.40 9.67 -33.74
CA LEU F 89 24.04 9.58 -32.45
C LEU F 89 25.42 9.00 -32.50
N GLY F 90 25.82 8.49 -33.65
CA GLY F 90 27.16 7.86 -33.76
C GLY F 90 27.36 6.59 -32.93
N ILE F 91 26.34 5.76 -32.88
CA ILE F 91 26.45 4.45 -32.22
C ILE F 91 26.42 3.43 -33.35
N PRO F 92 27.32 2.45 -33.35
CA PRO F 92 27.24 1.44 -34.43
C PRO F 92 25.84 0.73 -34.49
N VAL F 93 25.29 0.66 -35.68
CA VAL F 93 24.02 0.02 -35.90
C VAL F 93 23.93 -1.38 -35.24
N ALA F 94 24.99 -2.19 -35.27
CA ALA F 94 24.97 -3.46 -34.52
C ALA F 94 24.76 -3.37 -32.97
N VAL F 95 25.31 -2.34 -32.31
CA VAL F 95 25.06 -2.13 -30.89
C VAL F 95 23.58 -1.86 -30.62
N LEU F 96 22.99 -0.98 -31.40
CA LEU F 96 21.61 -0.63 -31.28
C LEU F 96 20.70 -1.80 -31.61
N GLU F 97 21.00 -2.55 -32.66
CA GLU F 97 20.18 -3.72 -32.99
C GLU F 97 20.14 -4.73 -31.87
N SER F 98 21.24 -4.96 -31.20
CA SER F 98 21.24 -5.88 -30.11
C SER F 98 20.61 -5.33 -28.84
N GLN F 99 20.69 -4.04 -28.61
CA GLN F 99 20.17 -3.52 -27.35
C GLN F 99 18.70 -3.23 -27.42
N MET F 100 18.23 -2.89 -28.62
CA MET F 100 16.87 -2.41 -28.87
C MET F 100 16.02 -3.47 -29.54
N SER F 101 16.47 -4.71 -29.54
CA SER F 101 15.69 -5.80 -30.10
C SER F 101 14.48 -6.08 -29.17
N GLY F 102 13.52 -6.82 -29.71
CA GLY F 102 12.36 -7.26 -28.98
C GLY F 102 11.33 -6.17 -28.84
N PHE F 103 10.48 -6.34 -27.89
CA PHE F 103 9.38 -5.45 -27.71
C PHE F 103 9.46 -4.67 -26.42
N PRO F 104 9.03 -3.45 -26.46
CA PRO F 104 9.04 -2.63 -25.26
C PRO F 104 8.19 -3.25 -24.13
N ASP F 105 8.68 -3.06 -22.92
CA ASP F 105 8.08 -3.48 -21.68
C ASP F 105 7.74 -2.21 -20.91
N ARG F 106 6.79 -1.49 -21.48
CA ARG F 106 6.29 -0.22 -21.04
C ARG F 106 5.77 -0.13 -19.62
N GLY F 107 5.97 1.02 -19.01
CA GLY F 107 5.42 1.29 -17.73
C GLY F 107 6.24 1.36 -16.50
N ARG F 108 7.52 1.10 -16.58
CA ARG F 108 8.41 1.13 -15.45
C ARG F 108 9.13 2.45 -15.21
N SER F 109 9.07 3.38 -16.14
CA SER F 109 9.76 4.64 -16.02
C SER F 109 9.22 5.58 -14.93
N VAL F 110 7.96 5.48 -14.61
CA VAL F 110 7.34 6.33 -13.64
C VAL F 110 6.78 5.53 -12.46
N GLU F 111 7.31 5.76 -11.27
CA GLU F 111 6.82 5.10 -10.08
C GLU F 111 5.54 5.85 -9.69
N MET F 112 4.47 5.12 -9.49
CA MET F 112 3.20 5.71 -9.16
C MET F 112 2.98 5.69 -7.67
N PRO F 113 2.35 6.70 -7.13
CA PRO F 113 2.13 8.03 -7.76
C PRO F 113 3.43 8.79 -8.09
N PRO F 114 3.42 9.62 -9.12
CA PRO F 114 4.66 10.33 -9.49
C PRO F 114 5.16 11.26 -8.42
N LYS F 115 6.46 11.29 -8.23
CA LYS F 115 7.09 12.17 -7.26
C LYS F 115 7.65 13.44 -7.95
N GLU F 116 8.01 13.34 -9.22
CA GLU F 116 8.56 14.48 -9.99
C GLU F 116 7.41 15.52 -10.21
N PRO F 117 7.63 16.74 -9.75
CA PRO F 117 6.48 17.65 -9.74
C PRO F 117 5.76 17.85 -11.08
N LEU F 118 6.52 17.97 -12.16
CA LEU F 118 5.93 18.23 -13.48
C LEU F 118 5.01 17.11 -13.83
N ILE F 119 5.50 15.90 -13.61
CA ILE F 119 4.73 14.68 -13.94
C ILE F 119 3.55 14.56 -12.96
N TYR F 120 3.76 14.91 -11.68
CA TYR F 120 2.67 14.90 -10.69
C TYR F 120 1.50 15.74 -11.15
N ARG F 121 1.75 16.89 -11.77
CA ARG F 121 0.67 17.74 -12.20
C ARG F 121 -0.17 17.05 -13.25
N LEU F 122 0.43 16.21 -14.09
CA LEU F 122 -0.37 15.47 -15.09
C LEU F 122 -1.31 14.47 -14.43
N TYR F 123 -0.78 13.84 -13.40
CA TYR F 123 -1.53 12.93 -12.55
C TYR F 123 -2.66 13.63 -11.77
N GLU F 124 -2.39 14.83 -11.26
CA GLU F 124 -3.41 15.62 -10.56
C GLU F 124 -4.54 15.97 -11.54
N ILE F 125 -4.20 16.23 -12.80
CA ILE F 125 -5.25 16.46 -13.80
C ILE F 125 -6.11 15.25 -14.01
N VAL F 126 -5.54 14.06 -14.08
CA VAL F 126 -6.35 12.85 -14.27
C VAL F 126 -7.28 12.69 -13.10
N GLN F 127 -6.74 12.93 -11.91
CA GLN F 127 -7.46 12.86 -10.68
C GLN F 127 -8.60 13.86 -10.63
N ASN F 128 -8.30 15.11 -10.89
CA ASN F 128 -9.32 16.10 -10.75
C ASN F 128 -10.31 16.21 -11.94
N TYR F 129 -9.91 15.68 -13.09
CA TYR F 129 -10.75 15.78 -14.28
C TYR F 129 -11.22 14.46 -14.79
N GLY F 130 -10.76 13.37 -14.17
CA GLY F 130 -11.06 12.08 -14.72
C GLY F 130 -12.53 11.80 -15.03
N TYR F 131 -13.36 11.96 -14.02
CA TYR F 131 -14.81 11.74 -14.18
C TYR F 131 -15.44 12.81 -15.09
N ALA F 132 -14.89 14.04 -15.09
CA ALA F 132 -15.32 15.10 -16.01
C ALA F 132 -15.04 14.68 -17.45
N TYR F 133 -13.82 14.23 -17.74
CA TYR F 133 -13.51 13.76 -19.06
C TYR F 133 -14.46 12.59 -19.41
N LYS F 134 -14.64 11.63 -18.49
CA LYS F 134 -15.49 10.52 -18.82
C LYS F 134 -16.91 10.97 -19.16
N ALA F 135 -17.45 11.91 -18.38
CA ALA F 135 -18.81 12.33 -18.56
C ALA F 135 -18.96 12.99 -19.92
N VAL F 136 -18.01 13.82 -20.28
CA VAL F 136 -18.09 14.56 -21.56
C VAL F 136 -17.82 13.62 -22.71
N LEU F 137 -16.83 12.73 -22.58
CA LEU F 137 -16.61 11.73 -23.60
C LEU F 137 -17.82 10.84 -23.81
N ASN F 138 -18.44 10.38 -22.73
CA ASN F 138 -19.56 9.52 -22.81
C ASN F 138 -20.75 10.24 -23.51
N GLU F 139 -21.00 11.50 -23.18
CA GLU F 139 -22.11 12.22 -23.87
C GLU F 139 -21.83 12.40 -25.37
N LYS F 140 -20.56 12.55 -25.75
CA LYS F 140 -20.20 12.78 -27.16
C LYS F 140 -20.07 11.52 -27.98
N PHE F 141 -19.54 10.42 -27.40
CA PHE F 141 -19.22 9.19 -28.12
C PHE F 141 -19.99 7.98 -27.67
N GLY F 142 -20.56 8.00 -26.48
CA GLY F 142 -21.22 6.80 -25.90
C GLY F 142 -20.30 6.03 -24.94
N ASP F 143 -20.60 4.79 -24.71
CA ASP F 143 -19.91 3.94 -23.77
C ASP F 143 -18.63 3.39 -24.45
N GLY F 144 -17.48 3.68 -23.91
CA GLY F 144 -16.22 3.23 -24.53
C GLY F 144 -15.04 3.90 -23.86
N ILE F 145 -13.91 3.94 -24.57
CA ILE F 145 -12.72 4.59 -24.11
C ILE F 145 -12.06 5.36 -25.24
N MET F 146 -11.20 6.28 -24.86
CA MET F 146 -10.21 6.82 -25.74
C MET F 146 -8.97 5.97 -25.58
N SER F 147 -8.49 5.43 -26.71
CA SER F 147 -7.35 4.61 -26.75
C SER F 147 -6.05 5.34 -26.40
N ALA F 148 -5.21 4.63 -25.68
CA ALA F 148 -3.85 5.04 -25.37
C ALA F 148 -2.86 4.21 -26.18
N ILE F 149 -3.38 3.41 -27.09
CA ILE F 149 -2.60 2.55 -27.94
C ILE F 149 -2.60 3.09 -29.36
N SER F 150 -3.79 3.25 -29.90
CA SER F 150 -4.06 3.85 -31.17
C SER F 150 -4.21 5.30 -30.75
N PHE F 151 -3.09 5.98 -30.74
CA PHE F 151 -2.95 7.22 -30.10
C PHE F 151 -1.71 8.00 -30.44
N SER F 152 -1.83 9.31 -30.40
CA SER F 152 -0.69 10.20 -30.57
C SER F 152 -0.80 11.37 -29.58
N THR F 153 0.31 12.04 -29.38
CA THR F 153 0.34 13.18 -28.47
C THR F 153 1.44 14.16 -28.90
N SER F 154 1.24 15.44 -28.60
CA SER F 154 2.26 16.43 -28.89
C SER F 154 2.32 17.46 -27.77
N VAL F 155 3.44 18.19 -27.76
CA VAL F 155 3.66 19.35 -26.94
C VAL F 155 3.98 20.57 -27.80
N ASP F 156 3.29 21.67 -27.49
CA ASP F 156 3.46 22.94 -28.16
C ASP F 156 3.64 24.06 -27.14
N LYS F 157 4.30 25.14 -27.54
CA LYS F 157 4.50 26.36 -26.73
C LYS F 157 3.64 27.49 -27.34
N GLU F 158 2.78 28.09 -26.53
CA GLU F 158 2.02 29.30 -26.90
C GLU F 158 2.53 30.41 -26.01
N THR F 159 2.62 31.59 -26.56
CA THR F 159 2.96 32.75 -25.79
C THR F 159 1.78 33.67 -26.05
N ASP F 160 1.06 34.09 -25.03
CA ASP F 160 -0.07 34.96 -25.23
C ASP F 160 0.26 36.44 -25.52
N LYS F 161 -0.75 37.29 -25.55
CA LYS F 161 -0.52 38.72 -25.76
C LYS F 161 0.04 39.42 -24.54
N ASP F 162 -0.04 38.84 -23.35
CA ASP F 162 0.56 39.45 -22.18
C ASP F 162 2.00 38.95 -21.95
N GLY F 163 2.48 38.13 -22.87
CA GLY F 163 3.81 37.57 -22.82
C GLY F 163 3.96 36.38 -21.94
N ASN F 164 2.88 35.72 -21.58
CA ASN F 164 2.98 34.56 -20.73
C ASN F 164 3.09 33.27 -21.52
N ASN F 165 3.93 32.38 -21.05
CA ASN F 165 4.08 31.10 -21.74
C ASN F 165 3.20 30.06 -21.14
N TRP F 166 2.66 29.24 -22.05
CA TRP F 166 1.73 28.17 -21.77
C TRP F 166 2.24 26.95 -22.49
N ALA F 167 2.21 25.83 -21.78
CA ALA F 167 2.40 24.54 -22.38
C ALA F 167 1.06 23.96 -22.81
N VAL F 168 1.01 23.40 -24.01
CA VAL F 168 -0.18 22.81 -24.58
C VAL F 168 0.15 21.36 -24.94
N ILE F 169 -0.50 20.44 -24.23
CA ILE F 169 -0.39 19.03 -24.49
C ILE F 169 -1.67 18.52 -25.12
N THR F 170 -1.53 17.85 -26.27
CA THR F 170 -2.68 17.34 -26.96
C THR F 170 -2.62 15.84 -26.89
N LEU F 171 -3.73 15.21 -26.54
CA LEU F 171 -3.88 13.77 -26.54
C LEU F 171 -4.88 13.45 -27.61
N ARG F 172 -4.55 12.55 -28.56
CA ARG F 172 -5.44 12.21 -29.63
C ARG F 172 -5.52 10.73 -29.69
N GLY F 173 -6.65 10.21 -29.23
CA GLY F 173 -6.89 8.81 -29.19
C GLY F 173 -8.15 8.33 -29.87
N LYS F 174 -8.05 7.22 -30.54
CA LYS F 174 -9.15 6.64 -31.23
C LYS F 174 -10.28 6.21 -30.30
N TRP F 175 -11.49 6.57 -30.64
CA TRP F 175 -12.61 6.19 -29.83
C TRP F 175 -13.00 4.74 -30.05
N LEU F 176 -13.02 3.98 -28.99
CA LEU F 176 -13.41 2.61 -29.03
C LEU F 176 -14.61 2.27 -28.18
N PRO F 177 -15.70 1.91 -28.80
CA PRO F 177 -16.89 1.53 -28.07
C PRO F 177 -16.80 0.11 -27.54
N TYR F 178 -17.49 -0.17 -26.47
CA TYR F 178 -17.54 -1.50 -25.96
C TYR F 178 -18.36 -2.34 -26.91
N SER F 179 -17.97 -3.57 -27.15
CA SER F 179 -18.72 -4.48 -27.97
C SER F 179 -20.01 -4.90 -27.30
N ARG F 180 -20.95 -5.36 -28.08
CA ARG F 180 -22.15 -5.96 -27.54
C ARG F 180 -21.96 -7.44 -27.85
N PHE F 181 -22.06 -8.30 -26.86
CA PHE F 181 -21.89 -9.73 -27.08
C PHE F 181 -22.84 -10.59 -26.25
N ALA G 22 -29.70 11.92 -26.63
CA ALA G 22 -30.59 11.04 -25.83
C ALA G 22 -29.84 10.50 -24.59
N ASP G 23 -28.60 9.99 -24.77
CA ASP G 23 -27.88 9.28 -23.65
C ASP G 23 -26.90 10.13 -22.77
N ILE G 24 -27.32 10.42 -21.56
CA ILE G 24 -26.71 11.48 -20.80
C ILE G 24 -25.94 10.94 -19.59
N ALA G 25 -24.96 11.71 -19.11
CA ALA G 25 -24.21 11.32 -17.89
C ALA G 25 -25.03 11.53 -16.61
N THR G 26 -24.95 10.51 -15.73
CA THR G 26 -25.64 10.46 -14.47
C THR G 26 -24.71 9.99 -13.35
N LEU G 27 -25.19 10.11 -12.12
CA LEU G 27 -24.45 9.71 -10.95
C LEU G 27 -25.32 8.83 -10.08
N ASP G 28 -24.79 7.68 -9.68
CA ASP G 28 -25.39 6.86 -8.64
C ASP G 28 -24.40 6.86 -7.49
N VAL G 29 -24.76 7.58 -6.42
CA VAL G 29 -23.88 7.70 -5.25
C VAL G 29 -23.72 6.40 -4.45
N THR G 30 -24.55 5.36 -4.70
CA THR G 30 -24.37 4.03 -4.09
C THR G 30 -23.02 3.47 -4.53
N GLN G 31 -22.58 3.80 -5.75
CA GLN G 31 -21.29 3.29 -6.24
C GLN G 31 -20.19 4.31 -6.20
N HIS G 32 -20.51 5.55 -5.89
CA HIS G 32 -19.53 6.59 -6.00
C HIS G 32 -19.54 7.44 -4.75
N PRO G 33 -18.76 7.04 -3.73
CA PRO G 33 -18.74 7.75 -2.41
C PRO G 33 -17.81 8.96 -2.38
N TYR G 34 -17.98 9.75 -1.33
CA TYR G 34 -17.10 10.87 -0.99
C TYR G 34 -17.15 12.07 -1.88
N LEU G 35 -18.23 12.18 -2.66
CA LEU G 35 -18.53 13.41 -3.37
C LEU G 35 -19.30 14.32 -2.47
N PRO G 36 -19.19 15.65 -2.65
CA PRO G 36 -20.01 16.59 -1.88
C PRO G 36 -21.47 16.21 -1.98
N ALA G 37 -22.27 16.57 -1.00
CA ALA G 37 -23.72 16.35 -1.12
C ALA G 37 -24.31 17.02 -2.39
N TYR G 38 -23.79 18.18 -2.81
CA TYR G 38 -24.36 18.86 -3.98
C TYR G 38 -24.20 18.11 -5.31
N SER G 39 -23.23 17.18 -5.40
CA SER G 39 -23.04 16.37 -6.59
C SER G 39 -24.32 15.60 -6.81
N LYS G 40 -24.85 15.02 -5.73
CA LYS G 40 -26.06 14.25 -5.84
C LYS G 40 -27.23 15.14 -6.30
N THR G 41 -27.38 16.25 -5.64
CA THR G 41 -28.42 17.21 -5.95
C THR G 41 -28.35 17.68 -7.41
N LEU G 42 -27.15 18.05 -7.91
CA LEU G 42 -27.00 18.60 -9.24
C LEU G 42 -27.29 17.50 -10.26
N PHE G 43 -26.68 16.34 -10.02
CA PHE G 43 -26.86 15.20 -10.93
C PHE G 43 -28.28 14.68 -10.93
N GLU G 44 -29.02 14.78 -9.85
CA GLU G 44 -30.40 14.31 -9.91
C GLU G 44 -31.28 15.25 -10.73
N ALA G 45 -31.03 16.54 -10.60
CA ALA G 45 -31.80 17.48 -11.41
C ALA G 45 -31.34 17.37 -12.89
N LYS G 46 -30.04 17.09 -13.13
CA LYS G 46 -29.60 16.88 -14.51
C LYS G 46 -30.36 15.74 -15.15
N ALA G 47 -30.49 14.64 -14.41
CA ALA G 47 -31.20 13.45 -14.91
C ALA G 47 -32.71 13.66 -15.15
N ALA G 48 -33.37 14.33 -14.25
CA ALA G 48 -34.76 14.61 -14.36
C ALA G 48 -35.08 15.43 -15.59
N LYS G 49 -34.25 16.38 -15.88
CA LYS G 49 -34.42 17.26 -16.99
C LYS G 49 -33.73 16.78 -18.24
N LYS G 50 -33.10 15.63 -18.20
CA LYS G 50 -32.38 15.07 -19.33
C LYS G 50 -31.45 16.01 -20.08
N LEU G 51 -30.69 16.75 -19.33
CA LEU G 51 -29.77 17.74 -19.83
C LEU G 51 -28.41 17.11 -20.04
N THR G 52 -27.70 17.61 -21.04
CA THR G 52 -26.34 17.25 -21.30
C THR G 52 -25.46 18.28 -20.63
N PHE G 53 -24.20 17.90 -20.43
CA PHE G 53 -23.22 18.85 -20.02
C PHE G 53 -22.97 19.97 -20.99
N GLU G 54 -23.05 19.72 -22.27
CA GLU G 54 -23.09 20.80 -23.32
C GLU G 54 -24.12 21.89 -23.02
N GLU G 55 -25.35 21.48 -22.76
CA GLU G 55 -26.36 22.44 -22.52
C GLU G 55 -26.10 23.19 -21.22
N ILE G 56 -25.64 22.48 -20.18
CA ILE G 56 -25.50 23.15 -18.90
C ILE G 56 -24.34 24.08 -19.02
N ALA G 57 -23.27 23.66 -19.68
CA ALA G 57 -22.12 24.51 -19.86
C ALA G 57 -22.47 25.86 -20.55
N LYS G 58 -23.30 25.78 -21.57
CA LYS G 58 -23.70 26.96 -22.32
C LYS G 58 -24.47 27.94 -21.44
N LYS G 59 -25.22 27.43 -20.47
CA LYS G 59 -25.97 28.21 -19.55
C LYS G 59 -25.13 28.89 -18.50
N ILE G 60 -24.08 28.23 -18.01
CA ILE G 60 -23.29 28.81 -16.96
C ILE G 60 -22.04 29.51 -17.45
N GLY G 61 -21.68 29.37 -18.71
CA GLY G 61 -20.53 30.05 -19.25
C GLY G 61 -19.19 29.46 -18.93
N ARG G 62 -19.19 28.19 -18.61
CA ARG G 62 -17.98 27.45 -18.37
C ARG G 62 -17.97 26.30 -19.34
N ASN G 63 -16.80 25.90 -19.77
CA ASN G 63 -16.69 24.77 -20.67
C ASN G 63 -17.24 23.41 -20.15
N GLU G 64 -17.61 22.55 -21.07
CA GLU G 64 -18.17 21.24 -20.76
C GLU G 64 -17.40 20.46 -19.72
N VAL G 65 -16.11 20.30 -19.91
CA VAL G 65 -15.27 19.61 -18.98
C VAL G 65 -15.27 20.27 -17.59
N ALA G 66 -15.10 21.57 -17.55
CA ALA G 66 -15.11 22.33 -16.30
C ALA G 66 -16.48 22.17 -15.61
N THR G 67 -17.54 22.13 -16.40
CA THR G 67 -18.91 22.03 -15.85
C THR G 67 -19.08 20.67 -15.22
N ALA G 68 -18.65 19.65 -15.95
CA ALA G 68 -18.75 18.29 -15.44
C ALA G 68 -17.88 18.18 -14.19
N ALA G 69 -16.65 18.72 -14.23
CA ALA G 69 -15.78 18.75 -13.04
C ALA G 69 -16.49 19.36 -11.82
N LEU G 70 -17.18 20.46 -12.05
CA LEU G 70 -17.91 21.14 -10.95
C LEU G 70 -18.93 20.18 -10.33
N PHE G 71 -19.63 19.45 -11.17
CA PHE G 71 -20.63 18.50 -10.73
C PHE G 71 -20.04 17.38 -9.90
N TYR G 72 -18.80 16.99 -10.15
CA TYR G 72 -18.11 15.93 -9.37
C TYR G 72 -17.38 16.49 -8.18
N GLY G 73 -17.62 17.76 -7.83
CA GLY G 73 -17.09 18.30 -6.62
C GLY G 73 -15.72 18.92 -6.82
N GLN G 74 -15.26 19.04 -8.07
CA GLN G 74 -13.89 19.43 -8.34
C GLN G 74 -13.65 20.88 -8.80
N ALA G 75 -14.61 21.74 -8.57
CA ALA G 75 -14.52 23.14 -8.95
C ALA G 75 -15.46 23.94 -8.01
N LYS G 76 -15.32 25.25 -8.03
CA LYS G 76 -16.09 26.12 -7.16
C LYS G 76 -17.08 26.91 -7.99
N ALA G 77 -18.33 26.86 -7.60
CA ALA G 77 -19.35 27.65 -8.30
C ALA G 77 -19.24 29.11 -7.89
N SER G 78 -19.17 30.01 -8.84
CA SER G 78 -19.29 31.45 -8.57
C SER G 78 -20.74 31.78 -8.18
N PRO G 79 -20.96 32.96 -7.63
CA PRO G 79 -22.36 33.38 -7.37
C PRO G 79 -23.25 33.32 -8.63
N GLU G 80 -22.74 33.75 -9.78
CA GLU G 80 -23.46 33.57 -11.07
C GLU G 80 -23.74 32.08 -11.41
N ASP G 81 -22.76 31.24 -11.23
CA ASP G 81 -22.93 29.80 -11.44
C ASP G 81 -24.08 29.24 -10.67
N ILE G 82 -24.20 29.65 -9.42
CA ILE G 82 -25.22 29.15 -8.51
C ILE G 82 -26.58 29.55 -9.03
N LYS G 83 -26.71 30.80 -9.47
CA LYS G 83 -28.01 31.32 -9.99
C LYS G 83 -28.39 30.65 -11.28
N ASN G 84 -27.42 30.54 -12.17
CA ASN G 84 -27.61 29.85 -13.44
C ASN G 84 -27.86 28.34 -13.30
N LEU G 85 -27.12 27.63 -12.44
CA LEU G 85 -27.45 26.22 -12.17
C LEU G 85 -28.86 26.07 -11.59
N SER G 86 -29.23 26.92 -10.67
CA SER G 86 -30.59 26.91 -10.10
C SER G 86 -31.68 27.00 -11.20
N SER G 87 -31.48 27.96 -12.08
CA SER G 87 -32.36 28.22 -13.16
C SER G 87 -32.47 27.06 -14.09
N VAL G 88 -31.37 26.63 -14.67
CA VAL G 88 -31.38 25.55 -15.61
C VAL G 88 -31.74 24.21 -14.99
N LEU G 89 -31.43 23.99 -13.73
CA LEU G 89 -31.70 22.72 -13.11
C LEU G 89 -33.00 22.61 -12.34
N GLY G 90 -33.65 23.72 -12.11
CA GLY G 90 -34.90 23.71 -11.33
C GLY G 90 -34.66 23.43 -9.83
N ILE G 91 -33.49 23.81 -9.31
CA ILE G 91 -33.16 23.65 -7.86
C ILE G 91 -33.34 25.03 -7.24
N PRO G 92 -34.06 25.17 -6.15
CA PRO G 92 -34.17 26.48 -5.51
C PRO G 92 -32.81 27.00 -5.12
N VAL G 93 -32.51 28.25 -5.39
CA VAL G 93 -31.23 28.85 -5.09
C VAL G 93 -30.70 28.70 -3.68
N ALA G 94 -31.55 28.83 -2.69
CA ALA G 94 -31.13 28.70 -1.33
C ALA G 94 -30.49 27.34 -1.07
N VAL G 95 -30.99 26.30 -1.70
CA VAL G 95 -30.41 24.95 -1.57
C VAL G 95 -28.98 24.86 -2.16
N LEU G 96 -28.71 25.46 -3.31
CA LEU G 96 -27.34 25.46 -3.86
C LEU G 96 -26.43 26.31 -3.06
N GLU G 97 -26.94 27.43 -2.59
CA GLU G 97 -26.20 28.36 -1.76
C GLU G 97 -25.64 27.69 -0.52
N SER G 98 -26.45 26.88 0.13
CA SER G 98 -26.00 26.22 1.28
C SER G 98 -25.07 25.05 0.93
N GLN G 99 -25.47 24.21 -0.01
CA GLN G 99 -24.69 23.05 -0.41
C GLN G 99 -23.38 23.30 -1.13
N MET G 100 -23.22 24.42 -1.77
CA MET G 100 -22.10 24.75 -2.57
C MET G 100 -21.28 25.90 -2.01
N SER G 101 -21.54 26.24 -0.77
CA SER G 101 -20.72 27.23 -0.05
C SER G 101 -19.32 26.67 0.11
N GLY G 102 -18.42 27.55 0.47
CA GLY G 102 -17.09 27.17 0.87
C GLY G 102 -16.25 26.87 -0.35
N PHE G 103 -15.20 26.07 -0.13
CA PHE G 103 -14.13 25.86 -1.11
C PHE G 103 -14.08 24.40 -1.44
N PRO G 104 -13.82 24.06 -2.71
CA PRO G 104 -13.83 22.66 -3.07
C PRO G 104 -12.72 21.94 -2.32
N ASP G 105 -12.94 20.66 -2.02
CA ASP G 105 -11.92 19.82 -1.48
C ASP G 105 -11.60 18.72 -2.51
N ARG G 106 -10.81 19.10 -3.50
CA ARG G 106 -10.61 18.28 -4.68
C ARG G 106 -9.75 17.08 -4.38
N GLY G 107 -9.93 16.04 -5.20
CA GLY G 107 -9.05 14.91 -5.22
C GLY G 107 -9.68 13.60 -4.78
N ARG G 108 -10.90 13.61 -4.28
CA ARG G 108 -11.57 12.42 -3.77
C ARG G 108 -12.39 11.62 -4.81
N SER G 109 -12.66 12.16 -6.00
CA SER G 109 -13.58 11.47 -6.96
C SER G 109 -13.00 10.24 -7.63
N VAL G 110 -11.68 10.21 -7.83
CA VAL G 110 -11.02 9.08 -8.47
C VAL G 110 -10.16 8.40 -7.44
N GLU G 111 -10.47 7.15 -7.13
CA GLU G 111 -9.59 6.39 -6.25
C GLU G 111 -8.41 5.83 -7.07
N MET G 112 -7.20 6.22 -6.73
CA MET G 112 -5.99 5.83 -7.41
C MET G 112 -5.46 4.43 -7.03
N PRO G 113 -4.93 3.68 -7.97
CA PRO G 113 -5.06 3.89 -9.41
C PRO G 113 -6.47 3.71 -9.92
N PRO G 114 -6.84 4.46 -10.92
CA PRO G 114 -8.18 4.41 -11.45
C PRO G 114 -8.61 3.05 -11.98
N LYS G 115 -9.77 2.65 -11.55
CA LYS G 115 -10.35 1.42 -11.95
C LYS G 115 -11.17 1.55 -13.25
N GLU G 116 -11.88 2.64 -13.41
CA GLU G 116 -12.66 2.88 -14.60
C GLU G 116 -11.76 2.91 -15.85
N PRO G 117 -11.99 2.03 -16.78
CA PRO G 117 -11.15 1.90 -17.97
C PRO G 117 -10.78 3.15 -18.75
N LEU G 118 -11.73 4.01 -18.98
CA LEU G 118 -11.48 5.24 -19.72
C LEU G 118 -10.53 6.10 -18.97
N ILE G 119 -10.79 6.25 -17.67
CA ILE G 119 -9.93 7.05 -16.84
C ILE G 119 -8.55 6.40 -16.72
N TYR G 120 -8.51 5.05 -16.61
CA TYR G 120 -7.21 4.36 -16.50
C TYR G 120 -6.33 4.65 -17.73
N ARG G 121 -6.92 4.70 -18.90
CA ARG G 121 -6.19 5.04 -20.09
C ARG G 121 -5.42 6.40 -19.95
N LEU G 122 -5.99 7.38 -19.27
CA LEU G 122 -5.31 8.66 -19.13
C LEU G 122 -4.12 8.53 -18.19
N TYR G 123 -4.32 7.74 -17.16
CA TYR G 123 -3.31 7.41 -16.16
C TYR G 123 -2.20 6.63 -16.85
N GLU G 124 -2.54 5.71 -17.74
CA GLU G 124 -1.55 4.96 -18.51
C GLU G 124 -0.68 5.91 -19.41
N ILE G 125 -1.32 6.90 -19.98
CA ILE G 125 -0.62 7.90 -20.74
C ILE G 125 0.40 8.61 -19.87
N VAL G 126 0.01 9.05 -18.67
CA VAL G 126 0.92 9.70 -17.77
C VAL G 126 2.08 8.77 -17.46
N GLN G 127 1.72 7.54 -17.16
CA GLN G 127 2.71 6.52 -16.84
C GLN G 127 3.69 6.29 -17.95
N ASN G 128 3.23 6.21 -19.19
CA ASN G 128 4.12 5.86 -20.31
C ASN G 128 4.76 7.09 -20.98
N TYR G 129 4.15 8.25 -20.87
CA TYR G 129 4.74 9.42 -21.46
C TYR G 129 5.30 10.45 -20.47
N GLY G 130 5.13 10.25 -19.16
CA GLY G 130 5.53 11.23 -18.17
C GLY G 130 6.91 11.84 -18.37
N TYR G 131 7.92 10.98 -18.46
CA TYR G 131 9.29 11.41 -18.62
C TYR G 131 9.59 11.99 -20.00
N ALA G 132 8.93 11.46 -21.03
CA ALA G 132 9.01 12.01 -22.37
C ALA G 132 8.46 13.44 -22.39
N TYR G 133 7.28 13.64 -21.79
CA TYR G 133 6.74 14.94 -21.65
C TYR G 133 7.70 15.87 -20.88
N LYS G 134 8.24 15.40 -19.74
CA LYS G 134 9.14 16.19 -18.93
C LYS G 134 10.34 16.62 -19.78
N ALA G 135 10.90 15.66 -20.54
CA ALA G 135 12.09 15.96 -21.34
C ALA G 135 11.83 17.03 -22.41
N VAL G 136 10.69 16.93 -23.09
CA VAL G 136 10.32 17.84 -24.14
C VAL G 136 9.99 19.20 -23.57
N LEU G 137 9.27 19.21 -22.47
CA LEU G 137 8.91 20.47 -21.87
C LEU G 137 10.18 21.13 -21.25
N ASN G 138 11.07 20.34 -20.66
CA ASN G 138 12.34 20.89 -20.13
C ASN G 138 13.17 21.55 -21.25
N GLU G 139 13.25 20.92 -22.44
CA GLU G 139 14.01 21.47 -23.56
C GLU G 139 13.37 22.70 -24.18
N LYS G 140 12.06 22.78 -24.23
CA LYS G 140 11.37 23.99 -24.69
C LYS G 140 11.26 25.10 -23.65
N PHE G 141 11.08 24.77 -22.36
CA PHE G 141 10.82 25.82 -21.35
C PHE G 141 11.87 25.97 -20.21
N GLY G 142 12.74 24.98 -20.03
CA GLY G 142 13.68 24.96 -18.88
C GLY G 142 13.07 24.17 -17.71
N ASP G 143 13.57 24.50 -16.53
CA ASP G 143 13.24 23.83 -15.30
C ASP G 143 11.99 24.47 -14.73
N GLY G 144 10.95 23.67 -14.56
CA GLY G 144 9.69 24.15 -14.09
C GLY G 144 8.59 23.13 -14.25
N ILE G 145 7.35 23.61 -14.26
CA ILE G 145 6.22 22.76 -14.48
C ILE G 145 5.20 23.41 -15.40
N MET G 146 4.33 22.57 -15.97
CA MET G 146 3.04 23.00 -16.51
C MET G 146 2.01 22.98 -15.37
N SER G 147 1.38 24.13 -15.11
CA SER G 147 0.47 24.26 -14.00
C SER G 147 -0.80 23.49 -14.31
N ALA G 148 -1.36 22.90 -13.25
CA ALA G 148 -2.67 22.28 -13.27
C ALA G 148 -3.70 23.15 -12.59
N ILE G 149 -3.30 24.35 -12.20
CA ILE G 149 -4.15 25.32 -11.50
C ILE G 149 -4.54 26.50 -12.41
N SER G 150 -3.55 27.13 -12.99
CA SER G 150 -3.67 28.15 -13.98
C SER G 150 -3.61 27.27 -15.21
N PHE G 151 -4.79 26.83 -15.61
CA PHE G 151 -4.96 25.76 -16.52
C PHE G 151 -6.38 25.61 -17.09
N SER G 152 -6.45 25.19 -18.33
CA SER G 152 -7.70 24.88 -18.97
C SER G 152 -7.58 23.59 -19.77
N THR G 153 -8.71 23.02 -20.12
CA THR G 153 -8.77 21.80 -20.84
C THR G 153 -10.08 21.63 -21.57
N SER G 154 -10.07 20.86 -22.62
CA SER G 154 -11.26 20.64 -23.42
C SER G 154 -11.18 19.30 -24.13
N VAL G 155 -12.32 18.88 -24.59
CA VAL G 155 -12.50 17.68 -25.32
C VAL G 155 -13.14 17.99 -26.67
N ASP G 156 -12.55 17.50 -27.71
CA ASP G 156 -13.08 17.65 -29.03
C ASP G 156 -13.22 16.31 -29.72
N LYS G 157 -14.02 16.28 -30.74
CA LYS G 157 -14.21 15.09 -31.50
C LYS G 157 -13.71 15.28 -32.89
N GLU G 158 -12.98 14.33 -33.39
CA GLU G 158 -12.49 14.39 -34.75
C GLU G 158 -12.92 13.17 -35.49
N THR G 159 -13.47 13.37 -36.66
CA THR G 159 -13.87 12.30 -37.56
C THR G 159 -12.95 12.43 -38.75
N ASP G 160 -12.08 11.46 -38.98
CA ASP G 160 -11.07 11.52 -40.06
C ASP G 160 -11.64 11.08 -41.45
N LYS G 161 -10.82 11.22 -42.48
CA LYS G 161 -11.17 10.89 -43.87
C LYS G 161 -11.76 9.52 -43.99
N ASP G 162 -11.23 8.59 -43.21
CA ASP G 162 -11.74 7.24 -43.20
C ASP G 162 -13.05 7.05 -42.45
N GLY G 163 -13.52 8.06 -41.73
CA GLY G 163 -14.72 7.94 -40.94
C GLY G 163 -14.46 7.48 -39.51
N ASN G 164 -13.22 7.22 -39.16
CA ASN G 164 -12.88 6.83 -37.79
C ASN G 164 -13.04 8.04 -36.88
N ASN G 165 -13.60 7.82 -35.70
CA ASN G 165 -13.74 8.84 -34.68
C ASN G 165 -12.56 8.88 -33.68
N TRP G 166 -12.03 10.08 -33.41
CA TRP G 166 -10.97 10.27 -32.43
C TRP G 166 -11.39 11.28 -31.38
N ALA G 167 -11.01 11.03 -30.13
CA ALA G 167 -11.17 12.02 -29.05
C ALA G 167 -9.90 12.76 -28.97
N VAL G 168 -10.00 14.09 -28.81
CA VAL G 168 -8.83 14.96 -28.70
C VAL G 168 -8.96 15.74 -27.37
N ILE G 169 -8.02 15.51 -26.46
CA ILE G 169 -8.07 16.21 -25.17
C ILE G 169 -6.91 17.18 -25.16
N THR G 170 -7.20 18.42 -24.94
CA THR G 170 -6.22 19.45 -24.90
C THR G 170 -5.96 19.92 -23.48
N LEU G 171 -4.71 19.90 -23.07
CA LEU G 171 -4.25 20.40 -21.80
C LEU G 171 -3.46 21.71 -21.99
N ARG G 172 -3.92 22.79 -21.42
CA ARG G 172 -3.30 24.08 -21.54
C ARG G 172 -3.01 24.69 -20.18
N GLY G 173 -1.76 24.58 -19.77
CA GLY G 173 -1.30 25.08 -18.52
C GLY G 173 -0.16 26.06 -18.57
N LYS G 174 -0.21 27.03 -17.70
CA LYS G 174 0.80 28.04 -17.61
C LYS G 174 2.18 27.48 -17.25
N TRP G 175 3.23 27.93 -17.91
CA TRP G 175 4.58 27.45 -17.59
C TRP G 175 5.03 28.18 -16.33
N LEU G 176 5.37 27.45 -15.27
CA LEU G 176 6.03 28.01 -14.09
C LEU G 176 7.50 27.54 -13.91
N PRO G 177 8.47 28.43 -14.11
CA PRO G 177 9.86 28.13 -13.77
C PRO G 177 10.08 28.00 -12.29
N TYR G 178 11.05 27.19 -11.89
CA TYR G 178 11.42 27.21 -10.46
C TYR G 178 12.08 28.55 -10.20
N SER G 179 11.80 29.14 -9.06
CA SER G 179 12.54 30.33 -8.58
C SER G 179 14.00 30.03 -8.36
N ARG G 180 14.78 31.07 -8.29
CA ARG G 180 16.12 30.94 -7.83
C ARG G 180 16.16 31.70 -6.50
N PHE G 181 16.55 31.05 -5.41
CA PHE G 181 16.80 31.70 -4.07
C PHE G 181 18.04 31.00 -3.38
N ASP H 23 -10.26 17.09 33.63
CA ASP H 23 -10.20 16.67 32.18
C ASP H 23 -9.90 15.19 31.89
N ILE H 24 -10.93 14.45 31.56
CA ILE H 24 -10.90 13.00 31.47
C ILE H 24 -10.99 12.56 30.02
N ALA H 25 -10.56 11.36 29.76
CA ALA H 25 -10.64 10.79 28.42
C ALA H 25 -12.05 10.42 28.06
N THR H 26 -12.46 10.78 26.84
CA THR H 26 -13.80 10.45 26.33
C THR H 26 -13.65 9.87 24.93
N LEU H 27 -14.75 9.39 24.35
CA LEU H 27 -14.77 8.83 23.01
C LEU H 27 -15.83 9.51 22.17
N ASP H 28 -15.47 9.80 20.94
CA ASP H 28 -16.41 10.19 19.93
C ASP H 28 -16.30 9.20 18.76
N VAL H 29 -17.26 8.29 18.65
CA VAL H 29 -17.24 7.27 17.62
C VAL H 29 -17.37 7.82 16.22
N THR H 30 -17.69 9.09 16.07
CA THR H 30 -17.77 9.69 14.75
C THR H 30 -16.41 9.70 14.12
N GLN H 31 -15.38 9.90 14.92
CA GLN H 31 -14.03 9.94 14.41
C GLN H 31 -13.27 8.63 14.61
N HIS H 32 -13.84 7.66 15.31
CA HIS H 32 -13.13 6.44 15.73
C HIS H 32 -13.99 5.20 15.42
N PRO H 33 -13.94 4.71 14.18
CA PRO H 33 -14.82 3.61 13.76
C PRO H 33 -14.20 2.27 14.19
N TYR H 34 -15.00 1.23 14.08
CA TYR H 34 -14.63 -0.16 14.25
C TYR H 34 -14.31 -0.59 15.66
N LEU H 35 -14.71 0.22 16.65
CA LEU H 35 -14.72 -0.23 18.06
C LEU H 35 -16.01 -1.07 18.37
N PRO H 36 -15.98 -1.97 19.36
CA PRO H 36 -17.21 -2.68 19.64
C PRO H 36 -18.28 -1.68 20.08
N ALA H 37 -19.55 -2.05 19.96
CA ALA H 37 -20.67 -1.23 20.41
C ALA H 37 -20.48 -0.85 21.87
N TYR H 38 -19.93 -1.77 22.66
CA TYR H 38 -19.74 -1.47 24.08
C TYR H 38 -18.76 -0.35 24.44
N SER H 39 -17.81 -0.06 23.57
CA SER H 39 -16.92 1.05 23.77
C SER H 39 -17.73 2.33 23.91
N LYS H 40 -18.72 2.53 23.08
CA LYS H 40 -19.53 3.72 23.15
C LYS H 40 -20.30 3.76 24.45
N THR H 41 -20.87 2.62 24.81
CA THR H 41 -21.68 2.49 26.01
C THR H 41 -20.84 2.77 27.27
N LEU H 42 -19.64 2.18 27.35
CA LEU H 42 -18.80 2.39 28.53
C LEU H 42 -18.33 3.82 28.56
N PHE H 43 -17.87 4.36 27.44
CA PHE H 43 -17.27 5.72 27.44
C PHE H 43 -18.30 6.82 27.76
N GLU H 44 -19.50 6.67 27.23
CA GLU H 44 -20.57 7.64 27.51
C GLU H 44 -20.99 7.70 28.96
N ALA H 45 -21.04 6.55 29.60
CA ALA H 45 -21.27 6.45 31.02
C ALA H 45 -20.10 7.11 31.75
N LYS H 46 -18.85 6.81 31.33
CA LYS H 46 -17.68 7.46 31.92
C LYS H 46 -17.75 8.99 31.85
N ALA H 47 -18.15 9.53 30.71
CA ALA H 47 -18.22 10.99 30.54
C ALA H 47 -19.35 11.53 31.39
N ALA H 48 -20.47 10.81 31.46
CA ALA H 48 -21.63 11.33 32.23
C ALA H 48 -21.29 11.39 33.70
N LYS H 49 -20.58 10.37 34.22
CA LYS H 49 -20.13 10.42 35.61
C LYS H 49 -18.81 11.15 35.87
N LYS H 50 -18.14 11.69 34.85
CA LYS H 50 -16.83 12.34 35.03
C LYS H 50 -15.82 11.45 35.77
N LEU H 51 -15.85 10.17 35.46
CA LEU H 51 -14.87 9.23 36.02
C LEU H 51 -13.56 9.21 35.27
N THR H 52 -12.47 9.06 35.99
CA THR H 52 -11.17 8.90 35.39
C THR H 52 -10.94 7.37 35.27
N PHE H 53 -10.00 7.00 34.42
CA PHE H 53 -9.65 5.62 34.39
C PHE H 53 -9.07 5.18 35.73
N GLU H 54 -8.40 6.07 36.44
CA GLU H 54 -7.82 5.66 37.72
C GLU H 54 -8.90 5.13 38.64
N GLU H 55 -10.00 5.89 38.75
CA GLU H 55 -11.12 5.49 39.58
C GLU H 55 -11.77 4.19 39.10
N ILE H 56 -12.01 4.07 37.79
CA ILE H 56 -12.70 2.90 37.26
C ILE H 56 -11.81 1.68 37.47
N ALA H 57 -10.52 1.84 37.21
CA ALA H 57 -9.54 0.76 37.45
C ALA H 57 -9.54 0.23 38.88
N LYS H 58 -9.46 1.15 39.84
CA LYS H 58 -9.49 0.77 41.25
C LYS H 58 -10.80 0.01 41.60
N LYS H 59 -11.93 0.39 41.02
CA LYS H 59 -13.17 -0.33 41.28
C LYS H 59 -13.12 -1.75 40.74
N ILE H 60 -12.56 -1.97 39.56
CA ILE H 60 -12.52 -3.31 38.98
C ILE H 60 -11.31 -4.17 39.34
N GLY H 61 -10.32 -3.61 39.99
CA GLY H 61 -9.18 -4.42 40.31
C GLY H 61 -8.27 -4.80 39.16
N ARG H 62 -8.13 -3.90 38.20
CA ARG H 62 -7.21 -4.01 37.09
C ARG H 62 -6.45 -2.68 36.98
N ASN H 63 -5.33 -2.68 36.29
CA ASN H 63 -4.59 -1.44 36.12
C ASN H 63 -5.24 -0.46 35.16
N GLU H 64 -4.87 0.79 35.26
CA GLU H 64 -5.39 1.83 34.41
C GLU H 64 -5.27 1.56 32.91
N VAL H 65 -4.11 1.10 32.50
CA VAL H 65 -3.88 0.78 31.11
C VAL H 65 -4.80 -0.36 30.66
N ALA H 66 -4.79 -1.48 31.37
CA ALA H 66 -5.71 -2.58 31.09
C ALA H 66 -7.15 -2.12 31.05
N THR H 67 -7.52 -1.24 31.97
CA THR H 67 -8.90 -0.80 32.06
C THR H 67 -9.22 0.03 30.82
N ALA H 68 -8.36 0.97 30.48
CA ALA H 68 -8.56 1.74 29.24
C ALA H 68 -8.50 0.83 28.00
N ALA H 69 -7.65 -0.22 28.00
CA ALA H 69 -7.64 -1.12 26.88
C ALA H 69 -9.01 -1.79 26.72
N LEU H 70 -9.57 -2.25 27.84
CA LEU H 70 -10.90 -2.80 27.87
C LEU H 70 -11.96 -1.88 27.22
N PHE H 71 -11.90 -0.58 27.50
CA PHE H 71 -12.88 0.39 26.95
C PHE H 71 -12.73 0.51 25.43
N TYR H 72 -11.50 0.24 24.91
CA TYR H 72 -11.29 0.35 23.49
C TYR H 72 -11.45 -0.95 22.77
N GLY H 73 -11.95 -1.97 23.45
CA GLY H 73 -12.22 -3.26 22.85
C GLY H 73 -11.03 -4.24 22.83
N GLN H 74 -10.00 -3.98 23.63
CA GLN H 74 -8.68 -4.63 23.49
C GLN H 74 -8.38 -5.51 24.63
N ALA H 75 -9.39 -5.85 25.41
CA ALA H 75 -9.28 -6.75 26.55
C ALA H 75 -10.67 -7.37 26.81
N LYS H 76 -10.69 -8.38 27.65
CA LYS H 76 -11.92 -9.13 27.93
C LYS H 76 -12.37 -8.89 29.37
N ALA H 77 -13.65 -8.52 29.56
CA ALA H 77 -14.15 -8.37 30.93
C ALA H 77 -14.51 -9.76 31.49
N SER H 78 -14.04 -10.02 32.68
CA SER H 78 -14.44 -11.18 33.49
C SER H 78 -15.86 -10.94 34.00
N PRO H 79 -16.48 -11.99 34.57
CA PRO H 79 -17.81 -11.73 35.20
C PRO H 79 -17.78 -10.70 36.34
N GLU H 80 -16.72 -10.67 37.14
CA GLU H 80 -16.64 -9.67 38.22
C GLU H 80 -16.46 -8.27 37.62
N ASP H 81 -15.74 -8.20 36.50
CA ASP H 81 -15.49 -6.92 35.85
C ASP H 81 -16.80 -6.31 35.43
N ILE H 82 -17.65 -7.16 34.84
CA ILE H 82 -18.96 -6.73 34.35
C ILE H 82 -19.87 -6.15 35.47
N LYS H 83 -19.91 -6.82 36.62
CA LYS H 83 -20.69 -6.37 37.77
C LYS H 83 -20.11 -5.11 38.33
N ASN H 84 -18.78 -5.07 38.41
CA ASN H 84 -18.14 -3.86 38.90
C ASN H 84 -18.27 -2.67 37.95
N LEU H 85 -18.21 -2.92 36.63
CA LEU H 85 -18.31 -1.82 35.67
C LEU H 85 -19.72 -1.26 35.73
N SER H 86 -20.68 -2.16 35.68
CA SER H 86 -22.12 -1.84 35.78
C SER H 86 -22.44 -0.89 36.98
N SER H 87 -21.97 -1.30 38.15
CA SER H 87 -22.07 -0.51 39.37
C SER H 87 -21.41 0.88 39.34
N VAL H 88 -20.10 0.97 39.11
CA VAL H 88 -19.44 2.27 39.12
C VAL H 88 -19.89 3.15 37.96
N LEU H 89 -20.33 2.55 36.85
CA LEU H 89 -20.72 3.35 35.64
C LEU H 89 -22.23 3.65 35.54
N GLY H 90 -23.05 2.89 36.27
CA GLY H 90 -24.52 3.05 36.26
C GLY H 90 -25.15 2.41 35.04
N ILE H 91 -24.66 1.26 34.63
CA ILE H 91 -25.22 0.60 33.44
C ILE H 91 -25.81 -0.74 33.88
N PRO H 92 -27.04 -1.05 33.44
CA PRO H 92 -27.59 -2.33 33.87
C PRO H 92 -26.66 -3.47 33.50
N VAL H 93 -26.34 -4.28 34.50
CA VAL H 93 -25.55 -5.47 34.30
C VAL H 93 -25.92 -6.22 33.01
N ALA H 94 -27.22 -6.35 32.71
CA ALA H 94 -27.71 -7.10 31.54
C ALA H 94 -27.29 -6.49 30.21
N VAL H 95 -27.25 -5.15 30.13
CA VAL H 95 -26.79 -4.51 28.91
C VAL H 95 -25.29 -4.88 28.69
N LEU H 96 -24.47 -4.75 29.74
CA LEU H 96 -23.05 -5.06 29.61
C LEU H 96 -22.82 -6.52 29.31
N GLU H 97 -23.63 -7.41 29.89
CA GLU H 97 -23.49 -8.85 29.61
C GLU H 97 -23.66 -9.19 28.14
N SER H 98 -24.64 -8.60 27.45
CA SER H 98 -24.84 -8.95 26.03
C SER H 98 -23.80 -8.28 25.07
N GLN H 99 -23.50 -7.02 25.32
CA GLN H 99 -22.56 -6.26 24.49
C GLN H 99 -21.08 -6.70 24.66
N MET H 100 -20.69 -7.06 25.87
CA MET H 100 -19.33 -7.53 26.21
C MET H 100 -19.08 -9.07 26.25
N SER H 101 -20.04 -9.83 25.75
CA SER H 101 -19.95 -11.30 25.61
C SER H 101 -18.88 -11.66 24.58
N GLY H 102 -18.50 -12.92 24.52
CA GLY H 102 -17.49 -13.39 23.57
C GLY H 102 -16.11 -12.90 23.88
N PHE H 103 -15.30 -12.91 22.85
CA PHE H 103 -13.88 -12.73 22.99
C PHE H 103 -13.52 -11.48 22.22
N PRO H 104 -12.58 -10.67 22.75
CA PRO H 104 -12.12 -9.51 22.03
C PRO H 104 -11.55 -9.90 20.66
N ASP H 105 -11.72 -9.00 19.71
CA ASP H 105 -11.18 -9.06 18.39
C ASP H 105 -10.24 -7.88 18.29
N ARG H 106 -9.12 -8.05 18.94
CA ARG H 106 -8.13 -7.00 19.15
C ARG H 106 -7.51 -6.52 17.85
N GLY H 107 -7.10 -5.28 17.89
CA GLY H 107 -6.19 -4.78 16.87
C GLY H 107 -6.77 -3.76 15.92
N ARG H 108 -8.04 -3.41 16.10
CA ARG H 108 -8.67 -2.50 15.16
C ARG H 108 -8.63 -1.04 15.57
N SER H 109 -8.24 -0.75 16.80
CA SER H 109 -8.44 0.61 17.34
C SER H 109 -7.40 1.57 16.76
N VAL H 110 -6.26 1.03 16.31
CA VAL H 110 -5.15 1.86 15.80
C VAL H 110 -4.95 1.58 14.31
N GLU H 111 -5.24 2.54 13.45
CA GLU H 111 -4.88 2.36 12.02
C GLU H 111 -3.35 2.59 11.82
N MET H 112 -2.63 1.64 11.25
CA MET H 112 -1.18 1.64 11.20
C MET H 112 -0.81 2.14 9.82
N PRO H 113 0.17 3.00 9.71
CA PRO H 113 0.89 3.59 10.84
C PRO H 113 0.06 4.61 11.60
N PRO H 114 0.29 4.73 12.90
CA PRO H 114 -0.48 5.65 13.70
C PRO H 114 -0.38 7.12 13.28
N LYS H 115 -1.52 7.75 13.14
CA LYS H 115 -1.60 9.14 12.80
C LYS H 115 -1.61 10.06 14.05
N GLU H 116 -2.19 9.62 15.14
CA GLU H 116 -2.20 10.37 16.36
C GLU H 116 -0.75 10.51 16.88
N PRO H 117 -0.29 11.72 17.01
CA PRO H 117 1.09 12.01 17.41
C PRO H 117 1.69 11.26 18.61
N LEU H 118 0.94 11.11 19.70
CA LEU H 118 1.38 10.43 20.92
C LEU H 118 1.66 8.95 20.62
N ILE H 119 0.72 8.33 19.96
CA ILE H 119 0.85 6.94 19.56
C ILE H 119 1.94 6.79 18.50
N TYR H 120 2.07 7.79 17.60
CA TYR H 120 3.14 7.73 16.61
C TYR H 120 4.51 7.62 17.29
N ARG H 121 4.78 8.43 18.31
CA ARG H 121 6.06 8.35 18.99
C ARG H 121 6.40 6.93 19.46
N LEU H 122 5.41 6.17 19.92
CA LEU H 122 5.63 4.81 20.36
C LEU H 122 6.00 3.94 19.21
N TYR H 123 5.36 4.14 18.07
CA TYR H 123 5.71 3.46 16.81
C TYR H 123 7.11 3.83 16.34
N GLU H 124 7.48 5.08 16.51
CA GLU H 124 8.81 5.57 16.15
C GLU H 124 9.93 4.93 17.04
N ILE H 125 9.64 4.73 18.30
CA ILE H 125 10.53 3.97 19.19
C ILE H 125 10.72 2.53 18.71
N VAL H 126 9.66 1.87 18.32
CA VAL H 126 9.80 0.52 17.78
C VAL H 126 10.68 0.52 16.53
N GLN H 127 10.48 1.49 15.70
CA GLN H 127 11.22 1.61 14.47
C GLN H 127 12.69 1.87 14.73
N ASN H 128 13.00 2.81 15.64
CA ASN H 128 14.37 3.24 15.85
C ASN H 128 15.16 2.37 16.86
N TYR H 129 14.45 1.64 17.71
CA TYR H 129 15.08 0.78 18.71
C TYR H 129 14.82 -0.72 18.51
N GLY H 130 14.03 -1.11 17.50
CA GLY H 130 13.59 -2.47 17.29
C GLY H 130 14.74 -3.46 17.26
N TYR H 131 15.73 -3.21 16.43
CA TYR H 131 16.85 -4.11 16.29
C TYR H 131 17.74 -3.99 17.49
N ALA H 132 17.79 -2.83 18.12
CA ALA H 132 18.57 -2.70 19.36
C ALA H 132 18.00 -3.56 20.46
N TYR H 133 16.69 -3.47 20.66
CA TYR H 133 16.04 -4.30 21.64
C TYR H 133 16.28 -5.76 21.34
N LYS H 134 16.11 -6.12 20.08
CA LYS H 134 16.28 -7.50 19.69
C LYS H 134 17.72 -8.00 20.02
N ALA H 135 18.73 -7.21 19.67
CA ALA H 135 20.12 -7.55 19.99
C ALA H 135 20.37 -7.77 21.48
N VAL H 136 19.91 -6.82 22.27
CA VAL H 136 20.13 -6.88 23.71
C VAL H 136 19.32 -8.03 24.31
N LEU H 137 18.07 -8.20 23.86
CA LEU H 137 17.27 -9.33 24.32
C LEU H 137 17.90 -10.64 23.92
N ASN H 138 18.42 -10.74 22.70
CA ASN H 138 19.06 -11.98 22.23
C ASN H 138 20.27 -12.33 23.07
N GLU H 139 21.07 -11.32 23.45
CA GLU H 139 22.29 -11.58 24.23
C GLU H 139 21.96 -11.89 25.68
N LYS H 140 20.86 -11.36 26.21
CA LYS H 140 20.48 -11.71 27.56
C LYS H 140 19.69 -12.97 27.70
N PHE H 141 18.87 -13.33 26.70
CA PHE H 141 17.98 -14.52 26.82
C PHE H 141 18.17 -15.62 25.78
N GLY H 142 18.84 -15.32 24.66
CA GLY H 142 18.89 -16.22 23.56
C GLY H 142 17.85 -15.92 22.48
N ASP H 143 17.63 -16.92 21.67
CA ASP H 143 16.71 -16.85 20.58
C ASP H 143 15.32 -17.05 21.09
N GLY H 144 14.50 -16.01 20.90
CA GLY H 144 13.14 -16.01 21.36
C GLY H 144 12.42 -14.70 21.19
N ILE H 145 11.31 -14.52 21.92
CA ILE H 145 10.59 -13.25 21.91
C ILE H 145 10.21 -12.87 23.33
N MET H 146 9.94 -11.60 23.52
CA MET H 146 9.17 -11.20 24.69
C MET H 146 7.70 -11.32 24.29
N SER H 147 6.91 -12.09 25.04
CA SER H 147 5.50 -12.24 24.77
C SER H 147 4.73 -10.92 24.98
N ALA H 148 3.75 -10.68 24.09
CA ALA H 148 2.75 -9.64 24.21
C ALA H 148 1.43 -10.15 24.71
N ILE H 149 1.37 -11.43 25.03
CA ILE H 149 0.17 -12.08 25.51
C ILE H 149 0.29 -12.37 27.00
N SER H 150 1.36 -13.01 27.39
CA SER H 150 1.70 -13.29 28.73
C SER H 150 2.54 -12.05 29.02
N PHE H 151 1.85 -11.03 29.47
CA PHE H 151 2.36 -9.69 29.50
C PHE H 151 1.53 -8.67 30.26
N SER H 152 2.18 -7.69 30.83
CA SER H 152 1.47 -6.60 31.45
C SER H 152 2.27 -5.38 31.13
N THR H 153 1.65 -4.25 31.32
CA THR H 153 2.26 -3.00 31.05
C THR H 153 1.69 -1.93 31.99
N SER H 154 2.48 -0.92 32.31
CA SER H 154 1.96 0.19 33.10
C SER H 154 2.45 1.55 32.58
N VAL H 155 1.81 2.60 33.07
CA VAL H 155 2.17 3.97 32.83
C VAL H 155 2.39 4.68 34.17
N ASP H 156 3.51 5.36 34.32
CA ASP H 156 3.84 6.14 35.47
C ASP H 156 4.27 7.55 35.13
N LYS H 157 4.07 8.45 36.06
CA LYS H 157 4.47 9.80 35.93
C LYS H 157 5.68 9.97 36.85
N GLU H 158 6.71 10.61 36.33
CA GLU H 158 7.92 10.90 37.07
C GLU H 158 8.35 12.36 36.94
N THR H 159 8.92 12.86 38.00
CA THR H 159 9.44 14.22 38.07
C THR H 159 10.92 14.18 38.44
N ASP H 160 11.74 14.95 37.75
CA ASP H 160 13.19 14.90 38.03
C ASP H 160 13.58 16.11 38.88
N LYS H 161 14.89 16.15 39.18
CA LYS H 161 15.54 17.17 40.07
C LYS H 161 15.22 18.59 39.63
N ASP H 162 15.19 18.79 38.33
CA ASP H 162 14.91 20.06 37.74
C ASP H 162 13.45 20.43 37.61
N GLY H 163 12.55 19.57 38.03
CA GLY H 163 11.15 19.82 37.88
C GLY H 163 10.51 19.36 36.58
N ASN H 164 11.24 18.67 35.73
CA ASN H 164 10.66 18.16 34.48
C ASN H 164 9.79 16.88 34.66
N ASN H 165 8.68 16.77 33.93
CA ASN H 165 7.85 15.60 33.98
C ASN H 165 8.18 14.59 32.87
N TRP H 166 8.17 13.33 33.20
CA TRP H 166 8.53 12.23 32.32
C TRP H 166 7.42 11.22 32.43
N ALA H 167 7.04 10.65 31.27
CA ALA H 167 6.12 9.53 31.21
C ALA H 167 6.95 8.24 31.18
N VAL H 168 6.60 7.24 31.99
CA VAL H 168 7.38 6.02 32.03
C VAL H 168 6.43 4.94 31.68
N ILE H 169 6.69 4.22 30.58
CA ILE H 169 5.91 3.10 30.16
C ILE H 169 6.80 1.90 30.36
N THR H 170 6.24 0.89 31.03
CA THR H 170 6.94 -0.35 31.35
C THR H 170 6.25 -1.45 30.58
N LEU H 171 7.03 -2.28 29.90
CA LEU H 171 6.56 -3.47 29.25
C LEU H 171 7.18 -4.61 29.94
N ARG H 172 6.37 -5.53 30.37
CA ARG H 172 6.83 -6.72 31.05
C ARG H 172 6.22 -7.96 30.46
N GLY H 173 6.98 -8.61 29.62
CA GLY H 173 6.57 -9.80 28.94
C GLY H 173 7.41 -11.03 29.22
N LYS H 174 6.78 -12.16 29.13
CA LYS H 174 7.42 -13.41 29.35
C LYS H 174 8.34 -13.78 28.21
N TRP H 175 9.52 -14.21 28.56
CA TRP H 175 10.46 -14.67 27.57
C TRP H 175 10.10 -16.04 27.08
N LEU H 176 9.91 -16.15 25.78
CA LEU H 176 9.60 -17.41 25.13
C LEU H 176 10.71 -17.83 24.17
N PRO H 177 11.42 -18.89 24.45
CA PRO H 177 12.40 -19.30 23.49
C PRO H 177 11.74 -20.08 22.36
N TYR H 178 12.38 -20.09 21.23
CA TYR H 178 11.94 -20.89 20.15
C TYR H 178 12.19 -22.34 20.55
N SER H 179 11.24 -23.19 20.26
CA SER H 179 11.39 -24.59 20.48
C SER H 179 12.43 -25.22 19.54
N ARG H 180 12.96 -26.35 19.96
CA ARG H 180 13.77 -27.11 19.07
C ARG H 180 12.91 -28.29 18.66
N PHE H 181 12.73 -28.40 17.39
CA PHE H 181 12.01 -29.49 16.83
C PHE H 181 12.73 -29.63 15.50
N ASP I 23 27.38 -16.55 22.90
CA ASP I 23 26.37 -16.37 21.83
C ASP I 23 25.88 -14.89 21.59
N ILE I 24 26.50 -14.20 20.65
CA ILE I 24 26.42 -12.77 20.55
C ILE I 24 25.65 -12.28 19.32
N ALA I 25 25.16 -11.03 19.36
CA ALA I 25 24.45 -10.47 18.24
C ALA I 25 25.45 -10.10 17.14
N THR I 26 25.14 -10.49 15.91
CA THR I 26 25.96 -10.21 14.75
C THR I 26 25.06 -9.60 13.65
N LEU I 27 25.64 -9.15 12.56
CA LEU I 27 24.87 -8.60 11.48
C LEU I 27 25.30 -9.27 10.21
N ASP I 28 24.36 -9.59 9.34
CA ASP I 28 24.64 -9.96 7.93
C ASP I 28 23.86 -9.03 6.98
N VAL I 29 24.57 -8.09 6.38
CA VAL I 29 24.00 -7.12 5.46
C VAL I 29 23.37 -7.68 4.18
N THR I 30 23.59 -8.95 3.87
CA THR I 30 22.93 -9.63 2.75
C THR I 30 21.42 -9.61 3.02
N GLN I 31 21.01 -9.86 4.25
CA GLN I 31 19.64 -9.83 4.61
C GLN I 31 19.17 -8.49 5.18
N HIS I 32 20.05 -7.54 5.40
CA HIS I 32 19.68 -6.31 6.11
C HIS I 32 20.21 -5.05 5.41
N PRO I 33 19.47 -4.57 4.42
CA PRO I 33 19.99 -3.52 3.57
C PRO I 33 19.74 -2.14 4.18
N TYR I 34 20.39 -1.13 3.63
CA TYR I 34 20.12 0.30 3.95
C TYR I 34 20.58 0.76 5.32
N LEU I 35 21.47 -0.03 5.95
CA LEU I 35 22.16 0.43 7.13
C LEU I 35 23.38 1.22 6.69
N PRO I 36 23.85 2.15 7.49
CA PRO I 36 25.09 2.79 7.12
C PRO I 36 26.28 1.84 6.95
N ALA I 37 27.27 2.27 6.17
CA ALA I 37 28.47 1.46 5.97
C ALA I 37 29.12 1.09 7.29
N TYR I 38 29.11 2.00 8.24
CA TYR I 38 29.74 1.71 9.53
C TYR I 38 29.07 0.57 10.34
N SER I 39 27.82 0.23 10.03
CA SER I 39 27.13 -0.83 10.75
C SER I 39 27.89 -2.08 10.52
N LYS I 40 28.26 -2.30 9.27
CA LYS I 40 29.03 -3.50 8.95
C LYS I 40 30.40 -3.49 9.64
N THR I 41 31.09 -2.38 9.56
CA THR I 41 32.37 -2.22 10.14
C THR I 41 32.34 -2.48 11.64
N LEU I 42 31.36 -1.92 12.35
CA LEU I 42 31.28 -2.13 13.77
C LEU I 42 30.91 -3.58 14.09
N PHE I 43 29.94 -4.15 13.42
CA PHE I 43 29.54 -5.49 13.80
C PHE I 43 30.55 -6.57 13.49
N GLU I 44 31.30 -6.39 12.42
CA GLU I 44 32.34 -7.36 12.02
C GLU I 44 33.41 -7.47 13.03
N ALA I 45 33.78 -6.33 13.60
CA ALA I 45 34.70 -6.25 14.71
C ALA I 45 34.13 -6.82 16.00
N LYS I 46 32.89 -6.48 16.32
CA LYS I 46 32.17 -7.11 17.45
C LYS I 46 32.20 -8.64 17.32
N ALA I 47 31.87 -9.16 16.13
CA ALA I 47 31.89 -10.58 15.88
C ALA I 47 33.29 -11.23 16.00
N ALA I 48 34.34 -10.54 15.53
CA ALA I 48 35.70 -11.14 15.50
C ALA I 48 36.23 -11.21 16.95
N LYS I 49 35.91 -10.19 17.78
CA LYS I 49 36.33 -10.18 19.19
C LYS I 49 35.33 -10.81 20.13
N LYS I 50 34.23 -11.35 19.59
CA LYS I 50 33.25 -12.04 20.44
C LYS I 50 32.70 -11.14 21.59
N LEU I 51 32.55 -9.85 21.34
CA LEU I 51 32.05 -8.92 22.35
C LEU I 51 30.50 -8.87 22.41
N THR I 52 29.97 -8.75 23.62
CA THR I 52 28.57 -8.49 23.84
C THR I 52 28.32 -6.99 23.79
N PHE I 53 27.07 -6.61 23.58
CA PHE I 53 26.74 -5.22 23.75
C PHE I 53 26.95 -4.70 25.17
N GLU I 54 26.77 -5.54 26.18
CA GLU I 54 27.03 -5.06 27.53
C GLU I 54 28.48 -4.57 27.71
N GLU I 55 29.44 -5.34 27.22
CA GLU I 55 30.86 -4.95 27.32
C GLU I 55 31.17 -3.68 26.55
N ILE I 56 30.63 -3.57 25.34
CA ILE I 56 30.91 -2.38 24.53
C ILE I 56 30.30 -1.18 25.18
N ALA I 57 29.06 -1.33 25.66
CA ALA I 57 28.37 -0.25 26.33
C ALA I 57 29.12 0.26 27.57
N LYS I 58 29.61 -0.66 28.38
CA LYS I 58 30.42 -0.32 29.53
C LYS I 58 31.67 0.45 29.10
N LYS I 59 32.29 0.01 28.01
CA LYS I 59 33.49 0.68 27.55
C LYS I 59 33.27 2.10 27.03
N ILE I 60 32.15 2.36 26.35
CA ILE I 60 31.92 3.68 25.83
C ILE I 60 31.04 4.54 26.74
N GLY I 61 30.61 4.04 27.86
CA GLY I 61 29.82 4.85 28.73
C GLY I 61 28.44 5.23 28.21
N ARG I 62 27.79 4.28 27.59
CA ARG I 62 26.45 4.46 27.11
C ARG I 62 25.66 3.24 27.45
N ASN I 63 24.39 3.40 27.51
CA ASN I 63 23.47 2.34 27.80
C ASN I 63 23.53 1.21 26.70
N GLU I 64 23.34 -0.02 27.11
CA GLU I 64 23.33 -1.16 26.21
C GLU I 64 22.43 -1.03 24.96
N VAL I 65 21.17 -0.72 25.18
CA VAL I 65 20.21 -0.43 24.10
C VAL I 65 20.67 0.68 23.22
N ALA I 66 21.19 1.75 23.80
CA ALA I 66 21.62 2.93 23.03
C ALA I 66 22.78 2.52 22.16
N THR I 67 23.63 1.67 22.72
CA THR I 67 24.81 1.17 22.03
C THR I 67 24.46 0.31 20.83
N ALA I 68 23.56 -0.64 21.03
CA ALA I 68 23.13 -1.45 19.94
C ALA I 68 22.43 -0.60 18.86
N ALA I 69 21.65 0.40 19.27
CA ALA I 69 20.98 1.29 18.30
C ALA I 69 22.02 2.03 17.45
N LEU I 70 23.07 2.50 18.10
CA LEU I 70 24.21 3.10 17.34
C LEU I 70 24.77 2.17 16.28
N PHE I 71 24.91 0.90 16.62
CA PHE I 71 25.43 -0.07 15.67
C PHE I 71 24.51 -0.25 14.46
N TYR I 72 23.19 -0.07 14.62
CA TYR I 72 22.24 -0.19 13.50
C TYR I 72 21.96 1.15 12.84
N GLY I 73 22.73 2.15 13.16
CA GLY I 73 22.70 3.39 12.44
C GLY I 73 21.71 4.39 13.02
N GLN I 74 21.20 4.14 14.25
CA GLN I 74 20.05 4.84 14.84
C GLN I 74 20.39 5.79 15.97
N ALA I 75 21.66 6.17 16.04
CA ALA I 75 22.17 7.07 17.09
C ALA I 75 23.49 7.69 16.57
N LYS I 76 23.91 8.80 17.19
CA LYS I 76 25.11 9.53 16.79
C LYS I 76 26.27 9.24 17.77
N ALA I 77 27.41 8.86 17.23
CA ALA I 77 28.59 8.58 18.06
C ALA I 77 29.21 9.96 18.34
N SER I 78 29.42 10.32 19.62
CA SER I 78 30.26 11.47 20.01
C SER I 78 31.74 11.23 19.62
N PRO I 79 32.56 12.30 19.61
CA PRO I 79 33.98 12.05 19.33
C PRO I 79 34.66 11.05 20.30
N GLU I 80 34.29 11.09 21.58
CA GLU I 80 34.76 10.06 22.54
C GLU I 80 34.27 8.68 22.20
N ASP I 81 33.02 8.54 21.73
CA ASP I 81 32.46 7.19 21.39
C ASP I 81 33.30 6.62 20.28
N ILE I 82 33.66 7.45 19.30
CA ILE I 82 34.38 7.00 18.09
C ILE I 82 35.76 6.44 18.53
N LYS I 83 36.39 7.12 19.45
CA LYS I 83 37.68 6.70 20.04
C LYS I 83 37.56 5.45 20.84
N ASN I 84 36.56 5.38 21.70
CA ASN I 84 36.41 4.19 22.52
C ASN I 84 35.99 2.99 21.68
N LEU I 85 35.12 3.18 20.71
CA LEU I 85 34.70 2.10 19.85
C LEU I 85 35.90 1.54 19.07
N SER I 86 36.68 2.43 18.54
CA SER I 86 37.85 2.08 17.80
C SER I 86 38.84 1.22 18.61
N SER I 87 39.02 1.59 19.85
CA SER I 87 39.88 0.89 20.74
C SER I 87 39.33 -0.46 21.21
N VAL I 88 38.11 -0.49 21.71
CA VAL I 88 37.57 -1.79 22.14
C VAL I 88 37.32 -2.74 20.96
N LEU I 89 37.06 -2.22 19.77
CA LEU I 89 36.73 -3.11 18.67
C LEU I 89 37.93 -3.45 17.82
N GLY I 90 39.01 -2.72 17.97
CA GLY I 90 40.18 -2.97 17.16
C GLY I 90 39.98 -2.46 15.72
N ILE I 91 39.48 -1.23 15.59
CA ILE I 91 39.26 -0.58 14.31
C ILE I 91 40.08 0.72 14.24
N PRO I 92 40.71 0.98 13.09
CA PRO I 92 41.45 2.20 12.95
C PRO I 92 40.52 3.37 13.14
N VAL I 93 40.88 4.24 14.05
CA VAL I 93 40.13 5.43 14.36
C VAL I 93 39.79 6.25 13.11
N ALA I 94 40.73 6.36 12.15
CA ALA I 94 40.46 7.16 10.97
C ALA I 94 39.35 6.53 10.12
N VAL I 95 39.23 5.19 10.14
CA VAL I 95 38.11 4.54 9.43
C VAL I 95 36.77 4.94 10.06
N LEU I 96 36.66 4.86 11.38
CA LEU I 96 35.43 5.22 12.04
C LEU I 96 35.15 6.69 11.93
N GLU I 97 36.16 7.54 12.06
CA GLU I 97 35.96 9.01 11.96
C GLU I 97 35.26 9.35 10.68
N SER I 98 35.71 8.73 9.60
CA SER I 98 35.14 9.05 8.30
C SER I 98 33.79 8.29 8.07
N GLN I 99 33.66 7.01 8.45
CA GLN I 99 32.38 6.37 8.21
C GLN I 99 31.31 6.88 9.16
N MET I 100 31.67 7.36 10.35
CA MET I 100 30.66 7.77 11.34
C MET I 100 30.44 9.32 11.40
N SER I 101 30.91 10.05 10.37
CA SER I 101 30.74 11.46 10.24
C SER I 101 29.25 11.77 10.00
N GLY I 102 28.91 13.00 10.20
CA GLY I 102 27.57 13.50 9.91
C GLY I 102 26.51 13.16 10.95
N PHE I 103 25.26 13.12 10.50
CA PHE I 103 24.13 12.95 11.39
C PHE I 103 23.40 11.69 10.99
N PRO I 104 22.85 10.95 11.96
CA PRO I 104 22.09 9.78 11.61
C PRO I 104 20.88 10.14 10.79
N ASP I 105 20.58 9.23 9.89
CA ASP I 105 19.41 9.21 9.08
C ASP I 105 18.52 8.03 9.56
N ARG I 106 17.91 8.25 10.72
CA ARG I 106 17.21 7.19 11.45
C ARG I 106 16.00 6.71 10.70
N GLY I 107 15.64 5.47 10.96
CA GLY I 107 14.37 4.91 10.59
C GLY I 107 14.34 3.90 9.47
N ARG I 108 15.45 3.57 8.85
CA ARG I 108 15.46 2.60 7.73
C ARG I 108 15.73 1.18 8.20
N SER I 109 16.07 0.91 9.45
CA SER I 109 16.53 -0.45 9.89
C SER I 109 15.39 -1.48 10.01
N VAL I 110 14.16 -1.01 10.17
CA VAL I 110 12.97 -1.84 10.31
C VAL I 110 11.96 -1.53 9.22
N GLU I 111 11.72 -2.48 8.33
CA GLU I 111 10.67 -2.32 7.35
C GLU I 111 9.33 -2.54 8.03
N MET I 112 8.41 -1.58 7.90
CA MET I 112 7.13 -1.65 8.59
C MET I 112 6.09 -2.23 7.67
N PRO I 113 5.22 -3.09 8.16
CA PRO I 113 5.17 -3.55 9.52
C PRO I 113 6.31 -4.53 9.83
N PRO I 114 6.79 -4.63 11.09
CA PRO I 114 7.95 -5.50 11.26
C PRO I 114 7.61 -6.94 10.94
N LYS I 115 8.55 -7.66 10.37
CA LYS I 115 8.33 -9.07 10.11
C LYS I 115 9.04 -9.96 11.15
N GLU I 116 10.10 -9.46 11.81
CA GLU I 116 10.82 -10.25 12.79
C GLU I 116 9.94 -10.39 14.04
N PRO I 117 9.66 -11.62 14.44
CA PRO I 117 8.69 -11.83 15.48
C PRO I 117 8.88 -11.04 16.76
N LEU I 118 10.09 -10.96 17.27
CA LEU I 118 10.28 -10.22 18.51
C LEU I 118 9.86 -8.75 18.33
N ILE I 119 10.34 -8.11 17.25
CA ILE I 119 10.02 -6.70 17.03
C ILE I 119 8.52 -6.49 16.75
N TYR I 120 7.93 -7.46 16.00
CA TYR I 120 6.53 -7.47 15.72
C TYR I 120 5.71 -7.40 17.04
N ARG I 121 6.15 -8.13 18.06
CA ARG I 121 5.40 -8.08 19.35
C ARG I 121 5.34 -6.65 19.92
N LEU I 122 6.39 -5.85 19.71
CA LEU I 122 6.43 -4.47 20.18
C LEU I 122 5.42 -3.54 19.44
N TYR I 123 5.35 -3.76 18.15
CA TYR I 123 4.39 -3.13 17.25
C TYR I 123 2.96 -3.53 17.61
N GLU I 124 2.75 -4.81 17.94
CA GLU I 124 1.43 -5.30 18.36
C GLU I 124 1.00 -4.67 19.68
N ILE I 125 1.94 -4.50 20.59
CA ILE I 125 1.70 -3.72 21.77
C ILE I 125 1.29 -2.31 21.46
N VAL I 126 1.96 -1.65 20.54
CA VAL I 126 1.54 -0.30 20.19
C VAL I 126 0.11 -0.33 19.56
N GLN I 127 -0.13 -1.35 18.78
CA GLN I 127 -1.40 -1.54 18.15
C GLN I 127 -2.51 -1.79 19.18
N ASN I 128 -2.29 -2.67 20.10
CA ASN I 128 -3.34 -3.02 20.99
C ASN I 128 -3.45 -2.04 22.20
N TYR I 129 -2.41 -1.32 22.58
CA TYR I 129 -2.51 -0.46 23.78
C TYR I 129 -2.40 1.01 23.46
N GLY I 130 -2.12 1.33 22.23
CA GLY I 130 -1.91 2.73 21.81
C GLY I 130 -2.97 3.69 22.35
N TYR I 131 -4.24 3.42 22.12
CA TYR I 131 -5.24 4.35 22.62
C TYR I 131 -5.35 4.31 24.16
N ALA I 132 -5.12 3.13 24.77
CA ALA I 132 -5.12 2.99 26.22
C ALA I 132 -4.02 3.84 26.85
N TYR I 133 -2.81 3.71 26.34
CA TYR I 133 -1.72 4.61 26.71
C TYR I 133 -2.14 6.06 26.54
N LYS I 134 -2.73 6.38 25.40
CA LYS I 134 -3.09 7.76 25.16
C LYS I 134 -4.08 8.25 26.22
N ALA I 135 -5.12 7.47 26.55
CA ALA I 135 -6.12 7.92 27.54
C ALA I 135 -5.46 8.17 28.90
N VAL I 136 -4.60 7.23 29.31
CA VAL I 136 -4.03 7.29 30.66
C VAL I 136 -3.03 8.41 30.73
N LEU I 137 -2.21 8.56 29.69
CA LEU I 137 -1.29 9.67 29.67
C LEU I 137 -2.03 10.99 29.62
N ASN I 138 -3.07 11.11 28.83
CA ASN I 138 -3.86 12.35 28.75
C ASN I 138 -4.44 12.72 30.17
N GLU I 139 -4.99 11.73 30.86
CA GLU I 139 -5.59 11.98 32.16
C GLU I 139 -4.53 12.32 33.22
N LYS I 140 -3.28 11.87 33.08
CA LYS I 140 -2.25 12.17 34.08
C LYS I 140 -1.47 13.44 33.73
N PHE I 141 -1.30 13.73 32.42
CA PHE I 141 -0.49 14.90 31.99
C PHE I 141 -1.22 15.98 31.19
N GLY I 142 -2.39 15.66 30.64
CA GLY I 142 -3.08 16.57 29.69
C GLY I 142 -2.78 16.23 28.22
N ASP I 143 -2.85 17.26 27.38
CA ASP I 143 -2.79 17.13 25.95
C ASP I 143 -1.34 17.32 25.62
N GLY I 144 -0.76 16.30 25.03
CA GLY I 144 0.63 16.38 24.59
C GLY I 144 1.12 15.01 24.16
N ILE I 145 2.44 14.80 24.20
CA ILE I 145 3.01 13.51 23.86
C ILE I 145 4.08 13.13 24.88
N MET I 146 4.46 11.86 24.87
CA MET I 146 5.74 11.42 25.44
C MET I 146 6.79 11.52 24.37
N SER I 147 7.85 12.29 24.59
CA SER I 147 8.92 12.41 23.61
C SER I 147 9.62 11.06 23.36
N ALA I 148 9.93 10.82 22.08
CA ALA I 148 10.83 9.75 21.64
C ALA I 148 12.23 10.32 21.33
N ILE I 149 12.44 11.62 21.64
CA ILE I 149 13.68 12.32 21.38
C ILE I 149 14.38 12.65 22.69
N SER I 150 13.74 13.42 23.60
CA SER I 150 14.18 13.44 25.00
C SER I 150 13.60 12.19 25.65
N PHE I 151 14.40 11.14 25.62
CA PHE I 151 13.93 9.79 25.77
C PHE I 151 15.10 8.89 26.15
N SER I 152 14.87 7.96 27.07
CA SER I 152 15.78 6.87 27.30
C SER I 152 15.00 5.57 27.43
N THR I 153 15.70 4.46 27.40
CA THR I 153 15.04 3.19 27.51
C THR I 153 16.05 2.19 27.95
N SER I 154 15.55 1.09 28.49
CA SER I 154 16.42 0.04 29.03
C SER I 154 15.70 -1.27 28.96
N VAL I 155 16.49 -2.32 29.04
CA VAL I 155 16.02 -3.69 29.03
C VAL I 155 16.60 -4.36 30.26
N ASP I 156 15.74 -5.07 31.00
CA ASP I 156 16.12 -5.77 32.20
C ASP I 156 15.53 -7.16 32.22
N LYS I 157 16.22 -8.06 32.92
CA LYS I 157 15.79 -9.46 33.04
C LYS I 157 15.28 -9.65 34.42
N GLU I 158 14.11 -10.25 34.55
CA GLU I 158 13.54 -10.56 35.85
C GLU I 158 13.32 -12.04 35.90
N THR I 159 13.61 -12.64 37.03
CA THR I 159 13.38 -14.05 37.20
C THR I 159 12.42 -14.16 38.34
N ASP I 160 11.24 -14.69 38.10
CA ASP I 160 10.27 -14.80 39.18
C ASP I 160 10.50 -15.92 40.18
N LYS I 161 9.62 -16.00 41.17
CA LYS I 161 9.66 -17.02 42.21
C LYS I 161 9.59 -18.44 41.63
N ASP I 162 8.81 -18.64 40.58
CA ASP I 162 8.73 -19.92 39.94
C ASP I 162 9.84 -20.18 38.94
N GLY I 163 10.80 -19.28 38.83
CA GLY I 163 11.93 -19.42 37.89
C GLY I 163 11.60 -19.24 36.41
N ASN I 164 10.47 -18.58 36.12
CA ASN I 164 10.22 -18.08 34.75
C ASN I 164 10.91 -16.73 34.54
N ASN I 165 11.54 -16.59 33.39
CA ASN I 165 12.13 -15.32 32.97
C ASN I 165 11.16 -14.35 32.25
N TRP I 166 11.28 -13.07 32.61
CA TRP I 166 10.53 -12.01 32.01
C TRP I 166 11.49 -10.95 31.51
N ALA I 167 11.18 -10.36 30.39
CA ALA I 167 11.89 -9.20 29.87
C ALA I 167 11.10 -7.97 30.23
N VAL I 168 11.78 -6.92 30.65
CA VAL I 168 11.13 -5.72 31.11
C VAL I 168 11.80 -4.62 30.32
N ILE I 169 11.01 -3.87 29.53
CA ILE I 169 11.49 -2.82 28.70
C ILE I 169 10.84 -1.59 29.27
N THR I 170 11.63 -0.59 29.54
CA THR I 170 11.15 0.64 30.11
C THR I 170 11.33 1.74 29.10
N LEU I 171 10.27 2.54 28.89
CA LEU I 171 10.34 3.68 27.97
C LEU I 171 10.21 4.87 28.85
N ARG I 172 11.16 5.76 28.79
CA ARG I 172 11.13 6.93 29.59
C ARG I 172 11.32 8.19 28.71
N GLY I 173 10.22 8.86 28.42
CA GLY I 173 10.20 10.06 27.64
C GLY I 173 9.59 11.31 28.27
N LYS I 174 10.17 12.44 27.93
CA LYS I 174 9.73 13.72 28.40
C LYS I 174 8.33 14.07 27.97
N TRP I 175 7.57 14.58 28.88
CA TRP I 175 6.22 14.98 28.59
C TRP I 175 6.25 16.33 27.91
N LEU I 176 5.68 16.43 26.73
CA LEU I 176 5.66 17.71 26.04
C LEU I 176 4.20 18.13 25.77
N PRO I 177 3.73 19.22 26.42
CA PRO I 177 2.37 19.60 26.16
C PRO I 177 2.31 20.29 24.83
N TYR I 178 1.14 20.31 24.23
CA TYR I 178 0.96 21.13 23.06
C TYR I 178 0.92 22.59 23.50
N SER I 179 1.52 23.43 22.72
CA SER I 179 1.54 24.85 22.90
C SER I 179 0.14 25.49 22.74
N ARG I 180 -0.02 26.70 23.21
CA ARG I 180 -1.21 27.46 22.95
C ARG I 180 -0.67 28.67 22.19
N PHE I 181 -1.18 28.88 20.98
CA PHE I 181 -0.76 29.97 20.12
C PHE I 181 -1.89 30.68 19.39
N ALA J 22 -16.32 37.64 2.92
CA ALA J 22 -17.69 37.20 2.47
C ALA J 22 -17.67 35.76 1.91
N ASP J 23 -16.55 35.36 1.29
CA ASP J 23 -16.41 33.93 0.91
C ASP J 23 -15.63 33.13 1.98
N ILE J 24 -16.39 32.40 2.76
CA ILE J 24 -15.95 31.85 4.00
C ILE J 24 -15.77 30.33 3.86
N ALA J 25 -14.82 29.77 4.61
CA ALA J 25 -14.64 28.33 4.65
C ALA J 25 -15.78 27.67 5.38
N THR J 26 -16.26 26.58 4.80
CA THR J 26 -17.31 25.78 5.32
C THR J 26 -16.89 24.32 5.20
N LEU J 27 -17.73 23.43 5.73
CA LEU J 27 -17.46 21.99 5.76
C LEU J 27 -18.69 21.21 5.39
N ASP J 28 -18.52 20.24 4.49
CA ASP J 28 -19.54 19.27 4.15
C ASP J 28 -19.00 17.88 4.57
N VAL J 29 -19.53 17.32 5.64
CA VAL J 29 -19.04 16.01 6.15
C VAL J 29 -19.39 14.82 5.29
N THR J 30 -20.31 14.95 4.35
CA THR J 30 -20.58 13.93 3.34
C THR J 30 -19.28 13.54 2.65
N GLN J 31 -18.38 14.51 2.38
CA GLN J 31 -17.14 14.27 1.66
C GLN J 31 -15.91 14.24 2.56
N HIS J 32 -16.07 14.49 3.83
CA HIS J 32 -14.94 14.62 4.74
C HIS J 32 -15.17 13.80 6.03
N PRO J 33 -14.83 12.50 6.01
CA PRO J 33 -15.24 11.62 7.10
C PRO J 33 -14.23 11.66 8.21
N TYR J 34 -14.63 11.05 9.31
CA TYR J 34 -13.80 10.78 10.46
C TYR J 34 -13.35 12.03 11.23
N LEU J 35 -14.03 13.16 11.02
CA LEU J 35 -13.88 14.33 11.90
C LEU J 35 -14.82 14.17 13.10
N PRO J 36 -14.51 14.81 14.22
CA PRO J 36 -15.43 14.71 15.31
C PRO J 36 -16.80 15.36 15.01
N ALA J 37 -17.80 14.98 15.78
CA ALA J 37 -19.15 15.47 15.61
C ALA J 37 -19.16 16.98 15.79
N TYR J 38 -18.31 17.51 16.67
CA TYR J 38 -18.26 18.93 16.90
C TYR J 38 -17.77 19.77 15.71
N SER J 39 -17.02 19.16 14.79
CA SER J 39 -16.57 19.89 13.64
C SER J 39 -17.76 20.35 12.85
N LYS J 40 -18.74 19.48 12.73
CA LYS J 40 -19.94 19.84 11.99
C LYS J 40 -20.75 20.90 12.74
N THR J 41 -20.89 20.71 14.05
CA THR J 41 -21.57 21.70 14.87
C THR J 41 -20.95 23.06 14.72
N LEU J 42 -19.65 23.14 14.87
CA LEU J 42 -18.99 24.43 14.79
C LEU J 42 -19.11 25.03 13.40
N PHE J 43 -18.82 24.23 12.37
CA PHE J 43 -18.79 24.76 11.01
C PHE J 43 -20.19 25.14 10.57
N GLU J 44 -21.21 24.43 11.00
CA GLU J 44 -22.58 24.82 10.60
C GLU J 44 -23.03 26.15 11.15
N ALA J 45 -22.73 26.39 12.42
CA ALA J 45 -22.87 27.71 13.02
C ALA J 45 -21.99 28.72 12.35
N LYS J 46 -20.74 28.36 12.02
CA LYS J 46 -19.85 29.33 11.35
C LYS J 46 -20.49 29.81 10.04
N ALA J 47 -21.03 28.86 9.27
CA ALA J 47 -21.72 29.17 8.01
C ALA J 47 -23.00 30.02 8.21
N ALA J 48 -23.79 29.69 9.25
CA ALA J 48 -25.03 30.41 9.54
C ALA J 48 -24.73 31.87 9.87
N LYS J 49 -23.66 32.15 10.58
CA LYS J 49 -23.33 33.52 10.92
C LYS J 49 -22.40 34.22 9.95
N LYS J 50 -22.04 33.60 8.84
CA LYS J 50 -21.07 34.16 7.88
C LYS J 50 -19.75 34.60 8.51
N LEU J 51 -19.28 33.87 9.51
CA LEU J 51 -18.03 34.23 10.15
C LEU J 51 -16.81 33.71 9.39
N THR J 52 -15.76 34.53 9.38
CA THR J 52 -14.45 34.18 8.95
C THR J 52 -13.69 33.59 10.14
N PHE J 53 -12.60 32.90 9.88
CA PHE J 53 -11.78 32.37 10.95
C PHE J 53 -11.03 33.50 11.63
N GLU J 54 -10.66 34.52 10.85
CA GLU J 54 -10.12 35.77 11.42
C GLU J 54 -10.96 36.31 12.57
N GLU J 55 -12.28 36.35 12.37
CA GLU J 55 -13.23 36.94 13.32
C GLU J 55 -13.39 36.02 14.49
N ILE J 56 -13.54 34.69 14.21
CA ILE J 56 -13.62 33.72 15.30
C ILE J 56 -12.33 33.71 16.13
N ALA J 57 -11.21 33.79 15.47
CA ALA J 57 -9.94 33.71 16.15
C ALA J 57 -9.69 34.91 17.10
N LYS J 58 -10.07 36.08 16.63
CA LYS J 58 -9.96 37.30 17.41
C LYS J 58 -10.86 37.20 18.68
N LYS J 59 -12.05 36.67 18.53
CA LYS J 59 -12.93 36.45 19.64
C LYS J 59 -12.40 35.46 20.68
N ILE J 60 -11.82 34.36 20.27
CA ILE J 60 -11.32 33.44 21.24
C ILE J 60 -9.88 33.71 21.71
N GLY J 61 -9.14 34.62 21.08
CA GLY J 61 -7.73 34.87 21.43
C GLY J 61 -6.70 33.78 21.10
N ARG J 62 -6.92 33.07 19.99
CA ARG J 62 -5.90 32.20 19.41
C ARG J 62 -5.69 32.67 18.02
N ASN J 63 -4.58 32.22 17.48
CA ASN J 63 -4.27 32.33 16.08
C ASN J 63 -5.35 31.73 15.16
N GLU J 64 -5.37 32.28 13.96
CA GLU J 64 -6.30 31.92 12.92
C GLU J 64 -6.10 30.46 12.48
N VAL J 65 -4.86 30.10 12.26
CA VAL J 65 -4.53 28.72 11.91
C VAL J 65 -4.96 27.75 13.00
N ALA J 66 -4.65 28.10 14.23
CA ALA J 66 -4.97 27.27 15.37
C ALA J 66 -6.45 27.12 15.50
N THR J 67 -7.15 28.23 15.29
CA THR J 67 -8.59 28.20 15.38
C THR J 67 -9.18 27.32 14.29
N ALA J 68 -8.67 27.45 13.07
CA ALA J 68 -9.15 26.53 12.03
C ALA J 68 -8.82 25.06 12.40
N ALA J 69 -7.61 24.82 12.93
CA ALA J 69 -7.20 23.46 13.30
C ALA J 69 -8.17 22.86 14.30
N LEU J 70 -8.60 23.68 15.25
CA LEU J 70 -9.61 23.25 16.21
C LEU J 70 -10.91 22.85 15.56
N PHE J 71 -11.33 23.59 14.56
CA PHE J 71 -12.58 23.23 13.88
C PHE J 71 -12.48 21.90 13.16
N TYR J 72 -11.27 21.53 12.76
CA TYR J 72 -11.02 20.25 12.08
C TYR J 72 -10.66 19.11 13.05
N GLY J 73 -10.79 19.38 14.35
CA GLY J 73 -10.60 18.37 15.35
C GLY J 73 -9.13 18.15 15.69
N GLN J 74 -8.30 19.12 15.36
CA GLN J 74 -6.88 18.99 15.42
C GLN J 74 -6.23 19.79 16.59
N ALA J 75 -7.06 20.27 17.50
CA ALA J 75 -6.62 20.99 18.69
C ALA J 75 -7.67 20.87 19.79
N LYS J 76 -7.27 21.29 20.97
CA LYS J 76 -8.12 21.21 22.14
C LYS J 76 -8.57 22.62 22.55
N ALA J 77 -9.86 22.76 22.76
CA ALA J 77 -10.42 24.00 23.25
C ALA J 77 -10.29 24.06 24.77
N SER J 78 -9.71 25.13 25.30
CA SER J 78 -9.73 25.47 26.73
C SER J 78 -11.13 25.76 27.19
N PRO J 79 -11.33 25.84 28.52
CA PRO J 79 -12.73 26.14 28.98
C PRO J 79 -13.21 27.52 28.57
N GLU J 80 -12.28 28.48 28.59
CA GLU J 80 -12.53 29.80 27.99
C GLU J 80 -12.84 29.72 26.48
N ASP J 81 -12.07 28.93 25.72
CA ASP J 81 -12.42 28.74 24.30
C ASP J 81 -13.87 28.29 24.08
N ILE J 82 -14.30 27.31 24.86
CA ILE J 82 -15.61 26.79 24.78
C ILE J 82 -16.65 27.89 25.06
N LYS J 83 -16.38 28.72 26.07
CA LYS J 83 -17.34 29.80 26.35
C LYS J 83 -17.37 30.83 25.21
N ASN J 84 -16.20 31.24 24.76
CA ASN J 84 -16.11 32.21 23.71
C ASN J 84 -16.66 31.70 22.41
N LEU J 85 -16.48 30.41 22.11
CA LEU J 85 -17.04 29.87 20.87
C LEU J 85 -18.52 29.85 20.99
N SER J 86 -19.04 29.43 22.13
CA SER J 86 -20.50 29.38 22.36
C SER J 86 -21.18 30.72 22.01
N SER J 87 -20.59 31.77 22.55
CA SER J 87 -21.07 33.14 22.39
C SER J 87 -20.98 33.63 20.94
N VAL J 88 -19.80 33.60 20.32
CA VAL J 88 -19.69 34.11 18.95
C VAL J 88 -20.44 33.25 17.93
N LEU J 89 -20.56 31.95 18.17
CA LEU J 89 -21.31 31.07 17.25
C LEU J 89 -22.76 30.86 17.56
N GLY J 90 -23.22 31.26 18.75
CA GLY J 90 -24.64 31.08 19.13
C GLY J 90 -24.99 29.62 19.33
N ILE J 91 -24.07 28.85 19.92
CA ILE J 91 -24.37 27.43 20.25
C ILE J 91 -24.41 27.34 21.76
N PRO J 92 -25.42 26.68 22.33
CA PRO J 92 -25.40 26.64 23.80
C PRO J 92 -24.14 25.97 24.33
N VAL J 93 -23.56 26.61 25.33
CA VAL J 93 -22.36 26.17 26.00
C VAL J 93 -22.41 24.67 26.39
N ALA J 94 -23.57 24.18 26.86
CA ALA J 94 -23.70 22.77 27.26
C ALA J 94 -23.44 21.78 26.10
N VAL J 95 -23.86 22.17 24.90
CA VAL J 95 -23.67 21.35 23.73
C VAL J 95 -22.18 21.28 23.43
N LEU J 96 -21.48 22.41 23.43
CA LEU J 96 -20.08 22.38 23.11
C LEU J 96 -19.30 21.62 24.17
N GLU J 97 -19.66 21.75 25.44
CA GLU J 97 -18.95 21.03 26.49
C GLU J 97 -19.03 19.54 26.33
N SER J 98 -20.18 19.03 25.92
CA SER J 98 -20.29 17.58 25.86
C SER J 98 -19.60 17.06 24.57
N GLN J 99 -19.66 17.86 23.48
CA GLN J 99 -19.07 17.45 22.20
C GLN J 99 -17.58 17.64 22.13
N MET J 100 -17.07 18.69 22.75
CA MET J 100 -15.65 19.05 22.75
C MET J 100 -14.88 18.53 23.98
N SER J 101 -15.43 17.57 24.69
CA SER J 101 -14.81 17.08 25.90
C SER J 101 -13.66 16.14 25.47
N GLY J 102 -12.78 15.87 26.40
CA GLY J 102 -11.71 14.91 26.20
C GLY J 102 -10.53 15.48 25.45
N PHE J 103 -9.81 14.60 24.76
CA PHE J 103 -8.58 14.98 24.14
C PHE J 103 -8.68 14.73 22.65
N PRO J 104 -8.10 15.64 21.84
CA PRO J 104 -8.14 15.43 20.41
C PRO J 104 -7.43 14.15 20.05
N ASP J 105 -7.88 13.57 18.95
CA ASP J 105 -7.31 12.37 18.38
C ASP J 105 -6.89 12.78 16.99
N ARG J 106 -5.77 13.49 16.96
CA ARG J 106 -5.28 14.24 15.80
C ARG J 106 -4.84 13.31 14.68
N GLY J 107 -4.93 13.78 13.46
CA GLY J 107 -4.31 13.12 12.32
C GLY J 107 -5.19 12.33 11.39
N ARG J 108 -6.50 12.36 11.57
CA ARG J 108 -7.43 11.71 10.68
C ARG J 108 -7.95 12.60 9.55
N SER J 109 -7.68 13.91 9.57
CA SER J 109 -8.38 14.85 8.63
C SER J 109 -7.83 14.82 7.21
N VAL J 110 -6.58 14.40 7.09
CA VAL J 110 -5.92 14.35 5.80
C VAL J 110 -5.56 12.91 5.45
N GLU J 111 -6.19 12.38 4.41
CA GLU J 111 -5.75 11.10 3.92
C GLU J 111 -4.40 11.24 3.16
N MET J 112 -3.39 10.49 3.59
CA MET J 112 -2.08 10.50 3.03
C MET J 112 -1.96 9.45 1.96
N PRO J 113 -1.35 9.79 0.84
CA PRO J 113 -0.86 11.14 0.49
C PRO J 113 -2.02 12.14 0.17
N PRO J 114 -1.85 13.43 0.46
CA PRO J 114 -2.94 14.39 0.21
C PRO J 114 -3.30 14.43 -1.27
N LYS J 115 -4.57 14.39 -1.55
CA LYS J 115 -5.10 14.57 -2.91
C LYS J 115 -5.50 16.01 -3.14
N GLU J 116 -5.82 16.76 -2.07
CA GLU J 116 -6.19 18.17 -2.22
C GLU J 116 -4.97 18.97 -2.68
N PRO J 117 -5.10 19.69 -3.79
CA PRO J 117 -3.93 20.28 -4.39
C PRO J 117 -3.10 21.22 -3.54
N LEU J 118 -3.77 22.09 -2.81
CA LEU J 118 -3.10 23.08 -1.93
C LEU J 118 -2.31 22.34 -0.86
N ILE J 119 -2.95 21.34 -0.25
CA ILE J 119 -2.33 20.52 0.80
C ILE J 119 -1.18 19.71 0.20
N TYR J 120 -1.42 19.09 -0.98
CA TYR J 120 -0.36 18.38 -1.75
C TYR J 120 0.92 19.22 -1.91
N ARG J 121 0.79 20.51 -2.25
CA ARG J 121 1.99 21.30 -2.42
C ARG J 121 2.82 21.34 -1.12
N LEU J 122 2.17 21.40 0.04
CA LEU J 122 2.89 21.43 1.29
C LEU J 122 3.61 20.07 1.48
N TYR J 123 2.94 19.02 1.06
CA TYR J 123 3.53 17.67 1.10
C TYR J 123 4.73 17.56 0.18
N GLU J 124 4.60 18.12 -1.01
CA GLU J 124 5.71 18.11 -1.97
C GLU J 124 6.92 18.94 -1.47
N ILE J 125 6.67 20.05 -0.75
CA ILE J 125 7.73 20.76 -0.09
C ILE J 125 8.51 19.86 0.91
N VAL J 126 7.81 19.09 1.74
CA VAL J 126 8.50 18.15 2.70
C VAL J 126 9.33 17.11 1.92
N GLN J 127 8.78 16.61 0.83
CA GLN J 127 9.41 15.64 -0.01
C GLN J 127 10.66 16.18 -0.67
N ASN J 128 10.54 17.36 -1.26
CA ASN J 128 11.66 17.93 -1.97
C ASN J 128 12.66 18.67 -1.14
N TYR J 129 12.26 19.17 0.01
CA TYR J 129 13.16 19.87 0.88
C TYR J 129 13.54 19.12 2.15
N GLY J 130 12.90 17.98 2.45
CA GLY J 130 13.09 17.33 3.73
C GLY J 130 14.56 17.16 4.13
N TYR J 131 15.35 16.52 3.27
CA TYR J 131 16.73 16.29 3.61
C TYR J 131 17.59 17.57 3.63
N ALA J 132 17.22 18.56 2.81
CA ALA J 132 17.80 19.92 2.88
C ALA J 132 17.55 20.59 4.24
N TYR J 133 16.32 20.55 4.70
CA TYR J 133 15.97 21.14 5.96
C TYR J 133 16.78 20.39 7.04
N LYS J 134 16.86 19.05 6.94
CA LYS J 134 17.57 18.29 7.95
C LYS J 134 19.03 18.68 8.02
N ALA J 135 19.68 18.78 6.86
CA ALA J 135 21.10 19.10 6.81
C ALA J 135 21.37 20.48 7.49
N VAL J 136 20.60 21.46 7.08
CA VAL J 136 20.79 22.80 7.51
C VAL J 136 20.46 22.94 8.98
N LEU J 137 19.36 22.33 9.41
CA LEU J 137 19.03 22.28 10.83
C LEU J 137 20.12 21.55 11.62
N ASN J 138 20.58 20.42 11.09
CA ASN J 138 21.61 19.64 11.78
C ASN J 138 22.90 20.52 12.00
N GLU J 139 23.24 21.35 11.01
CA GLU J 139 24.47 22.16 11.09
C GLU J 139 24.28 23.35 12.00
N LYS J 140 23.07 23.91 12.05
CA LYS J 140 22.76 24.97 12.98
C LYS J 140 22.56 24.51 14.40
N PHE J 141 21.85 23.40 14.62
CA PHE J 141 21.43 22.98 15.94
C PHE J 141 22.03 21.64 16.44
N GLY J 142 22.63 20.80 15.56
CA GLY J 142 23.07 19.45 15.99
C GLY J 142 21.99 18.36 15.78
N ASP J 143 22.19 17.20 16.39
CA ASP J 143 21.34 16.03 16.24
C ASP J 143 20.06 16.25 17.04
N GLY J 144 18.92 16.27 16.38
CA GLY J 144 17.66 16.62 17.09
C GLY J 144 16.51 16.76 16.12
N ILE J 145 15.42 17.31 16.62
CA ILE J 145 14.24 17.65 15.80
C ILE J 145 13.77 19.05 16.11
N MET J 146 12.98 19.59 15.17
CA MET J 146 12.13 20.75 15.40
C MET J 146 10.83 20.12 15.83
N SER J 147 10.35 20.51 17.00
CA SER J 147 9.10 19.96 17.51
C SER J 147 7.92 20.41 16.66
N ALA J 148 6.94 19.48 16.54
CA ALA J 148 5.60 19.78 16.03
C ALA J 148 4.51 19.90 17.11
N ILE J 149 4.94 19.82 18.36
CA ILE J 149 4.12 19.85 19.54
C ILE J 149 4.37 21.17 20.27
N SER J 150 5.60 21.43 20.62
CA SER J 150 6.01 22.72 21.16
C SER J 150 6.30 23.50 19.87
N PHE J 151 5.26 24.15 19.39
CA PHE J 151 5.19 24.65 18.06
C PHE J 151 4.09 25.65 17.76
N SER J 152 4.38 26.60 16.90
CA SER J 152 3.34 27.47 16.43
C SER J 152 3.53 27.69 14.95
N THR J 153 2.44 28.17 14.34
CA THR J 153 2.48 28.46 12.92
C THR J 153 1.60 29.62 12.52
N SER J 154 1.93 30.28 11.43
CA SER J 154 1.04 31.42 11.00
C SER J 154 1.00 31.50 9.51
N VAL J 155 -0.07 32.13 9.05
CA VAL J 155 -0.25 32.43 7.64
C VAL J 155 -0.35 33.93 7.48
N ASP J 156 0.46 34.50 6.59
CA ASP J 156 0.43 35.91 6.21
C ASP J 156 0.41 36.03 4.67
N LYS J 157 0.04 37.19 4.18
CA LYS J 157 -0.11 37.53 2.77
C LYS J 157 0.77 38.71 2.47
N GLU J 158 1.61 38.63 1.43
CA GLU J 158 2.40 39.78 0.91
C GLU J 158 1.94 39.98 -0.50
N THR J 159 1.99 41.24 -0.91
CA THR J 159 1.73 41.70 -2.24
C THR J 159 2.97 42.42 -2.73
N ASP J 160 3.59 41.91 -3.78
CA ASP J 160 4.89 42.45 -4.25
C ASP J 160 4.65 43.70 -5.16
N LYS J 161 5.72 44.31 -5.67
CA LYS J 161 5.61 45.51 -6.49
C LYS J 161 4.91 45.27 -7.81
N ASP J 162 4.83 44.04 -8.28
CA ASP J 162 4.11 43.77 -9.52
C ASP J 162 2.69 43.33 -9.27
N GLY J 163 2.20 43.56 -8.07
CA GLY J 163 0.86 43.21 -7.68
C GLY J 163 0.66 41.73 -7.51
N ASN J 164 1.72 40.95 -7.50
CA ASN J 164 1.54 39.49 -7.27
C ASN J 164 1.44 39.21 -5.78
N ASN J 165 0.51 38.30 -5.42
CA ASN J 165 0.33 37.90 -4.05
C ASN J 165 1.08 36.63 -3.72
N TRP J 166 1.54 36.57 -2.47
CA TRP J 166 2.32 35.45 -1.97
C TRP J 166 1.83 35.05 -0.63
N ALA J 167 1.72 33.75 -0.40
CA ALA J 167 1.41 33.21 0.90
C ALA J 167 2.73 32.90 1.61
N VAL J 168 2.82 33.29 2.88
CA VAL J 168 3.98 33.12 3.72
C VAL J 168 3.48 32.28 4.91
N ILE J 169 3.93 31.03 5.01
CA ILE J 169 3.61 30.15 6.14
C ILE J 169 4.88 30.04 6.99
N THR J 170 4.76 30.31 8.28
CA THR J 170 5.91 30.27 9.15
C THR J 170 5.65 29.11 10.12
N LEU J 171 6.63 28.22 10.24
CA LEU J 171 6.62 27.09 11.18
C LEU J 171 7.62 27.46 12.23
N ARG J 172 7.22 27.45 13.47
CA ARG J 172 8.10 27.75 14.55
C ARG J 172 8.04 26.67 15.63
N GLY J 173 9.07 25.87 15.65
CA GLY J 173 9.16 24.79 16.58
C GLY J 173 10.40 24.76 17.41
N LYS J 174 10.23 24.26 18.60
CA LYS J 174 11.27 24.13 19.54
C LYS J 174 12.28 23.04 19.16
N TRP J 175 13.54 23.38 19.23
CA TRP J 175 14.57 22.42 18.94
C TRP J 175 14.74 21.44 20.09
N LEU J 176 14.68 20.16 19.81
CA LEU J 176 14.93 19.14 20.83
C LEU J 176 16.10 18.29 20.40
N PRO J 177 17.19 18.30 21.18
CA PRO J 177 18.30 17.40 20.99
C PRO J 177 17.97 16.00 21.40
N TYR J 178 18.58 15.03 20.78
CA TYR J 178 18.43 13.70 21.26
C TYR J 178 19.21 13.62 22.56
N SER J 179 18.67 12.93 23.52
CA SER J 179 19.31 12.67 24.78
C SER J 179 20.52 11.76 24.65
N ARG J 180 21.36 11.80 25.65
CA ARG J 180 22.44 10.85 25.75
C ARG J 180 22.14 9.98 26.95
N PHE J 181 22.00 8.68 26.76
CA PHE J 181 21.72 7.75 27.84
C PHE J 181 22.54 6.44 27.87
#